data_4P20
# 
_entry.id   4P20 
# 
_audit_conform.dict_name       mmcif_pdbx.dic 
_audit_conform.dict_version    5.383 
_audit_conform.dict_location   http://mmcif.pdb.org/dictionaries/ascii/mmcif_pdbx.dic 
# 
loop_
_database_2.database_id 
_database_2.database_code 
_database_2.pdbx_database_accession 
_database_2.pdbx_DOI 
PDB   4P20         pdb_00004p20 10.2210/pdb4p20/pdb 
WWPDB D_1000200531 ?            ?                   
# 
loop_
_pdbx_audit_revision_history.ordinal 
_pdbx_audit_revision_history.data_content_type 
_pdbx_audit_revision_history.major_revision 
_pdbx_audit_revision_history.minor_revision 
_pdbx_audit_revision_history.revision_date 
1 'Structure model' 1 0 2014-05-07 
2 'Structure model' 1 1 2015-01-07 
3 'Structure model' 1 2 2017-11-22 
4 'Structure model' 1 3 2023-12-27 
# 
_pdbx_audit_revision_details.ordinal             1 
_pdbx_audit_revision_details.revision_ordinal    1 
_pdbx_audit_revision_details.data_content_type   'Structure model' 
_pdbx_audit_revision_details.provider            repository 
_pdbx_audit_revision_details.type                'Initial release' 
_pdbx_audit_revision_details.description         ? 
_pdbx_audit_revision_details.details             ? 
# 
loop_
_pdbx_audit_revision_group.ordinal 
_pdbx_audit_revision_group.revision_ordinal 
_pdbx_audit_revision_group.data_content_type 
_pdbx_audit_revision_group.group 
1  2 'Structure model' 'Database references'    
2  3 'Structure model' 'Database references'    
3  3 'Structure model' 'Derived calculations'   
4  3 'Structure model' Other                    
5  3 'Structure model' 'Refinement description' 
6  3 'Structure model' 'Source and taxonomy'    
7  3 'Structure model' 'Structure summary'      
8  4 'Structure model' 'Data collection'        
9  4 'Structure model' 'Database references'    
10 4 'Structure model' 'Derived calculations'   
11 4 'Structure model' 'Refinement description' 
12 4 'Structure model' 'Structure summary'      
# 
loop_
_pdbx_audit_revision_category.ordinal 
_pdbx_audit_revision_category.revision_ordinal 
_pdbx_audit_revision_category.data_content_type 
_pdbx_audit_revision_category.category 
1  3 'Structure model' citation              
2  3 'Structure model' pdbx_database_status  
3  3 'Structure model' pdbx_entity_src_syn   
4  3 'Structure model' pdbx_struct_assembly  
5  3 'Structure model' pdbx_struct_oper_list 
6  3 'Structure model' software              
7  3 'Structure model' struct_keywords       
8  4 'Structure model' chem_comp             
9  4 'Structure model' chem_comp_atom        
10 4 'Structure model' chem_comp_bond        
11 4 'Structure model' database_2            
12 4 'Structure model' entity                
13 4 'Structure model' pdbx_entity_nonpoly   
14 4 'Structure model' refine_hist           
# 
loop_
_pdbx_audit_revision_item.ordinal 
_pdbx_audit_revision_item.revision_ordinal 
_pdbx_audit_revision_item.data_content_type 
_pdbx_audit_revision_item.item 
1  3 'Structure model' '_citation.journal_id_CSD'                    
2  3 'Structure model' '_pdbx_database_status.pdb_format_compatible' 
3  3 'Structure model' '_pdbx_entity_src_syn.pdbx_alt_source_flag'   
4  3 'Structure model' '_pdbx_struct_assembly.oligomeric_details'    
5  3 'Structure model' '_pdbx_struct_oper_list.symmetry_operation'   
6  3 'Structure model' '_struct_keywords.text'                       
7  4 'Structure model' '_chem_comp.name'                             
8  4 'Structure model' '_database_2.pdbx_DOI'                        
9  4 'Structure model' '_database_2.pdbx_database_accession'         
10 4 'Structure model' '_entity.pdbx_description'                    
11 4 'Structure model' '_pdbx_entity_nonpoly.name'                   
12 4 'Structure model' '_refine_hist.number_atoms_total'             
13 4 'Structure model' '_refine_hist.pdbx_number_atoms_nucleic_acid' 
14 4 'Structure model' '_refine_hist.pdbx_number_atoms_protein'      
# 
_pdbx_database_PDB_obs_spr.id               SPRSDE 
_pdbx_database_PDB_obs_spr.date             2014-05-07 
_pdbx_database_PDB_obs_spr.pdb_id           4P20 
_pdbx_database_PDB_obs_spr.replace_pdb_id   2G5Q 
_pdbx_database_PDB_obs_spr.details          ? 
# 
_pdbx_database_status.status_code                     REL 
_pdbx_database_status.status_code_sf                  REL 
_pdbx_database_status.status_code_mr                  . 
_pdbx_database_status.entry_id                        4P20 
_pdbx_database_status.recvd_initial_deposition_date   2014-02-28 
_pdbx_database_status.SG_entry                        N 
_pdbx_database_status.deposit_site                    RCSB 
_pdbx_database_status.process_site                    RCSB 
_pdbx_database_status.status_code_cs                  . 
_pdbx_database_status.methods_development_category    . 
_pdbx_database_status.pdb_format_compatible           Y 
_pdbx_database_status.status_code_nmr_data            ? 
# 
loop_
_audit_author.name 
_audit_author.pdbx_ordinal 
'Kondo, J.'       1 
'Francois, B.'    2 
'Russell, R.J.M.' 3 
'Murray, J.B.'    4 
'Westhof, E.'     5 
# 
_citation.abstract                  . 
_citation.abstract_id_CAS           . 
_citation.book_id_ISBN              . 
_citation.book_publisher            ? 
_citation.book_publisher_city       . 
_citation.book_title                . 
_citation.coordinate_linkage        . 
_citation.country                   FR 
_citation.database_id_Medline       . 
_citation.details                   . 
_citation.id                        primary 
_citation.journal_abbrev            Biochimie 
_citation.journal_id_ASTM           BICMBE 
_citation.journal_id_CSD            0466 
_citation.journal_id_ISSN           0300-9084 
_citation.journal_full              . 
_citation.journal_issue             . 
_citation.journal_volume            88 
_citation.language                  . 
_citation.page_first                1027 
_citation.page_last                 1031 
_citation.title                     
;Crystal structure of the bacterial ribosomal decoding site complexed with amikacin containing the gamma-amino-alpha-hydroxybutyryl (haba) group.
;
_citation.year                      2006 
_citation.database_id_CSD           . 
_citation.pdbx_database_id_DOI      10.1016/j.biochi.2006.05.017 
_citation.pdbx_database_id_PubMed   16806634 
_citation.unpublished_flag          . 
# 
loop_
_citation_author.citation_id 
_citation_author.name 
_citation_author.ordinal 
_citation_author.identifier_ORCID 
primary 'Kondo, J.'     1 ? 
primary 'Francois, B.'  2 ? 
primary 'Russell, R.J.' 3 ? 
primary 'Murray, J.B.'  4 ? 
primary 'Westhof, E.'   5 ? 
# 
loop_
_entity.id 
_entity.type 
_entity.src_method 
_entity.pdbx_description 
_entity.formula_weight 
_entity.pdbx_number_of_molecules 
_entity.pdbx_ec 
_entity.pdbx_mutation 
_entity.pdbx_fragment 
_entity.details 
1 polymer     syn "5'-R(*UP*UP*GP*CP*GP*UP*CP*AP*CP*AP*CP*CP*GP*GP*UP*GP*AP*AP*GP*UP*CP*GP*C)-3'" 7355.409 2  ? ? ? ? 
2 non-polymer syn 
;(2S)-N-[(1R,2S,3S,4R,5S)-4-[(2R,3R,4S,5S,6R)-6-(aminomethyl)-3,4,5-tris(oxidanyl)oxan-2-yl]oxy-5-azanyl-2-[(2S,3R,4S,5S ,6R)-4-azanyl-6-(hydroxymethyl)-3,5-bis(oxidanyl)oxan-2-yl]oxy-3-oxidanyl-cyclohexyl]-4-azanyl-2-oxidanyl-butanamide
;
585.603  2  ? ? ? ? 
3 water       nat water 18.015   75 ? ? ? ? 
# 
_entity_poly.entity_id                      1 
_entity_poly.type                           polyribonucleotide 
_entity_poly.nstd_linkage                   no 
_entity_poly.nstd_monomer                   no 
_entity_poly.pdbx_seq_one_letter_code       UUGCGUCACACCGGUGAAGUCGC 
_entity_poly.pdbx_seq_one_letter_code_can   UUGCGUCACACCGGUGAAGUCGC 
_entity_poly.pdbx_strand_id                 A,B 
_entity_poly.pdbx_target_identifier         ? 
# 
loop_
_pdbx_entity_nonpoly.entity_id 
_pdbx_entity_nonpoly.name 
_pdbx_entity_nonpoly.comp_id 
2 
;(2S)-N-[(1R,2S,3S,4R,5S)-4-[(2R,3R,4S,5S,6R)-6-(aminomethyl)-3,4,5-tris(oxidanyl)oxan-2-yl]oxy-5-azanyl-2-[(2S,3R,4S,5S ,6R)-4-azanyl-6-(hydroxymethyl)-3,5-bis(oxidanyl)oxan-2-yl]oxy-3-oxidanyl-cyclohexyl]-4-azanyl-2-oxidanyl-butanamide
;
AKN 
3 water HOH 
# 
loop_
_entity_poly_seq.entity_id 
_entity_poly_seq.num 
_entity_poly_seq.mon_id 
_entity_poly_seq.hetero 
1 1  U n 
1 2  U n 
1 3  G n 
1 4  C n 
1 5  G n 
1 6  U n 
1 7  C n 
1 8  A n 
1 9  C n 
1 10 A n 
1 11 C n 
1 12 C n 
1 13 G n 
1 14 G n 
1 15 U n 
1 16 G n 
1 17 A n 
1 18 A n 
1 19 G n 
1 20 U n 
1 21 C n 
1 22 G n 
1 23 C n 
# 
_pdbx_entity_src_syn.entity_id              1 
_pdbx_entity_src_syn.pdbx_src_id            1 
_pdbx_entity_src_syn.pdbx_alt_source_flag   sample 
_pdbx_entity_src_syn.pdbx_beg_seq_num       1 
_pdbx_entity_src_syn.pdbx_end_seq_num       23 
_pdbx_entity_src_syn.organism_scientific    'synthetic construct' 
_pdbx_entity_src_syn.organism_common_name   ? 
_pdbx_entity_src_syn.ncbi_taxonomy_id       32630 
_pdbx_entity_src_syn.details                ? 
# 
loop_
_chem_comp.id 
_chem_comp.type 
_chem_comp.mon_nstd_flag 
_chem_comp.name 
_chem_comp.pdbx_synonyms 
_chem_comp.formula 
_chem_comp.formula_weight 
A   'RNA linking' y "ADENOSINE-5'-MONOPHOSPHATE" ?        'C10 H14 N5 O7 P' 347.221 
AKN non-polymer   . 
;(2S)-N-[(1R,2S,3S,4R,5S)-4-[(2R,3R,4S,5S,6R)-6-(aminomethyl)-3,4,5-tris(oxidanyl)oxan-2-yl]oxy-5-azanyl-2-[(2S,3R,4S,5S ,6R)-4-azanyl-6-(hydroxymethyl)-3,5-bis(oxidanyl)oxan-2-yl]oxy-3-oxidanyl-cyclohexyl]-4-azanyl-2-oxidanyl-butanamide
;
AMIKACIN 'C22 H43 N5 O13'  585.603 
C   'RNA linking' y "CYTIDINE-5'-MONOPHOSPHATE" ?        'C9 H14 N3 O8 P'  323.197 
G   'RNA linking' y "GUANOSINE-5'-MONOPHOSPHATE" ?        'C10 H14 N5 O8 P' 363.221 
HOH non-polymer   . WATER ?        'H2 O'            18.015  
U   'RNA linking' y "URIDINE-5'-MONOPHOSPHATE" ?        'C9 H13 N2 O9 P'  324.181 
# 
loop_
_pdbx_poly_seq_scheme.asym_id 
_pdbx_poly_seq_scheme.entity_id 
_pdbx_poly_seq_scheme.seq_id 
_pdbx_poly_seq_scheme.mon_id 
_pdbx_poly_seq_scheme.ndb_seq_num 
_pdbx_poly_seq_scheme.pdb_seq_num 
_pdbx_poly_seq_scheme.auth_seq_num 
_pdbx_poly_seq_scheme.pdb_mon_id 
_pdbx_poly_seq_scheme.auth_mon_id 
_pdbx_poly_seq_scheme.pdb_strand_id 
_pdbx_poly_seq_scheme.pdb_ins_code 
_pdbx_poly_seq_scheme.hetero 
A 1 1  U 1  0  ?  ? ? A . n 
A 1 2  U 2  1  ?  ? ? A . n 
A 1 3  G 3  2  2  G G A . n 
A 1 4  C 4  3  3  C C A . n 
A 1 5  G 5  4  4  G G A . n 
A 1 6  U 6  5  5  U U A . n 
A 1 7  C 7  6  6  C C A . n 
A 1 8  A 8  7  7  A A A . n 
A 1 9  C 9  8  8  C C A . n 
A 1 10 A 10 9  9  A A A . n 
A 1 11 C 11 10 10 C C A . n 
A 1 12 C 12 11 11 C C A . n 
A 1 13 G 13 12 12 G G A . n 
A 1 14 G 14 13 13 G G A . n 
A 1 15 U 15 14 14 U U A . n 
A 1 16 G 16 15 15 G G A . n 
A 1 17 A 17 16 16 A A A . n 
A 1 18 A 18 17 17 A A A . n 
A 1 19 G 19 18 18 G G A . n 
A 1 20 U 20 19 19 U U A . n 
A 1 21 C 21 20 20 C C A . n 
A 1 22 G 22 21 21 G G A . n 
A 1 23 C 23 22 22 C C A . n 
B 1 1  U 1  22 ?  ? ? B . n 
B 1 2  U 2  23 ?  ? ? B . n 
B 1 3  G 3  24 24 G G B . n 
B 1 4  C 4  25 25 C C B . n 
B 1 5  G 5  26 26 G G B . n 
B 1 6  U 6  27 27 U U B . n 
B 1 7  C 7  28 28 C C B . n 
B 1 8  A 8  29 29 A A B . n 
B 1 9  C 9  30 30 C C B . n 
B 1 10 A 10 31 31 A A B . n 
B 1 11 C 11 32 32 C C B . n 
B 1 12 C 12 33 33 C C B . n 
B 1 13 G 13 34 34 G G B . n 
B 1 14 G 14 35 35 G G B . n 
B 1 15 U 15 36 36 U U B . n 
B 1 16 G 16 37 37 G G B . n 
B 1 17 A 17 38 38 A A B . n 
B 1 18 A 18 39 39 A A B . n 
B 1 19 G 19 40 40 G G B . n 
B 1 20 U 20 41 41 U U B . n 
B 1 21 C 21 42 42 C C B . n 
B 1 22 G 22 43 43 G G B . n 
B 1 23 C 23 44 44 C C B . n 
# 
loop_
_pdbx_nonpoly_scheme.asym_id 
_pdbx_nonpoly_scheme.entity_id 
_pdbx_nonpoly_scheme.mon_id 
_pdbx_nonpoly_scheme.ndb_seq_num 
_pdbx_nonpoly_scheme.pdb_seq_num 
_pdbx_nonpoly_scheme.auth_seq_num 
_pdbx_nonpoly_scheme.pdb_mon_id 
_pdbx_nonpoly_scheme.auth_mon_id 
_pdbx_nonpoly_scheme.pdb_strand_id 
_pdbx_nonpoly_scheme.pdb_ins_code 
C 2 AKN 1  101 52  AKN AMI A . 
D 2 AKN 1  101 51  AKN AMI B . 
E 3 HOH 1  201 153 HOH HOH A . 
E 3 HOH 2  202 118 HOH HOH A . 
E 3 HOH 3  203 149 HOH HOH A . 
E 3 HOH 4  204 131 HOH HOH A . 
E 3 HOH 5  205 162 HOH HOH A . 
E 3 HOH 6  206 154 HOH HOH A . 
E 3 HOH 7  207 175 HOH HOH A . 
E 3 HOH 8  208 155 HOH HOH A . 
E 3 HOH 9  209 174 HOH HOH A . 
E 3 HOH 10 210 166 HOH HOH A . 
E 3 HOH 11 211 168 HOH HOH A . 
E 3 HOH 12 212 102 HOH HOH A . 
E 3 HOH 13 213 108 HOH HOH A . 
E 3 HOH 14 214 110 HOH HOH A . 
E 3 HOH 15 215 112 HOH HOH A . 
E 3 HOH 16 216 113 HOH HOH A . 
E 3 HOH 17 217 114 HOH HOH A . 
E 3 HOH 18 218 115 HOH HOH A . 
E 3 HOH 19 219 121 HOH HOH A . 
E 3 HOH 20 220 122 HOH HOH A . 
E 3 HOH 21 221 123 HOH HOH A . 
E 3 HOH 22 222 124 HOH HOH A . 
E 3 HOH 23 223 125 HOH HOH A . 
E 3 HOH 24 224 128 HOH HOH A . 
E 3 HOH 25 225 129 HOH HOH A . 
E 3 HOH 26 226 130 HOH HOH A . 
E 3 HOH 27 227 135 HOH HOH A . 
E 3 HOH 28 228 136 HOH HOH A . 
E 3 HOH 29 229 139 HOH HOH A . 
E 3 HOH 30 230 143 HOH HOH A . 
E 3 HOH 31 231 158 HOH HOH A . 
E 3 HOH 32 232 160 HOH HOH A . 
E 3 HOH 33 233 171 HOH HOH A . 
E 3 HOH 34 234 172 HOH HOH A . 
E 3 HOH 35 235 176 HOH HOH A . 
F 3 HOH 1  201 104 HOH HOH B . 
F 3 HOH 2  202 159 HOH HOH B . 
F 3 HOH 3  203 148 HOH HOH B . 
F 3 HOH 4  204 134 HOH HOH B . 
F 3 HOH 5  205 120 HOH HOH B . 
F 3 HOH 6  206 150 HOH HOH B . 
F 3 HOH 7  207 117 HOH HOH B . 
F 3 HOH 8  208 127 HOH HOH B . 
F 3 HOH 9  209 107 HOH HOH B . 
F 3 HOH 10 210 142 HOH HOH B . 
F 3 HOH 11 211 152 HOH HOH B . 
F 3 HOH 12 212 119 HOH HOH B . 
F 3 HOH 13 213 133 HOH HOH B . 
F 3 HOH 14 214 170 HOH HOH B . 
F 3 HOH 15 215 161 HOH HOH B . 
F 3 HOH 16 216 145 HOH HOH B . 
F 3 HOH 17 217 169 HOH HOH B . 
F 3 HOH 18 218 101 HOH HOH B . 
F 3 HOH 19 219 103 HOH HOH B . 
F 3 HOH 20 220 105 HOH HOH B . 
F 3 HOH 21 221 106 HOH HOH B . 
F 3 HOH 22 222 109 HOH HOH B . 
F 3 HOH 23 223 116 HOH HOH B . 
F 3 HOH 24 224 126 HOH HOH B . 
F 3 HOH 25 225 132 HOH HOH B . 
F 3 HOH 26 226 137 HOH HOH B . 
F 3 HOH 27 227 138 HOH HOH B . 
F 3 HOH 28 228 140 HOH HOH B . 
F 3 HOH 29 229 141 HOH HOH B . 
F 3 HOH 30 230 144 HOH HOH B . 
F 3 HOH 31 231 146 HOH HOH B . 
F 3 HOH 32 232 147 HOH HOH B . 
F 3 HOH 33 233 151 HOH HOH B . 
F 3 HOH 34 234 156 HOH HOH B . 
F 3 HOH 35 235 157 HOH HOH B . 
F 3 HOH 36 236 163 HOH HOH B . 
F 3 HOH 37 237 164 HOH HOH B . 
F 3 HOH 38 238 165 HOH HOH B . 
F 3 HOH 39 239 167 HOH HOH B . 
F 3 HOH 40 240 173 HOH HOH B . 
# 
loop_
_software.citation_id 
_software.classification 
_software.compiler_name 
_software.compiler_version 
_software.contact_author 
_software.contact_author_email 
_software.date 
_software.description 
_software.dependencies 
_software.hardware 
_software.language 
_software.location 
_software.mods 
_software.name 
_software.os 
_software.os_version 
_software.type 
_software.version 
_software.pdbx_ordinal 
? phasing           . . . . . . . . . . . AMoRE       . . . . 1 
? refinement        . . . . . . . . . . . CNS         . . . . 2 
? 'data extraction' . . . . . . . . . . . PDB_EXTRACT . . . . 3 
# 
_cell.length_a           47.550 
_cell.length_b           32.820 
_cell.length_c           52.660 
_cell.angle_alpha        90.000 
_cell.angle_beta         108.710 
_cell.angle_gamma        90.000 
_cell.entry_id           4P20 
_cell.Z_PDB              4 
_cell.pdbx_unique_axis   ? 
# 
_symmetry.entry_id                         4P20 
_symmetry.cell_setting                     . 
_symmetry.Int_Tables_number                4 
_symmetry.space_group_name_Hall            . 
_symmetry.space_group_name_H-M             'P 1 21 1' 
_symmetry.pdbx_full_space_group_name_H-M   . 
# 
_exptl.absorpt_coefficient_mu     . 
_exptl.absorpt_correction_T_max   . 
_exptl.absorpt_correction_T_min   . 
_exptl.absorpt_correction_type    . 
_exptl.absorpt_process_details    . 
_exptl.entry_id                   4P20 
_exptl.crystals_number            1 
_exptl.details                    . 
_exptl.method                     'X-RAY DIFFRACTION' 
_exptl.method_details             . 
# 
_exptl_crystal.colour                      . 
_exptl_crystal.density_diffrn              . 
_exptl_crystal.density_Matthews            2.65 
_exptl_crystal.density_method              . 
_exptl_crystal.density_percent_sol         53.51 
_exptl_crystal.description                 . 
_exptl_crystal.F_000                       . 
_exptl_crystal.id                          1 
_exptl_crystal.preparation                 . 
_exptl_crystal.size_max                    . 
_exptl_crystal.size_mid                    . 
_exptl_crystal.size_min                    . 
_exptl_crystal.size_rad                    . 
_exptl_crystal.colour_lustre               . 
_exptl_crystal.colour_modifier             . 
_exptl_crystal.colour_primary              . 
_exptl_crystal.density_meas                . 
_exptl_crystal.density_meas_esd            . 
_exptl_crystal.density_meas_gt             . 
_exptl_crystal.density_meas_lt             . 
_exptl_crystal.density_meas_temp           . 
_exptl_crystal.density_meas_temp_esd       . 
_exptl_crystal.density_meas_temp_gt        . 
_exptl_crystal.density_meas_temp_lt        . 
_exptl_crystal.pdbx_crystal_image_url      . 
_exptl_crystal.pdbx_crystal_image_format   . 
_exptl_crystal.pdbx_mosaicity              . 
_exptl_crystal.pdbx_mosaicity_esd          . 
# 
_exptl_crystal_grow.apparatus       . 
_exptl_crystal_grow.atmosphere      . 
_exptl_crystal_grow.crystal_id      1 
_exptl_crystal_grow.details         . 
_exptl_crystal_grow.method          'VAPOR DIFFUSION' 
_exptl_crystal_grow.method_ref      . 
_exptl_crystal_grow.pH              6.4 
_exptl_crystal_grow.pressure        . 
_exptl_crystal_grow.pressure_esd    . 
_exptl_crystal_grow.seeding         . 
_exptl_crystal_grow.seeding_ref     . 
_exptl_crystal_grow.temp            310 
_exptl_crystal_grow.temp_details    . 
_exptl_crystal_grow.temp_esd        . 
_exptl_crystal_grow.time            . 
_exptl_crystal_grow.pdbx_details    'MPF, Na Cacodylate, NaCl, KCl' 
_exptl_crystal_grow.pdbx_pH_range   . 
# 
_diffrn.ambient_environment    . 
_diffrn.ambient_temp           100 
_diffrn.ambient_temp_details   . 
_diffrn.ambient_temp_esd       . 
_diffrn.crystal_id             1 
_diffrn.crystal_support        . 
_diffrn.crystal_treatment      . 
_diffrn.details                . 
_diffrn.id                     1 
_diffrn.ambient_pressure       . 
_diffrn.ambient_pressure_esd   . 
_diffrn.ambient_pressure_gt    . 
_diffrn.ambient_pressure_lt    . 
_diffrn.ambient_temp_gt        . 
_diffrn.ambient_temp_lt        . 
# 
_diffrn_detector.details                      . 
_diffrn_detector.detector                     CCD 
_diffrn_detector.diffrn_id                    1 
_diffrn_detector.type                         'ADSC QUANTUM 4' 
_diffrn_detector.area_resol_mean              . 
_diffrn_detector.dtime                        . 
_diffrn_detector.pdbx_frames_total            . 
_diffrn_detector.pdbx_collection_time_total   . 
_diffrn_detector.pdbx_collection_date         2004-06-26 
# 
_diffrn_radiation.collimation                      . 
_diffrn_radiation.diffrn_id                        1 
_diffrn_radiation.filter_edge                      . 
_diffrn_radiation.inhomogeneity                    . 
_diffrn_radiation.monochromator                    . 
_diffrn_radiation.polarisn_norm                    . 
_diffrn_radiation.polarisn_ratio                   . 
_diffrn_radiation.probe                            . 
_diffrn_radiation.type                             . 
_diffrn_radiation.xray_symbol                      . 
_diffrn_radiation.wavelength_id                    1 
_diffrn_radiation.pdbx_monochromatic_or_laue_m_l   . 
_diffrn_radiation.pdbx_wavelength_list             . 
_diffrn_radiation.pdbx_wavelength                  . 
_diffrn_radiation.pdbx_diffrn_protocol             'SINGLE WAVELENGTH' 
_diffrn_radiation.pdbx_analyzer                    . 
_diffrn_radiation.pdbx_scattering_type             x-ray 
# 
_diffrn_radiation_wavelength.id           1 
_diffrn_radiation_wavelength.wavelength   0.9357 
_diffrn_radiation_wavelength.wt           1.0 
# 
_diffrn_source.current                     . 
_diffrn_source.details                     . 
_diffrn_source.diffrn_id                   1 
_diffrn_source.power                       . 
_diffrn_source.size                        . 
_diffrn_source.source                      SYNCHROTRON 
_diffrn_source.target                      . 
_diffrn_source.type                        'ESRF BEAMLINE ID14-4' 
_diffrn_source.voltage                     . 
_diffrn_source.take-off_angle              . 
_diffrn_source.pdbx_wavelength_list        0.9357 
_diffrn_source.pdbx_wavelength             . 
_diffrn_source.pdbx_synchrotron_beamline   ID14-4 
_diffrn_source.pdbx_synchrotron_site       ESRF 
# 
_reflns.B_iso_Wilson_estimate            . 
_reflns.entry_id                         4P20 
_reflns.data_reduction_details           . 
_reflns.data_reduction_method            . 
_reflns.d_resolution_high                2.700 
_reflns.d_resolution_low                 32.820 
_reflns.details                          . 
_reflns.limit_h_max                      . 
_reflns.limit_h_min                      . 
_reflns.limit_k_max                      . 
_reflns.limit_k_min                      . 
_reflns.limit_l_max                      . 
_reflns.limit_l_min                      . 
_reflns.number_all                       . 
_reflns.number_obs                       4398 
_reflns.observed_criterion               . 
_reflns.observed_criterion_F_max         . 
_reflns.observed_criterion_F_min         . 
_reflns.observed_criterion_I_max         . 
_reflns.observed_criterion_I_min         . 
_reflns.observed_criterion_sigma_F       . 
_reflns.observed_criterion_sigma_I       . 
_reflns.percent_possible_obs             100.000 
_reflns.R_free_details                   . 
_reflns.Rmerge_F_all                     . 
_reflns.Rmerge_F_obs                     . 
_reflns.Friedel_coverage                 . 
_reflns.number_gt                        . 
_reflns.threshold_expression             . 
_reflns.pdbx_redundancy                  3.590 
_reflns.pdbx_Rmerge_I_obs                0.160 
_reflns.pdbx_Rmerge_I_all                . 
_reflns.pdbx_Rsym_value                  . 
_reflns.pdbx_netI_over_av_sigmaI         . 
_reflns.pdbx_netI_over_sigmaI            4.800 
_reflns.pdbx_res_netI_over_av_sigmaI_2   . 
_reflns.pdbx_res_netI_over_sigmaI_2      . 
_reflns.pdbx_chi_squared                 0.960 
_reflns.pdbx_scaling_rejects             120 
_reflns.pdbx_d_res_high_opt              . 
_reflns.pdbx_d_res_low_opt               . 
_reflns.pdbx_d_res_opt_method            . 
_reflns.phase_calculation_details        . 
_reflns.pdbx_Rrim_I_all                  . 
_reflns.pdbx_Rpim_I_all                  . 
_reflns.pdbx_d_opt                       . 
_reflns.pdbx_number_measured_all         15897 
_reflns.pdbx_diffrn_id                   1 
_reflns.pdbx_ordinal                     1 
# 
loop_
_reflns_shell.d_res_high 
_reflns_shell.d_res_low 
_reflns_shell.meanI_over_sigI_all 
_reflns_shell.meanI_over_sigI_obs 
_reflns_shell.number_measured_all 
_reflns_shell.number_measured_obs 
_reflns_shell.number_possible 
_reflns_shell.number_unique_all 
_reflns_shell.number_unique_obs 
_reflns_shell.percent_possible_all 
_reflns_shell.percent_possible_obs 
_reflns_shell.Rmerge_F_all 
_reflns_shell.Rmerge_F_obs 
_reflns_shell.Rmerge_I_all 
_reflns_shell.Rmerge_I_obs 
_reflns_shell.meanI_over_sigI_gt 
_reflns_shell.meanI_over_uI_all 
_reflns_shell.meanI_over_uI_gt 
_reflns_shell.number_measured_gt 
_reflns_shell.number_unique_gt 
_reflns_shell.percent_possible_gt 
_reflns_shell.Rmerge_F_gt 
_reflns_shell.Rmerge_I_gt 
_reflns_shell.pdbx_redundancy 
_reflns_shell.pdbx_Rsym_value 
_reflns_shell.pdbx_chi_squared 
_reflns_shell.pdbx_netI_over_sigmaI_all 
_reflns_shell.pdbx_netI_over_sigmaI_obs 
_reflns_shell.pdbx_Rrim_I_all 
_reflns_shell.pdbx_Rpim_I_all 
_reflns_shell.pdbx_rejects 
_reflns_shell.pdbx_ordinal 
_reflns_shell.pdbx_diffrn_id 
2.700 2.800  . 2.000 1607 . . 445 . 100.000 . . . . 0.432 . . . . . . . . 3.610 . 0.590 . . . . 0  1  1 
2.800 2.910  . 2.600 1555 . . 424 . 100.000 . . . . 0.304 . . . . . . . . 3.670 . 0.610 . . . . 0  2  1 
2.910 3.040  . 2.800 1578 . . 431 . 100.000 . . . . 0.269 . . . . . . . . 3.660 . 0.650 . . . . 0  3  1 
3.040 3.200  . 4.400 1596 . . 434 . 100.000 . . . . 0.167 . . . . . . . . 3.660 . 0.920 . . . . 7  4  1 
3.200 3.400  . 5.200 1608 . . 436 . 99.800  . . . . 0.151 . . . . . . . . 3.660 . 0.990 . . . . 13 5  1 
3.400 3.660  . 5.400 1646 . . 447 . 99.800  . . . . 0.148 . . . . . . . . 3.630 . 1.010 . . . . 22 6  1 
3.660 4.030  . 7.200 1558 . . 426 . 99.800  . . . . 0.130 . . . . . . . . 3.610 . 1.170 . . . . 20 7  1 
4.030 4.610  . 5.200 1599 . . 439 . 100.000 . . . . 0.180 . . . . . . . . 3.620 . 1.240 . . . . 8  8  1 
4.610 5.810  . 5.900 1595 . . 450 . 100.000 . . . . 0.159 . . . . . . . . 3.520 . 1.170 . . . . 11 9  1 
5.810 32.820 . 7.900 1555 . . 466 . 100.000 . . . . 0.132 . . . . . . . . 3.250 . 1.320 . . . . 39 10 1 
# 
_refine.aniso_B[1][1]                            -9.8000 
_refine.aniso_B[1][2]                            0.0000 
_refine.aniso_B[1][3]                            11.5700 
_refine.aniso_B[2][2]                            1.7740 
_refine.aniso_B[2][3]                            0.0000 
_refine.aniso_B[3][3]                            8.0260 
_refine.B_iso_max                                120.730 
_refine.B_iso_mean                               45.5528 
_refine.B_iso_min                                10.200 
_refine.correlation_coeff_Fo_to_Fc               . 
_refine.correlation_coeff_Fo_to_Fc_free          . 
_refine.details                                  . 
_refine.diff_density_max                         . 
_refine.diff_density_max_esd                     . 
_refine.diff_density_min                         . 
_refine.diff_density_min_esd                     . 
_refine.diff_density_rms                         . 
_refine.diff_density_rms_esd                     . 
_refine.entry_id                                 4P20 
_refine.pdbx_refine_id                           'X-RAY DIFFRACTION' 
_refine.ls_abs_structure_details                 . 
_refine.ls_abs_structure_Flack                   . 
_refine.ls_abs_structure_Flack_esd               . 
_refine.ls_abs_structure_Rogers                  . 
_refine.ls_abs_structure_Rogers_esd              . 
_refine.ls_d_res_high                            2.7000 
_refine.ls_d_res_low                             10.0000 
_refine.ls_extinction_coef                       . 
_refine.ls_extinction_coef_esd                   . 
_refine.ls_extinction_expression                 . 
_refine.ls_extinction_method                     . 
_refine.ls_goodness_of_fit_all                   . 
_refine.ls_goodness_of_fit_all_esd               . 
_refine.ls_goodness_of_fit_obs                   . 
_refine.ls_goodness_of_fit_obs_esd               . 
_refine.ls_hydrogen_treatment                    . 
_refine.ls_matrix_type                           . 
_refine.ls_number_constraints                    . 
_refine.ls_number_parameters                     . 
_refine.ls_number_reflns_all                     . 
_refine.ls_number_reflns_obs                     4118 
_refine.ls_number_reflns_R_free                  425 
_refine.ls_number_reflns_R_work                  3693 
_refine.ls_number_restraints                     . 
_refine.ls_percent_reflns_obs                    95.7000 
_refine.ls_percent_reflns_R_free                 9.9000 
_refine.ls_R_factor_all                          . 
_refine.ls_R_factor_obs                          . 
_refine.ls_R_factor_R_free                       0.2679 
_refine.ls_R_factor_R_free_error                 . 
_refine.ls_R_factor_R_free_error_details         . 
_refine.ls_R_factor_R_work                       0.2134 
_refine.ls_R_Fsqd_factor_obs                     . 
_refine.ls_R_I_factor_obs                        . 
_refine.ls_redundancy_reflns_all                 . 
_refine.ls_redundancy_reflns_obs                 . 
_refine.ls_restrained_S_all                      . 
_refine.ls_restrained_S_obs                      . 
_refine.ls_shift_over_esd_max                    . 
_refine.ls_shift_over_esd_mean                   . 
_refine.ls_structure_factor_coef                 . 
_refine.ls_weighting_details                     . 
_refine.ls_weighting_scheme                      . 
_refine.ls_wR_factor_all                         . 
_refine.ls_wR_factor_obs                         . 
_refine.ls_wR_factor_R_free                      . 
_refine.ls_wR_factor_R_work                      . 
_refine.occupancy_max                            . 
_refine.occupancy_min                            . 
_refine.overall_SU_B                             . 
_refine.overall_SU_ML                            . 
_refine.overall_SU_R_Cruickshank_DPI             . 
_refine.overall_SU_R_free                        . 
_refine.overall_FOM_free_R_set                   . 
_refine.overall_FOM_work_R_set                   0.8070 
_refine.solvent_model_details                    . 
_refine.solvent_model_param_bsol                 64.5977 
_refine.solvent_model_param_ksol                 . 
_refine.ls_R_factor_gt                           . 
_refine.ls_goodness_of_fit_gt                    . 
_refine.ls_goodness_of_fit_ref                   . 
_refine.ls_shift_over_su_max                     . 
_refine.ls_shift_over_su_max_lt                  . 
_refine.ls_shift_over_su_mean                    . 
_refine.ls_shift_over_su_mean_lt                 . 
_refine.pdbx_ls_sigma_I                          . 
_refine.pdbx_ls_sigma_F                          179.000 
_refine.pdbx_ls_sigma_Fsqd                       . 
_refine.pdbx_data_cutoff_high_absF               . 
_refine.pdbx_data_cutoff_high_rms_absF           . 
_refine.pdbx_data_cutoff_low_absF                . 
_refine.pdbx_isotropic_thermal_model             . 
_refine.pdbx_ls_cross_valid_method               'FREE R-VALUE' 
_refine.pdbx_method_to_determine_struct          'MOLECULAR REPLACEMENT' 
_refine.pdbx_starting_model                      . 
_refine.pdbx_stereochemistry_target_values       . 
_refine.pdbx_R_Free_selection_details            . 
_refine.pdbx_stereochem_target_val_spec_case     . 
_refine.pdbx_overall_ESU_R                       . 
_refine.pdbx_overall_ESU_R_Free                  . 
_refine.pdbx_solvent_vdw_probe_radii             . 
_refine.pdbx_solvent_ion_probe_radii             . 
_refine.pdbx_solvent_shrinkage_radii             . 
_refine.pdbx_real_space_R                        . 
_refine.pdbx_density_correlation                 . 
_refine.pdbx_pd_number_of_powder_patterns        . 
_refine.pdbx_pd_number_of_points                 . 
_refine.pdbx_pd_meas_number_of_points            . 
_refine.pdbx_pd_proc_ls_prof_R_factor            . 
_refine.pdbx_pd_proc_ls_prof_wR_factor           . 
_refine.pdbx_pd_Marquardt_correlation_coeff      . 
_refine.pdbx_pd_Fsqrd_R_factor                   . 
_refine.pdbx_pd_ls_matrix_band_width             . 
_refine.pdbx_overall_phase_error                 . 
_refine.pdbx_overall_SU_R_free_Cruickshank_DPI   . 
_refine.pdbx_overall_SU_R_free_Blow_DPI          . 
_refine.pdbx_overall_SU_R_Blow_DPI               . 
_refine.pdbx_TLS_residual_ADP_flag               . 
_refine.pdbx_diffrn_id                           1 
# 
_refine_hist.cycle_id                         final 
_refine_hist.pdbx_refine_id                   'X-RAY DIFFRACTION' 
_refine_hist.d_res_high                       2.7000 
_refine_hist.d_res_low                        10.0000 
_refine_hist.pdbx_number_atoms_ligand         80 
_refine_hist.number_atoms_solvent             75 
_refine_hist.number_atoms_total               1053 
_refine_hist.pdbx_number_residues_total       42 
_refine_hist.pdbx_B_iso_mean_ligand           42.97 
_refine_hist.pdbx_B_iso_mean_solvent          39.55 
_refine_hist.pdbx_number_atoms_protein        0 
_refine_hist.pdbx_number_atoms_nucleic_acid   898 
# 
loop_
_refine_ls_restr.pdbx_refine_id 
_refine_ls_restr.criterion 
_refine_ls_restr.dev_ideal 
_refine_ls_restr.dev_ideal_target 
_refine_ls_restr.number 
_refine_ls_restr.rejects 
_refine_ls_restr.type 
_refine_ls_restr.weight 
_refine_ls_restr.pdbx_restraint_function 
'X-RAY DIFFRACTION' . 0.000 1.500 . . c_mcbond_it  . . 
'X-RAY DIFFRACTION' . 5.008 2.000 . . c_scbond_it  . . 
'X-RAY DIFFRACTION' . 0.000 2.000 . . c_mcangle_it . . 
'X-RAY DIFFRACTION' . 6.969 2.500 . . c_scangle_it . . 
# 
loop_
_pdbx_xplor_file.pdbx_refine_id 
_pdbx_xplor_file.serial_no 
_pdbx_xplor_file.param_file 
_pdbx_xplor_file.topol_file 
'X-RAY DIFFRACTION' 1 CNS_TOPPAR:protein_rep.param ? 
'X-RAY DIFFRACTION' 2 CNS_TOPPAR:dna-rna_rep.param ? 
'X-RAY DIFFRACTION' 3 CNS_TOPPAR:water_rep.param   ? 
'X-RAY DIFFRACTION' 4 CNS_TOPPAR:ion.param         ? 
'X-RAY DIFFRACTION' 5 amika_xplor.param            ? 
# 
_struct.entry_id                     4P20 
_struct.title                        'Crystal structures of the bacterial ribosomal decoding site complexed with amikacin' 
_struct.pdbx_model_details           . 
_struct.pdbx_formula_weight          . 
_struct.pdbx_formula_weight_method   . 
_struct.pdbx_model_type_details      . 
_struct.pdbx_CASP_flag               . 
# 
_struct_keywords.entry_id        4P20 
_struct_keywords.text            
'AMINOGLYCOSIDE, HABA GROUP, RIBOSOMAL DECODING SITE, X-RAY ANALYSIS, RNA, AMIKACIN, RNA-ANTIBIOTIC complex' 
_struct_keywords.pdbx_keywords   RNA/ANTIBIOTIC 
# 
loop_
_struct_asym.id 
_struct_asym.pdbx_blank_PDB_chainid_flag 
_struct_asym.pdbx_modified 
_struct_asym.entity_id 
_struct_asym.details 
A N N 1 ? 
B N N 1 ? 
C N N 2 ? 
D N N 2 ? 
E N N 3 ? 
F N N 3 ? 
# 
_struct_ref.id                         1 
_struct_ref.db_name                    PDB 
_struct_ref.db_code                    4P20 
_struct_ref.pdbx_db_accession          4P20 
_struct_ref.entity_id                  1 
_struct_ref.pdbx_seq_one_letter_code   ? 
_struct_ref.pdbx_align_begin           ? 
_struct_ref.pdbx_db_isoform            ? 
# 
loop_
_struct_ref_seq.align_id 
_struct_ref_seq.ref_id 
_struct_ref_seq.pdbx_PDB_id_code 
_struct_ref_seq.pdbx_strand_id 
_struct_ref_seq.seq_align_beg 
_struct_ref_seq.pdbx_seq_align_beg_ins_code 
_struct_ref_seq.seq_align_end 
_struct_ref_seq.pdbx_seq_align_end_ins_code 
_struct_ref_seq.pdbx_db_accession 
_struct_ref_seq.db_align_beg 
_struct_ref_seq.pdbx_db_align_beg_ins_code 
_struct_ref_seq.db_align_end 
_struct_ref_seq.pdbx_db_align_end_ins_code 
_struct_ref_seq.pdbx_auth_seq_align_beg 
_struct_ref_seq.pdbx_auth_seq_align_end 
1 1 4P20 A 1 ? 23 ? 4P20 0  ? 22 ? 0  22 
2 1 4P20 B 1 ? 23 ? 4P20 22 ? 44 ? 22 44 
# 
_pdbx_struct_assembly.id                   1 
_pdbx_struct_assembly.details              software_defined_assembly 
_pdbx_struct_assembly.method_details       PISA 
_pdbx_struct_assembly.oligomeric_details   dimeric 
_pdbx_struct_assembly.oligomeric_count     2 
# 
loop_
_pdbx_struct_assembly_prop.biol_id 
_pdbx_struct_assembly_prop.type 
_pdbx_struct_assembly_prop.value 
_pdbx_struct_assembly_prop.details 
1 'ABSA (A^2)' 4210 ? 
1 MORE         -23  ? 
1 'SSA (A^2)'  7660 ? 
# 
_pdbx_struct_assembly_gen.assembly_id       1 
_pdbx_struct_assembly_gen.oper_expression   1 
_pdbx_struct_assembly_gen.asym_id_list      A,B,C,D,E,F 
# 
_pdbx_struct_oper_list.id                   1 
_pdbx_struct_oper_list.type                 'identity operation' 
_pdbx_struct_oper_list.name                 1_555 
_pdbx_struct_oper_list.symmetry_operation   x,y,z 
_pdbx_struct_oper_list.matrix[1][1]         1.0000000000 
_pdbx_struct_oper_list.matrix[1][2]         0.0000000000 
_pdbx_struct_oper_list.matrix[1][3]         0.0000000000 
_pdbx_struct_oper_list.vector[1]            0.0000000000 
_pdbx_struct_oper_list.matrix[2][1]         0.0000000000 
_pdbx_struct_oper_list.matrix[2][2]         1.0000000000 
_pdbx_struct_oper_list.matrix[2][3]         0.0000000000 
_pdbx_struct_oper_list.vector[2]            0.0000000000 
_pdbx_struct_oper_list.matrix[3][1]         0.0000000000 
_pdbx_struct_oper_list.matrix[3][2]         0.0000000000 
_pdbx_struct_oper_list.matrix[3][3]         1.0000000000 
_pdbx_struct_oper_list.vector[3]            0.0000000000 
# 
loop_
_struct_conn.id 
_struct_conn.conn_type_id 
_struct_conn.pdbx_leaving_atom_flag 
_struct_conn.pdbx_PDB_id 
_struct_conn.ptnr1_label_asym_id 
_struct_conn.ptnr1_label_comp_id 
_struct_conn.ptnr1_label_seq_id 
_struct_conn.ptnr1_label_atom_id 
_struct_conn.pdbx_ptnr1_label_alt_id 
_struct_conn.pdbx_ptnr1_PDB_ins_code 
_struct_conn.pdbx_ptnr1_standard_comp_id 
_struct_conn.ptnr1_symmetry 
_struct_conn.ptnr2_label_asym_id 
_struct_conn.ptnr2_label_comp_id 
_struct_conn.ptnr2_label_seq_id 
_struct_conn.ptnr2_label_atom_id 
_struct_conn.pdbx_ptnr2_label_alt_id 
_struct_conn.pdbx_ptnr2_PDB_ins_code 
_struct_conn.ptnr1_auth_asym_id 
_struct_conn.ptnr1_auth_comp_id 
_struct_conn.ptnr1_auth_seq_id 
_struct_conn.ptnr2_auth_asym_id 
_struct_conn.ptnr2_auth_comp_id 
_struct_conn.ptnr2_auth_seq_id 
_struct_conn.ptnr2_symmetry 
_struct_conn.pdbx_ptnr3_label_atom_id 
_struct_conn.pdbx_ptnr3_label_seq_id 
_struct_conn.pdbx_ptnr3_label_comp_id 
_struct_conn.pdbx_ptnr3_label_asym_id 
_struct_conn.pdbx_ptnr3_label_alt_id 
_struct_conn.pdbx_ptnr3_PDB_ins_code 
_struct_conn.details 
_struct_conn.pdbx_dist_value 
_struct_conn.pdbx_value_order 
_struct_conn.pdbx_role 
hydrog1  hydrog ? ? A G 3  N1 ? ? ? 1_555 B C 23 N3 ? ? A G 2  B C 44 1_555 ? ? ? ? ? ? WATSON-CRICK  ? ? ? 
hydrog2  hydrog ? ? A G 3  N2 ? ? ? 1_555 B C 23 O2 ? ? A G 2  B C 44 1_555 ? ? ? ? ? ? WATSON-CRICK  ? ? ? 
hydrog3  hydrog ? ? A G 3  O6 ? ? ? 1_555 B C 23 N4 ? ? A G 2  B C 44 1_555 ? ? ? ? ? ? WATSON-CRICK  ? ? ? 
hydrog4  hydrog ? ? A C 4  N3 ? ? ? 1_555 B G 22 N1 ? ? A C 3  B G 43 1_555 ? ? ? ? ? ? WATSON-CRICK  ? ? ? 
hydrog5  hydrog ? ? A C 4  N4 ? ? ? 1_555 B G 22 O6 ? ? A C 3  B G 43 1_555 ? ? ? ? ? ? WATSON-CRICK  ? ? ? 
hydrog6  hydrog ? ? A C 4  O2 ? ? ? 1_555 B G 22 N2 ? ? A C 3  B G 43 1_555 ? ? ? ? ? ? WATSON-CRICK  ? ? ? 
hydrog7  hydrog ? ? A G 5  N1 ? ? ? 1_555 B C 21 N3 ? ? A G 4  B C 42 1_555 ? ? ? ? ? ? WATSON-CRICK  ? ? ? 
hydrog8  hydrog ? ? A G 5  N2 ? ? ? 1_555 B C 21 O2 ? ? A G 4  B C 42 1_555 ? ? ? ? ? ? WATSON-CRICK  ? ? ? 
hydrog9  hydrog ? ? A G 5  O6 ? ? ? 1_555 B C 21 N4 ? ? A G 4  B C 42 1_555 ? ? ? ? ? ? WATSON-CRICK  ? ? ? 
hydrog10 hydrog ? ? A U 6  O4 ? ? ? 1_555 B U 20 N3 ? ? A U 5  B U 41 1_555 ? ? ? ? ? ? 'U-U MISPAIR' ? ? ? 
hydrog11 hydrog ? ? A C 7  N3 ? ? ? 1_555 B G 19 N1 ? ? A C 6  B G 40 1_555 ? ? ? ? ? ? WATSON-CRICK  ? ? ? 
hydrog12 hydrog ? ? A C 7  N4 ? ? ? 1_555 B G 19 O6 ? ? A C 6  B G 40 1_555 ? ? ? ? ? ? WATSON-CRICK  ? ? ? 
hydrog13 hydrog ? ? A C 7  O2 ? ? ? 1_555 B G 19 N2 ? ? A C 6  B G 40 1_555 ? ? ? ? ? ? WATSON-CRICK  ? ? ? 
hydrog14 hydrog ? ? A C 9  N3 ? ? ? 1_555 B G 16 N1 ? ? A C 8  B G 37 1_555 ? ? ? ? ? ? WATSON-CRICK  ? ? ? 
hydrog15 hydrog ? ? A C 9  N4 ? ? ? 1_555 B G 16 O6 ? ? A C 8  B G 37 1_555 ? ? ? ? ? ? WATSON-CRICK  ? ? ? 
hydrog16 hydrog ? ? A C 9  O2 ? ? ? 1_555 B G 16 N2 ? ? A C 8  B G 37 1_555 ? ? ? ? ? ? WATSON-CRICK  ? ? ? 
hydrog17 hydrog ? ? A A 10 N1 ? ? ? 1_555 B U 15 N3 ? ? A A 9  B U 36 1_555 ? ? ? ? ? ? WATSON-CRICK  ? ? ? 
hydrog18 hydrog ? ? A A 10 N6 ? ? ? 1_555 B U 15 O4 ? ? A A 9  B U 36 1_555 ? ? ? ? ? ? WATSON-CRICK  ? ? ? 
hydrog19 hydrog ? ? A C 11 N3 ? ? ? 1_555 B G 14 N1 ? ? A C 10 B G 35 1_555 ? ? ? ? ? ? WATSON-CRICK  ? ? ? 
hydrog20 hydrog ? ? A C 11 N4 ? ? ? 1_555 B G 14 O6 ? ? A C 10 B G 35 1_555 ? ? ? ? ? ? WATSON-CRICK  ? ? ? 
hydrog21 hydrog ? ? A C 11 O2 ? ? ? 1_555 B G 14 N2 ? ? A C 10 B G 35 1_555 ? ? ? ? ? ? WATSON-CRICK  ? ? ? 
hydrog22 hydrog ? ? A C 12 N3 ? ? ? 1_555 B G 13 N1 ? ? A C 11 B G 34 1_555 ? ? ? ? ? ? WATSON-CRICK  ? ? ? 
hydrog23 hydrog ? ? A C 12 N4 ? ? ? 1_555 B G 13 O6 ? ? A C 11 B G 34 1_555 ? ? ? ? ? ? WATSON-CRICK  ? ? ? 
hydrog24 hydrog ? ? A C 12 O2 ? ? ? 1_555 B G 13 N2 ? ? A C 11 B G 34 1_555 ? ? ? ? ? ? WATSON-CRICK  ? ? ? 
hydrog25 hydrog ? ? A G 13 N1 ? ? ? 1_555 B C 12 N3 ? ? A G 12 B C 33 1_555 ? ? ? ? ? ? WATSON-CRICK  ? ? ? 
hydrog26 hydrog ? ? A G 13 N2 ? ? ? 1_555 B C 12 O2 ? ? A G 12 B C 33 1_555 ? ? ? ? ? ? WATSON-CRICK  ? ? ? 
hydrog27 hydrog ? ? A G 13 O6 ? ? ? 1_555 B C 12 N4 ? ? A G 12 B C 33 1_555 ? ? ? ? ? ? WATSON-CRICK  ? ? ? 
hydrog28 hydrog ? ? A G 14 N1 ? ? ? 1_555 B C 11 N3 ? ? A G 13 B C 32 1_555 ? ? ? ? ? ? WATSON-CRICK  ? ? ? 
hydrog29 hydrog ? ? A G 14 N2 ? ? ? 1_555 B C 11 O2 ? ? A G 13 B C 32 1_555 ? ? ? ? ? ? WATSON-CRICK  ? ? ? 
hydrog30 hydrog ? ? A G 14 O6 ? ? ? 1_555 B C 11 N4 ? ? A G 13 B C 32 1_555 ? ? ? ? ? ? WATSON-CRICK  ? ? ? 
hydrog31 hydrog ? ? A U 15 N3 ? ? ? 1_555 B A 10 N1 ? ? A U 14 B A 31 1_555 ? ? ? ? ? ? WATSON-CRICK  ? ? ? 
hydrog32 hydrog ? ? A U 15 O4 ? ? ? 1_555 B A 10 N6 ? ? A U 14 B A 31 1_555 ? ? ? ? ? ? WATSON-CRICK  ? ? ? 
hydrog33 hydrog ? ? A G 16 N1 ? ? ? 1_555 B C 9  N3 ? ? A G 15 B C 30 1_555 ? ? ? ? ? ? WATSON-CRICK  ? ? ? 
hydrog34 hydrog ? ? A G 16 N2 ? ? ? 1_555 B C 9  O2 ? ? A G 15 B C 30 1_555 ? ? ? ? ? ? WATSON-CRICK  ? ? ? 
hydrog35 hydrog ? ? A G 16 O6 ? ? ? 1_555 B C 9  N4 ? ? A G 15 B C 30 1_555 ? ? ? ? ? ? WATSON-CRICK  ? ? ? 
hydrog36 hydrog ? ? A G 19 N1 ? ? ? 1_555 B C 7  N3 ? ? A G 18 B C 28 1_555 ? ? ? ? ? ? WATSON-CRICK  ? ? ? 
hydrog37 hydrog ? ? A G 19 N2 ? ? ? 1_555 B C 7  O2 ? ? A G 18 B C 28 1_555 ? ? ? ? ? ? WATSON-CRICK  ? ? ? 
hydrog38 hydrog ? ? A G 19 O6 ? ? ? 1_555 B C 7  N4 ? ? A G 18 B C 28 1_555 ? ? ? ? ? ? WATSON-CRICK  ? ? ? 
hydrog39 hydrog ? ? A U 20 N3 ? ? ? 1_555 B U 6  O4 ? ? A U 19 B U 27 1_555 ? ? ? ? ? ? 'U-U MISPAIR' ? ? ? 
hydrog40 hydrog ? ? A C 21 N3 ? ? ? 1_555 B G 5  N1 ? ? A C 20 B G 26 1_555 ? ? ? ? ? ? WATSON-CRICK  ? ? ? 
hydrog41 hydrog ? ? A C 21 N4 ? ? ? 1_555 B G 5  O6 ? ? A C 20 B G 26 1_555 ? ? ? ? ? ? WATSON-CRICK  ? ? ? 
hydrog42 hydrog ? ? A C 21 O2 ? ? ? 1_555 B G 5  N2 ? ? A C 20 B G 26 1_555 ? ? ? ? ? ? WATSON-CRICK  ? ? ? 
hydrog43 hydrog ? ? A G 22 N1 ? ? ? 1_555 B C 4  N3 ? ? A G 21 B C 25 1_555 ? ? ? ? ? ? WATSON-CRICK  ? ? ? 
hydrog44 hydrog ? ? A G 22 N2 ? ? ? 1_555 B C 4  O2 ? ? A G 21 B C 25 1_555 ? ? ? ? ? ? WATSON-CRICK  ? ? ? 
hydrog45 hydrog ? ? A G 22 O6 ? ? ? 1_555 B C 4  N4 ? ? A G 21 B C 25 1_555 ? ? ? ? ? ? WATSON-CRICK  ? ? ? 
hydrog46 hydrog ? ? A C 23 N3 ? ? ? 1_555 B G 3  N1 ? ? A C 22 B G 24 1_555 ? ? ? ? ? ? WATSON-CRICK  ? ? ? 
hydrog47 hydrog ? ? A C 23 N4 ? ? ? 1_555 B G 3  O6 ? ? A C 22 B G 24 1_555 ? ? ? ? ? ? WATSON-CRICK  ? ? ? 
hydrog48 hydrog ? ? A C 23 O2 ? ? ? 1_555 B G 3  N2 ? ? A C 22 B G 24 1_555 ? ? ? ? ? ? WATSON-CRICK  ? ? ? 
# 
_struct_conn_type.id          hydrog 
_struct_conn_type.criteria    ? 
_struct_conn_type.reference   ? 
# 
loop_
_struct_site.id 
_struct_site.pdbx_evidence_code 
_struct_site.pdbx_auth_asym_id 
_struct_site.pdbx_auth_comp_id 
_struct_site.pdbx_auth_seq_id 
_struct_site.pdbx_auth_ins_code 
_struct_site.pdbx_num_residues 
_struct_site.details 
AC1 Software A AKN 101 ? 15 'binding site for residue AKN A 101' 
AC2 Software B AKN 101 ? 16 'binding site for residue AKN B 101' 
# 
loop_
_struct_site_gen.id 
_struct_site_gen.site_id 
_struct_site_gen.pdbx_num_res 
_struct_site_gen.label_comp_id 
_struct_site_gen.label_asym_id 
_struct_site_gen.label_seq_id 
_struct_site_gen.pdbx_auth_ins_code 
_struct_site_gen.auth_comp_id 
_struct_site_gen.auth_asym_id 
_struct_site_gen.auth_seq_id 
_struct_site_gen.label_atom_id 
_struct_site_gen.label_alt_id 
_struct_site_gen.symmetry 
_struct_site_gen.details 
1  AC1 15 G   A 16 ? G   A 15  . ? 1_555 ? 
2  AC1 15 A   A 17 ? A   A 16  . ? 1_555 ? 
3  AC1 15 A   A 18 ? A   A 17  . ? 1_555 ? 
4  AC1 15 G   A 19 ? G   A 18  . ? 1_555 ? 
5  AC1 15 U   A 20 ? U   A 19  . ? 1_555 ? 
6  AC1 15 C   A 21 ? C   A 20  . ? 1_555 ? 
7  AC1 15 G   A 22 ? G   A 21  . ? 1_555 ? 
8  AC1 15 C   A 23 ? C   A 22  . ? 1_555 ? 
9  AC1 15 HOH E .  ? HOH A 233 . ? 1_555 ? 
10 AC1 15 G   B 3  ? G   B 24  . ? 1_555 ? 
11 AC1 15 C   B 4  ? C   B 25  . ? 1_555 ? 
12 AC1 15 G   B 5  ? G   B 26  . ? 1_555 ? 
13 AC1 15 U   B 6  ? U   B 27  . ? 1_555 ? 
14 AC1 15 C   B 7  ? C   B 28  . ? 1_555 ? 
15 AC1 15 A   B 8  ? A   B 29  . ? 1_555 ? 
16 AC2 16 G   A 3  ? G   A 2   . ? 1_555 ? 
17 AC2 16 C   A 4  ? C   A 3   . ? 1_555 ? 
18 AC2 16 G   A 5  ? G   A 4   . ? 1_555 ? 
19 AC2 16 C   A 7  ? C   A 6   . ? 1_555 ? 
20 AC2 16 A   A 8  ? A   A 7   . ? 1_555 ? 
21 AC2 16 G   B 16 ? G   B 37  . ? 1_555 ? 
22 AC2 16 A   B 17 ? A   B 38  . ? 1_555 ? 
23 AC2 16 A   B 18 ? A   B 39  . ? 1_555 ? 
24 AC2 16 G   B 19 ? G   B 40  . ? 1_555 ? 
25 AC2 16 U   B 20 ? U   B 41  . ? 1_555 ? 
26 AC2 16 C   B 21 ? C   B 42  . ? 1_555 ? 
27 AC2 16 G   B 22 ? G   B 43  . ? 1_555 ? 
28 AC2 16 C   B 23 ? C   B 44  . ? 1_555 ? 
29 AC2 16 HOH F .  ? HOH B 203 . ? 1_555 ? 
30 AC2 16 HOH F .  ? HOH B 207 . ? 1_555 ? 
31 AC2 16 HOH F .  ? HOH B 222 . ? 1_555 ? 
# 
_pdbx_validate_planes.id              1 
_pdbx_validate_planes.PDB_model_num   1 
_pdbx_validate_planes.auth_comp_id    U 
_pdbx_validate_planes.auth_asym_id    A 
_pdbx_validate_planes.auth_seq_id     5 
_pdbx_validate_planes.PDB_ins_code    ? 
_pdbx_validate_planes.label_alt_id    ? 
_pdbx_validate_planes.rmsd            0.071 
_pdbx_validate_planes.type            'SIDE CHAIN' 
# 
_phasing.method   MR 
# 
_pdbx_distant_solvent_atoms.id                                1 
_pdbx_distant_solvent_atoms.PDB_model_num                     1 
_pdbx_distant_solvent_atoms.auth_atom_id                      O 
_pdbx_distant_solvent_atoms.label_alt_id                      ? 
_pdbx_distant_solvent_atoms.auth_asym_id                      B 
_pdbx_distant_solvent_atoms.auth_comp_id                      HOH 
_pdbx_distant_solvent_atoms.auth_seq_id                       223 
_pdbx_distant_solvent_atoms.PDB_ins_code                      ? 
_pdbx_distant_solvent_atoms.neighbor_macromolecule_distance   5.86 
_pdbx_distant_solvent_atoms.neighbor_ligand_distance          . 
# 
loop_
_pdbx_unobs_or_zero_occ_residues.id 
_pdbx_unobs_or_zero_occ_residues.PDB_model_num 
_pdbx_unobs_or_zero_occ_residues.polymer_flag 
_pdbx_unobs_or_zero_occ_residues.occupancy_flag 
_pdbx_unobs_or_zero_occ_residues.auth_asym_id 
_pdbx_unobs_or_zero_occ_residues.auth_comp_id 
_pdbx_unobs_or_zero_occ_residues.auth_seq_id 
_pdbx_unobs_or_zero_occ_residues.PDB_ins_code 
_pdbx_unobs_or_zero_occ_residues.label_asym_id 
_pdbx_unobs_or_zero_occ_residues.label_comp_id 
_pdbx_unobs_or_zero_occ_residues.label_seq_id 
1 1 Y 1 A U 0  ? A U 1 
2 1 Y 1 A U 1  ? A U 2 
3 1 Y 1 B U 22 ? B U 1 
4 1 Y 1 B U 23 ? B U 2 
# 
loop_
_chem_comp_atom.comp_id 
_chem_comp_atom.atom_id 
_chem_comp_atom.type_symbol 
_chem_comp_atom.pdbx_aromatic_flag 
_chem_comp_atom.pdbx_stereo_config 
_chem_comp_atom.pdbx_ordinal 
A   OP3    O N N 1   
A   P      P N N 2   
A   OP1    O N N 3   
A   OP2    O N N 4   
A   "O5'"  O N N 5   
A   "C5'"  C N N 6   
A   "C4'"  C N R 7   
A   "O4'"  O N N 8   
A   "C3'"  C N S 9   
A   "O3'"  O N N 10  
A   "C2'"  C N R 11  
A   "O2'"  O N N 12  
A   "C1'"  C N R 13  
A   N9     N Y N 14  
A   C8     C Y N 15  
A   N7     N Y N 16  
A   C5     C Y N 17  
A   C6     C Y N 18  
A   N6     N N N 19  
A   N1     N Y N 20  
A   C2     C Y N 21  
A   N3     N Y N 22  
A   C4     C Y N 23  
A   HOP3   H N N 24  
A   HOP2   H N N 25  
A   "H5'"  H N N 26  
A   "H5''" H N N 27  
A   "H4'"  H N N 28  
A   "H3'"  H N N 29  
A   "HO3'" H N N 30  
A   "H2'"  H N N 31  
A   "HO2'" H N N 32  
A   "H1'"  H N N 33  
A   H8     H N N 34  
A   H61    H N N 35  
A   H62    H N N 36  
A   H2     H N N 37  
AKN C1     C N R 38  
AKN C3     C N R 39  
AKN C4     C N S 40  
AKN C5     C N S 41  
AKN C7     C N R 42  
AKN C9     C N N 43  
AKN O6     O N N 44  
AKN O2     O N N 45  
AKN O8     O N N 46  
AKN N10    N N N 47  
AKN C11    C N R 48  
AKN N12    N N N 49  
AKN C13    C N N 50  
AKN C14    C N S 51  
AKN N15    N N N 52  
AKN C16    C N R 53  
AKN C17    C N S 54  
AKN O18    O N N 55  
AKN C19    C N S 56  
AKN O20    O N N 57  
AKN C21    C N S 58  
AKN C22    C N R 59  
AKN O23    O N N 60  
AKN C24    C N S 61  
AKN N25    N N N 62  
AKN C26    C N S 63  
AKN O27    O N N 64  
AKN C28    C N R 65  
AKN O29    O N N 66  
AKN C30    C N N 67  
AKN O31    O N N 68  
AKN O32    O N N 69  
AKN O33    O N N 70  
AKN N37    N N N 71  
AKN C35    C N N 72  
AKN O36    O N N 73  
AKN C37    C N S 74  
AKN C38    C N N 75  
AKN C39    C N N 76  
AKN O40    O N N 77  
AKN H1     H N N 78  
AKN H2     H N N 79  
AKN H3     H N N 80  
AKN H4     H N N 81  
AKN H5     H N N 82  
AKN H6     H N N 83  
AKN H7     H N N 84  
AKN H8     H N N 85  
AKN H9     H N N 86  
AKN H10    H N N 87  
AKN H12    H N N 88  
AKN H13    H N N 89  
AKN H14    H N N 90  
AKN H15    H N N 91  
AKN H16    H N N 92  
AKN H17    H N N 93  
AKN H18    H N N 94  
AKN H20    H N N 95  
AKN H21    H N N 96  
AKN H22    H N N 97  
AKN H23    H N N 98  
AKN H24    H N N 99  
AKN H25    H N N 100 
AKN H26    H N N 101 
AKN H27    H N N 102 
AKN H28    H N N 103 
AKN H29    H N N 104 
AKN H31    H N N 105 
AKN H32    H N N 106 
AKN H33    H N N 107 
AKN H34    H N N 108 
AKN H35    H N N 109 
AKN H36    H N N 110 
AKN H37    H N N 111 
AKN H38    H N N 112 
AKN H39    H N N 113 
AKN H40    H N N 114 
AKN H42    H N N 115 
AKN H43    H N N 116 
AKN H44    H N N 117 
AKN H45    H N N 118 
AKN H46    H N N 119 
AKN H47    H N N 120 
C   OP3    O N N 121 
C   P      P N N 122 
C   OP1    O N N 123 
C   OP2    O N N 124 
C   "O5'"  O N N 125 
C   "C5'"  C N N 126 
C   "C4'"  C N R 127 
C   "O4'"  O N N 128 
C   "C3'"  C N S 129 
C   "O3'"  O N N 130 
C   "C2'"  C N R 131 
C   "O2'"  O N N 132 
C   "C1'"  C N R 133 
C   N1     N N N 134 
C   C2     C N N 135 
C   O2     O N N 136 
C   N3     N N N 137 
C   C4     C N N 138 
C   N4     N N N 139 
C   C5     C N N 140 
C   C6     C N N 141 
C   HOP3   H N N 142 
C   HOP2   H N N 143 
C   "H5'"  H N N 144 
C   "H5''" H N N 145 
C   "H4'"  H N N 146 
C   "H3'"  H N N 147 
C   "HO3'" H N N 148 
C   "H2'"  H N N 149 
C   "HO2'" H N N 150 
C   "H1'"  H N N 151 
C   H41    H N N 152 
C   H42    H N N 153 
C   H5     H N N 154 
C   H6     H N N 155 
G   OP3    O N N 156 
G   P      P N N 157 
G   OP1    O N N 158 
G   OP2    O N N 159 
G   "O5'"  O N N 160 
G   "C5'"  C N N 161 
G   "C4'"  C N R 162 
G   "O4'"  O N N 163 
G   "C3'"  C N S 164 
G   "O3'"  O N N 165 
G   "C2'"  C N R 166 
G   "O2'"  O N N 167 
G   "C1'"  C N R 168 
G   N9     N Y N 169 
G   C8     C Y N 170 
G   N7     N Y N 171 
G   C5     C Y N 172 
G   C6     C N N 173 
G   O6     O N N 174 
G   N1     N N N 175 
G   C2     C N N 176 
G   N2     N N N 177 
G   N3     N N N 178 
G   C4     C Y N 179 
G   HOP3   H N N 180 
G   HOP2   H N N 181 
G   "H5'"  H N N 182 
G   "H5''" H N N 183 
G   "H4'"  H N N 184 
G   "H3'"  H N N 185 
G   "HO3'" H N N 186 
G   "H2'"  H N N 187 
G   "HO2'" H N N 188 
G   "H1'"  H N N 189 
G   H8     H N N 190 
G   H1     H N N 191 
G   H21    H N N 192 
G   H22    H N N 193 
HOH O      O N N 194 
HOH H1     H N N 195 
HOH H2     H N N 196 
U   OP3    O N N 197 
U   P      P N N 198 
U   OP1    O N N 199 
U   OP2    O N N 200 
U   "O5'"  O N N 201 
U   "C5'"  C N N 202 
U   "C4'"  C N R 203 
U   "O4'"  O N N 204 
U   "C3'"  C N S 205 
U   "O3'"  O N N 206 
U   "C2'"  C N R 207 
U   "O2'"  O N N 208 
U   "C1'"  C N R 209 
U   N1     N N N 210 
U   C2     C N N 211 
U   O2     O N N 212 
U   N3     N N N 213 
U   C4     C N N 214 
U   O4     O N N 215 
U   C5     C N N 216 
U   C6     C N N 217 
U   HOP3   H N N 218 
U   HOP2   H N N 219 
U   "H5'"  H N N 220 
U   "H5''" H N N 221 
U   "H4'"  H N N 222 
U   "H3'"  H N N 223 
U   "HO3'" H N N 224 
U   "H2'"  H N N 225 
U   "HO2'" H N N 226 
U   "H1'"  H N N 227 
U   H3     H N N 228 
U   H5     H N N 229 
U   H6     H N N 230 
# 
loop_
_chem_comp_bond.comp_id 
_chem_comp_bond.atom_id_1 
_chem_comp_bond.atom_id_2 
_chem_comp_bond.value_order 
_chem_comp_bond.pdbx_aromatic_flag 
_chem_comp_bond.pdbx_stereo_config 
_chem_comp_bond.pdbx_ordinal 
A   OP3   P      sing N N 1   
A   OP3   HOP3   sing N N 2   
A   P     OP1    doub N N 3   
A   P     OP2    sing N N 4   
A   P     "O5'"  sing N N 5   
A   OP2   HOP2   sing N N 6   
A   "O5'" "C5'"  sing N N 7   
A   "C5'" "C4'"  sing N N 8   
A   "C5'" "H5'"  sing N N 9   
A   "C5'" "H5''" sing N N 10  
A   "C4'" "O4'"  sing N N 11  
A   "C4'" "C3'"  sing N N 12  
A   "C4'" "H4'"  sing N N 13  
A   "O4'" "C1'"  sing N N 14  
A   "C3'" "O3'"  sing N N 15  
A   "C3'" "C2'"  sing N N 16  
A   "C3'" "H3'"  sing N N 17  
A   "O3'" "HO3'" sing N N 18  
A   "C2'" "O2'"  sing N N 19  
A   "C2'" "C1'"  sing N N 20  
A   "C2'" "H2'"  sing N N 21  
A   "O2'" "HO2'" sing N N 22  
A   "C1'" N9     sing N N 23  
A   "C1'" "H1'"  sing N N 24  
A   N9    C8     sing Y N 25  
A   N9    C4     sing Y N 26  
A   C8    N7     doub Y N 27  
A   C8    H8     sing N N 28  
A   N7    C5     sing Y N 29  
A   C5    C6     sing Y N 30  
A   C5    C4     doub Y N 31  
A   C6    N6     sing N N 32  
A   C6    N1     doub Y N 33  
A   N6    H61    sing N N 34  
A   N6    H62    sing N N 35  
A   N1    C2     sing Y N 36  
A   C2    N3     doub Y N 37  
A   C2    H2     sing N N 38  
A   N3    C4     sing Y N 39  
AKN O6    C5     sing N N 40  
AKN C9    C7     sing N N 41  
AKN C9    N10    sing N N 42  
AKN C5    C7     sing N N 43  
AKN C5    C4     sing N N 44  
AKN O33   C4     sing N N 45  
AKN C7    O8     sing N N 46  
AKN N15   C14    sing N N 47  
AKN C4    C3     sing N N 48  
AKN C14   C13    sing N N 49  
AKN C14   C16    sing N N 50  
AKN O8    C1     sing N N 51  
AKN O2    C1     sing N N 52  
AKN O2    C16    sing N N 53  
AKN C3    C1     sing N N 54  
AKN C3    O32    sing N N 55  
AKN C13   C11    sing N N 56  
AKN C16   C17    sing N N 57  
AKN O36   C35    doub N N 58  
AKN C11   N12    sing N N 59  
AKN C11   C19    sing N N 60  
AKN C35   N12    sing N N 61  
AKN C35   C37    sing N N 62  
AKN C17   C19    sing N N 63  
AKN C17   O18    sing N N 64  
AKN C37   O40    sing N N 65  
AKN C37   C38    sing N N 66  
AKN C19   O20    sing N N 67  
AKN C38   C39    sing N N 68  
AKN C39   N37    sing N N 69  
AKN O20   C21    sing N N 70  
AKN O23   C22    sing N N 71  
AKN C21   C22    sing N N 72  
AKN C21   O29    sing N N 73  
AKN C22   C24    sing N N 74  
AKN O29   C28    sing N N 75  
AKN C24   N25    sing N N 76  
AKN C24   C26    sing N N 77  
AKN C28   C26    sing N N 78  
AKN C28   C30    sing N N 79  
AKN C26   O27    sing N N 80  
AKN C30   O31    sing N N 81  
AKN C1    H1     sing N N 82  
AKN C3    H2     sing N N 83  
AKN C4    H3     sing N N 84  
AKN C5    H4     sing N N 85  
AKN C7    H5     sing N N 86  
AKN C9    H6     sing N N 87  
AKN C9    H7     sing N N 88  
AKN O6    H8     sing N N 89  
AKN N10   H9     sing N N 90  
AKN N10   H10    sing N N 91  
AKN C11   H12    sing N N 92  
AKN N12   H13    sing N N 93  
AKN C13   H14    sing N N 94  
AKN C13   H15    sing N N 95  
AKN C14   H16    sing N N 96  
AKN N15   H17    sing N N 97  
AKN N15   H18    sing N N 98  
AKN C16   H20    sing N N 99  
AKN C17   H21    sing N N 100 
AKN O18   H22    sing N N 101 
AKN C19   H23    sing N N 102 
AKN C21   H24    sing N N 103 
AKN C22   H25    sing N N 104 
AKN O23   H26    sing N N 105 
AKN C24   H27    sing N N 106 
AKN N25   H28    sing N N 107 
AKN N25   H29    sing N N 108 
AKN C26   H31    sing N N 109 
AKN O27   H32    sing N N 110 
AKN C28   H33    sing N N 111 
AKN C30   H34    sing N N 112 
AKN C30   H35    sing N N 113 
AKN O31   H36    sing N N 114 
AKN O32   H37    sing N N 115 
AKN O33   H38    sing N N 116 
AKN N37   H39    sing N N 117 
AKN N37   H40    sing N N 118 
AKN C37   H42    sing N N 119 
AKN C38   H43    sing N N 120 
AKN C38   H44    sing N N 121 
AKN C39   H45    sing N N 122 
AKN C39   H46    sing N N 123 
AKN O40   H47    sing N N 124 
C   OP3   P      sing N N 125 
C   OP3   HOP3   sing N N 126 
C   P     OP1    doub N N 127 
C   P     OP2    sing N N 128 
C   P     "O5'"  sing N N 129 
C   OP2   HOP2   sing N N 130 
C   "O5'" "C5'"  sing N N 131 
C   "C5'" "C4'"  sing N N 132 
C   "C5'" "H5'"  sing N N 133 
C   "C5'" "H5''" sing N N 134 
C   "C4'" "O4'"  sing N N 135 
C   "C4'" "C3'"  sing N N 136 
C   "C4'" "H4'"  sing N N 137 
C   "O4'" "C1'"  sing N N 138 
C   "C3'" "O3'"  sing N N 139 
C   "C3'" "C2'"  sing N N 140 
C   "C3'" "H3'"  sing N N 141 
C   "O3'" "HO3'" sing N N 142 
C   "C2'" "O2'"  sing N N 143 
C   "C2'" "C1'"  sing N N 144 
C   "C2'" "H2'"  sing N N 145 
C   "O2'" "HO2'" sing N N 146 
C   "C1'" N1     sing N N 147 
C   "C1'" "H1'"  sing N N 148 
C   N1    C2     sing N N 149 
C   N1    C6     sing N N 150 
C   C2    O2     doub N N 151 
C   C2    N3     sing N N 152 
C   N3    C4     doub N N 153 
C   C4    N4     sing N N 154 
C   C4    C5     sing N N 155 
C   N4    H41    sing N N 156 
C   N4    H42    sing N N 157 
C   C5    C6     doub N N 158 
C   C5    H5     sing N N 159 
C   C6    H6     sing N N 160 
G   OP3   P      sing N N 161 
G   OP3   HOP3   sing N N 162 
G   P     OP1    doub N N 163 
G   P     OP2    sing N N 164 
G   P     "O5'"  sing N N 165 
G   OP2   HOP2   sing N N 166 
G   "O5'" "C5'"  sing N N 167 
G   "C5'" "C4'"  sing N N 168 
G   "C5'" "H5'"  sing N N 169 
G   "C5'" "H5''" sing N N 170 
G   "C4'" "O4'"  sing N N 171 
G   "C4'" "C3'"  sing N N 172 
G   "C4'" "H4'"  sing N N 173 
G   "O4'" "C1'"  sing N N 174 
G   "C3'" "O3'"  sing N N 175 
G   "C3'" "C2'"  sing N N 176 
G   "C3'" "H3'"  sing N N 177 
G   "O3'" "HO3'" sing N N 178 
G   "C2'" "O2'"  sing N N 179 
G   "C2'" "C1'"  sing N N 180 
G   "C2'" "H2'"  sing N N 181 
G   "O2'" "HO2'" sing N N 182 
G   "C1'" N9     sing N N 183 
G   "C1'" "H1'"  sing N N 184 
G   N9    C8     sing Y N 185 
G   N9    C4     sing Y N 186 
G   C8    N7     doub Y N 187 
G   C8    H8     sing N N 188 
G   N7    C5     sing Y N 189 
G   C5    C6     sing N N 190 
G   C5    C4     doub Y N 191 
G   C6    O6     doub N N 192 
G   C6    N1     sing N N 193 
G   N1    C2     sing N N 194 
G   N1    H1     sing N N 195 
G   C2    N2     sing N N 196 
G   C2    N3     doub N N 197 
G   N2    H21    sing N N 198 
G   N2    H22    sing N N 199 
G   N3    C4     sing N N 200 
HOH O     H1     sing N N 201 
HOH O     H2     sing N N 202 
U   OP3   P      sing N N 203 
U   OP3   HOP3   sing N N 204 
U   P     OP1    doub N N 205 
U   P     OP2    sing N N 206 
U   P     "O5'"  sing N N 207 
U   OP2   HOP2   sing N N 208 
U   "O5'" "C5'"  sing N N 209 
U   "C5'" "C4'"  sing N N 210 
U   "C5'" "H5'"  sing N N 211 
U   "C5'" "H5''" sing N N 212 
U   "C4'" "O4'"  sing N N 213 
U   "C4'" "C3'"  sing N N 214 
U   "C4'" "H4'"  sing N N 215 
U   "O4'" "C1'"  sing N N 216 
U   "C3'" "O3'"  sing N N 217 
U   "C3'" "C2'"  sing N N 218 
U   "C3'" "H3'"  sing N N 219 
U   "O3'" "HO3'" sing N N 220 
U   "C2'" "O2'"  sing N N 221 
U   "C2'" "C1'"  sing N N 222 
U   "C2'" "H2'"  sing N N 223 
U   "O2'" "HO2'" sing N N 224 
U   "C1'" N1     sing N N 225 
U   "C1'" "H1'"  sing N N 226 
U   N1    C2     sing N N 227 
U   N1    C6     sing N N 228 
U   C2    O2     doub N N 229 
U   C2    N3     sing N N 230 
U   N3    C4     sing N N 231 
U   N3    H3     sing N N 232 
U   C4    O4     doub N N 233 
U   C4    C5     sing N N 234 
U   C5    C6     doub N N 235 
U   C5    H5     sing N N 236 
U   C6    H6     sing N N 237 
# 
loop_
_ndb_struct_conf_na.entry_id 
_ndb_struct_conf_na.feature 
4P20 'double helix'        
4P20 'a-form double helix' 
# 
loop_
_ndb_struct_na_base_pair.model_number 
_ndb_struct_na_base_pair.i_label_asym_id 
_ndb_struct_na_base_pair.i_label_comp_id 
_ndb_struct_na_base_pair.i_label_seq_id 
_ndb_struct_na_base_pair.i_symmetry 
_ndb_struct_na_base_pair.j_label_asym_id 
_ndb_struct_na_base_pair.j_label_comp_id 
_ndb_struct_na_base_pair.j_label_seq_id 
_ndb_struct_na_base_pair.j_symmetry 
_ndb_struct_na_base_pair.shear 
_ndb_struct_na_base_pair.stretch 
_ndb_struct_na_base_pair.stagger 
_ndb_struct_na_base_pair.buckle 
_ndb_struct_na_base_pair.propeller 
_ndb_struct_na_base_pair.opening 
_ndb_struct_na_base_pair.pair_number 
_ndb_struct_na_base_pair.pair_name 
_ndb_struct_na_base_pair.i_auth_asym_id 
_ndb_struct_na_base_pair.i_auth_seq_id 
_ndb_struct_na_base_pair.i_PDB_ins_code 
_ndb_struct_na_base_pair.j_auth_asym_id 
_ndb_struct_na_base_pair.j_auth_seq_id 
_ndb_struct_na_base_pair.j_PDB_ins_code 
_ndb_struct_na_base_pair.hbond_type_28 
_ndb_struct_na_base_pair.hbond_type_12 
1 A G 3  1_555 B C 23 1_555 -0.192 -0.153 0.383  3.829   -7.384  1.850   1  A_G2:C44_B  A 2  ? B 44 ? 19 1 
1 A C 4  1_555 B G 22 1_555 0.090  -0.025 0.267  -1.454  -12.569 -1.760  2  A_C3:G43_B  A 3  ? B 43 ? 19 1 
1 A G 5  1_555 B C 21 1_555 -0.317 -0.010 0.040  3.609   -5.903  1.583   3  A_G4:C42_B  A 4  ? B 42 ? 19 1 
1 A U 6  1_555 B U 20 1_555 -2.758 -1.071 -1.270 10.070  -9.261  -27.554 4  A_U5:U41_B  A 5  ? B 41 ? ?  ? 
1 A C 7  1_555 B G 19 1_555 0.373  -0.208 -0.196 -5.086  -0.342  -1.470  5  A_C6:G40_B  A 6  ? B 40 ? 19 1 
1 A C 9  1_555 B G 16 1_555 0.214  -0.132 0.011  7.101   -20.838 0.320   6  A_C8:G37_B  A 8  ? B 37 ? 19 1 
1 A A 10 1_555 B U 15 1_555 0.124  -0.080 -0.161 1.076   -18.388 1.939   7  A_A9:U36_B  A 9  ? B 36 ? 20 1 
1 A C 11 1_555 B G 14 1_555 0.296  -0.190 0.056  6.331   -18.283 -0.089  8  A_C10:G35_B A 10 ? B 35 ? 19 1 
1 A C 12 1_555 B G 13 1_555 0.053  -0.122 0.442  -2.146  -4.110  2.117   9  A_C11:G34_B A 11 ? B 34 ? 19 1 
1 A G 13 1_555 B C 12 1_555 -0.076 -0.109 0.319  -0.590  -9.055  -0.388  10 A_G12:C33_B A 12 ? B 33 ? 19 1 
1 A G 14 1_555 B C 11 1_555 -0.049 -0.018 -0.107 -5.961  -17.569 2.168   11 A_G13:C32_B A 13 ? B 32 ? 19 1 
1 A U 15 1_555 B A 10 1_555 -0.015 -0.131 -0.137 4.930   -11.392 0.705   12 A_U14:A31_B A 14 ? B 31 ? 20 1 
1 A G 16 1_555 B C 9  1_555 -0.335 -0.046 -0.052 -15.766 -25.962 0.003   13 A_G15:C30_B A 15 ? B 30 ? 19 1 
1 A G 19 1_555 B C 7  1_555 -0.242 -0.229 -0.233 4.399   1.924   -2.127  14 A_G18:C28_B A 18 ? B 28 ? 19 1 
1 A U 20 1_555 B U 6  1_555 2.017  -1.312 -0.475 1.451   -6.581  -28.908 15 A_U19:U27_B A 19 ? B 27 ? ?  ? 
1 A C 21 1_555 B G 5  1_555 0.325  -0.251 -0.129 4.101   -0.051  -0.239  16 A_C20:G26_B A 20 ? B 26 ? 19 1 
1 A G 22 1_555 B C 4  1_555 -0.152 -0.052 0.226  -2.854  -2.231  3.969   17 A_G21:C25_B A 21 ? B 25 ? 19 1 
1 A C 23 1_555 B G 3  1_555 0.365  -0.076 0.434  -0.635  -3.250  6.447   18 A_C22:G24_B A 22 ? B 24 ? 19 1 
# 
loop_
_ndb_struct_na_base_pair_step.model_number 
_ndb_struct_na_base_pair_step.i_label_asym_id_1 
_ndb_struct_na_base_pair_step.i_label_comp_id_1 
_ndb_struct_na_base_pair_step.i_label_seq_id_1 
_ndb_struct_na_base_pair_step.i_symmetry_1 
_ndb_struct_na_base_pair_step.j_label_asym_id_1 
_ndb_struct_na_base_pair_step.j_label_comp_id_1 
_ndb_struct_na_base_pair_step.j_label_seq_id_1 
_ndb_struct_na_base_pair_step.j_symmetry_1 
_ndb_struct_na_base_pair_step.i_label_asym_id_2 
_ndb_struct_na_base_pair_step.i_label_comp_id_2 
_ndb_struct_na_base_pair_step.i_label_seq_id_2 
_ndb_struct_na_base_pair_step.i_symmetry_2 
_ndb_struct_na_base_pair_step.j_label_asym_id_2 
_ndb_struct_na_base_pair_step.j_label_comp_id_2 
_ndb_struct_na_base_pair_step.j_label_seq_id_2 
_ndb_struct_na_base_pair_step.j_symmetry_2 
_ndb_struct_na_base_pair_step.shift 
_ndb_struct_na_base_pair_step.slide 
_ndb_struct_na_base_pair_step.rise 
_ndb_struct_na_base_pair_step.tilt 
_ndb_struct_na_base_pair_step.roll 
_ndb_struct_na_base_pair_step.twist 
_ndb_struct_na_base_pair_step.x_displacement 
_ndb_struct_na_base_pair_step.y_displacement 
_ndb_struct_na_base_pair_step.helical_rise 
_ndb_struct_na_base_pair_step.inclination 
_ndb_struct_na_base_pair_step.tip 
_ndb_struct_na_base_pair_step.helical_twist 
_ndb_struct_na_base_pair_step.step_number 
_ndb_struct_na_base_pair_step.step_name 
_ndb_struct_na_base_pair_step.i_auth_asym_id_1 
_ndb_struct_na_base_pair_step.i_auth_seq_id_1 
_ndb_struct_na_base_pair_step.i_PDB_ins_code_1 
_ndb_struct_na_base_pair_step.j_auth_asym_id_1 
_ndb_struct_na_base_pair_step.j_auth_seq_id_1 
_ndb_struct_na_base_pair_step.j_PDB_ins_code_1 
_ndb_struct_na_base_pair_step.i_auth_asym_id_2 
_ndb_struct_na_base_pair_step.i_auth_seq_id_2 
_ndb_struct_na_base_pair_step.i_PDB_ins_code_2 
_ndb_struct_na_base_pair_step.j_auth_asym_id_2 
_ndb_struct_na_base_pair_step.j_auth_seq_id_2 
_ndb_struct_na_base_pair_step.j_PDB_ins_code_2 
1 A G 3  1_555 B C 23 1_555 A C 4  1_555 B G 22 1_555 -0.342 -1.866 3.416 -0.982  1.992  34.056 -3.506 0.422  3.313 3.396  1.675   
34.126 1  AA_G2C3:G43C44_BB   A 2  ? B 44 ? A 3  ? B 43 ? 
1 A C 4  1_555 B G 22 1_555 A G 5  1_555 B C 21 1_555 -0.301 -1.947 2.969 0.498   6.366  27.571 -5.226 0.713  2.461 13.136 -1.027  
28.287 2  AA_C3G4:C42G43_BB   A 3  ? B 43 ? A 4  ? B 42 ? 
1 A G 5  1_555 B C 21 1_555 A U 6  1_555 B U 20 1_555 -0.712 -2.139 3.212 7.205   3.628  18.480 -7.584 4.954  2.314 10.661 -21.176 
20.150 3  AA_G4U5:U41C42_BB   A 4  ? B 42 ? A 5  ? B 41 ? 
1 A U 6  1_555 B U 20 1_555 A C 7  1_555 B G 19 1_555 2.036  -2.448 4.004 -5.027  4.448  46.687 -3.483 -3.023 3.545 5.578  6.305   
47.141 4  AA_U5C6:G40U41_BB   A 5  ? B 41 ? A 6  ? B 40 ? 
1 A C 7  1_555 B G 19 1_555 A C 9  1_555 B G 16 1_555 1.314  -3.303 6.352 -10.294 14.274 77.339 -3.317 -1.553 5.592 11.286 8.139   
79.009 5  AA_C6C8:G37G40_BB   A 6  ? B 40 ? A 8  ? B 37 ? 
1 A C 9  1_555 B G 16 1_555 A A 10 1_555 B U 15 1_555 -0.071 -1.563 3.340 1.036   15.652 30.404 -4.930 0.271  2.283 27.653 -1.831  
34.127 6  AA_C8A9:U36G37_BB   A 8  ? B 37 ? A 9  ? B 36 ? 
1 A A 10 1_555 B U 15 1_555 A C 11 1_555 B G 14 1_555 0.670  -1.825 3.109 0.305   3.116  31.387 -3.894 -1.180 2.925 5.743  -0.563  
31.539 7  AA_A9C10:G35U36_BB  A 9  ? B 36 ? A 10 ? B 35 ? 
1 A C 11 1_555 B G 14 1_555 A C 12 1_555 B G 13 1_555 -0.628 -2.050 3.496 -4.864  3.943  30.642 -4.584 0.202  3.272 7.365  9.086   
31.260 8  AA_C10C11:G34G35_BB A 10 ? B 35 ? A 11 ? B 34 ? 
1 A C 12 1_555 B G 13 1_555 A G 13 1_555 B C 12 1_555 -0.125 -1.656 3.072 0.295   7.040  30.429 -4.259 0.281  2.630 13.191 -0.552  
31.215 9  AA_C11G12:C33G34_BB A 11 ? B 34 ? A 12 ? B 33 ? 
1 A G 13 1_555 B C 12 1_555 A G 14 1_555 B C 11 1_555 0.391  -1.598 3.236 5.249   9.563  32.985 -4.049 0.096  2.710 16.297 -8.945  
34.694 10 AA_G12G13:C32C33_BB A 12 ? B 33 ? A 13 ? B 32 ? 
1 A G 14 1_555 B C 11 1_555 A U 15 1_555 B A 10 1_555 -0.163 -1.509 3.108 -0.267  -1.783 29.114 -2.622 0.267  3.194 -3.543 0.531   
29.168 11 AA_G13U14:A31C32_BB A 13 ? B 32 ? A 14 ? B 31 ? 
1 A U 15 1_555 B A 10 1_555 A G 16 1_555 B C 9  1_555 0.390  -1.453 3.559 2.059   22.078 33.941 -4.531 -0.338 2.259 33.729 -3.146  
40.363 12 AA_U14G15:C30A31_BB A 14 ? B 31 ? A 15 ? B 30 ? 
1 A G 16 1_555 B C 9  1_555 A G 19 1_555 B C 7  1_555 -1.554 -3.469 6.085 5.801   14.748 76.250 -3.506 1.530  5.336 11.823 -4.650  
77.633 13 AA_G15G18:C28C30_BB A 15 ? B 30 ? A 18 ? B 28 ? 
1 A G 19 1_555 B C 7  1_555 A U 20 1_555 B U 6  1_555 -1.645 -2.417 3.553 0.779   -1.924 45.326 -2.947 2.209  3.620 -2.495 -1.010  
45.371 14 AA_G18U19:U27C28_BB A 18 ? B 28 ? A 19 ? B 27 ? 
1 A U 20 1_555 B U 6  1_555 A C 21 1_555 B G 5  1_555 0.674  -2.647 3.293 -0.172  8.383  22.565 -8.680 -1.665 2.177 20.536 0.421   
24.053 15 AA_U19C20:G26U27_BB A 19 ? B 27 ? A 20 ? B 26 ? 
1 A C 21 1_555 B G 5  1_555 A G 22 1_555 B C 4  1_555 0.737  -1.668 3.288 -1.505  5.512  27.935 -4.585 -1.823 2.869 11.269 3.078   
28.502 16 AA_C20G21:C25G26_BB A 20 ? B 26 ? A 21 ? B 25 ? 
1 A G 22 1_555 B C 4  1_555 A C 23 1_555 B G 3  1_555 0.374  -2.243 3.149 0.826   -0.607 34.625 -3.676 -0.505 3.194 -1.019 -1.387  
34.640 17 AA_G21C22:G24C25_BB A 21 ? B 25 ? A 22 ? B 24 ? 
# 
_atom_sites.entry_id                    4P20 
_atom_sites.fract_transf_matrix[1][1]   -0.00533387 
_atom_sites.fract_transf_matrix[1][2]   -0.01516515 
_atom_sites.fract_transf_matrix[1][3]   -0.01531555 
_atom_sites.fract_transf_matrix[2][1]   -0.00770181 
_atom_sites.fract_transf_matrix[2][2]   -0.01956287 
_atom_sites.fract_transf_matrix[2][3]   0.02205303 
_atom_sites.fract_transf_matrix[3][1]   -0.01934241 
_atom_sites.fract_transf_matrix[3][2]   0.00221971 
_atom_sites.fract_transf_matrix[3][3]   -0.00478608 
_atom_sites.fract_transf_vector[1]      0.399417 
_atom_sites.fract_transf_vector[2]      0.004437 
_atom_sites.fract_transf_vector[3]      0.243049 
# 
loop_
_atom_type.symbol 
C 
N 
O 
P 
# 
loop_
_atom_site.group_PDB 
_atom_site.id 
_atom_site.type_symbol 
_atom_site.label_atom_id 
_atom_site.label_alt_id 
_atom_site.label_comp_id 
_atom_site.label_asym_id 
_atom_site.label_entity_id 
_atom_site.label_seq_id 
_atom_site.pdbx_PDB_ins_code 
_atom_site.Cartn_x 
_atom_site.Cartn_y 
_atom_site.Cartn_z 
_atom_site.occupancy 
_atom_site.B_iso_or_equiv 
_atom_site.pdbx_formal_charge 
_atom_site.auth_seq_id 
_atom_site.auth_comp_id 
_atom_site.auth_asym_id 
_atom_site.auth_atom_id 
_atom_site.pdbx_PDB_model_num 
ATOM   1    P P     . G   A 1 3  ? 6.602   -24.448 -9.394  1.00 79.45  ? 2   G   A P     1 
ATOM   2    O OP1   . G   A 1 3  ? 7.009   -23.242 -10.226 1.00 75.41  ? 2   G   A OP1   1 
ATOM   3    O OP2   . G   A 1 3  ? 6.568   -24.129 -7.906  1.00 79.52  ? 2   G   A OP2   1 
ATOM   4    O "O5'" . G   A 1 3  ? 5.054   -24.780 -9.800  1.00 78.74  ? 2   G   A "O5'" 1 
ATOM   5    C "C5'" . G   A 1 3  ? 4.650   -24.900 -11.184 1.00 66.39  ? 2   G   A "C5'" 1 
ATOM   6    C "C4'" . G   A 1 3  ? 3.140   -25.015 -11.294 1.00 56.10  ? 2   G   A "C4'" 1 
ATOM   7    O "O4'" . G   A 1 3  ? 2.677   -26.149 -10.519 1.00 53.79  ? 2   G   A "O4'" 1 
ATOM   8    C "C3'" . G   A 1 3  ? 2.327   -23.849 -10.757 1.00 49.99  ? 2   G   A "C3'" 1 
ATOM   9    O "O3'" . G   A 1 3  ? 2.230   -22.827 -11.732 1.00 51.71  ? 2   G   A "O3'" 1 
ATOM   10   C "C2'" . G   A 1 3  ? 0.971   -24.491 -10.505 1.00 53.93  ? 2   G   A "C2'" 1 
ATOM   11   O "O2'" . G   A 1 3  ? 0.169   -24.593 -11.662 1.00 50.59  ? 2   G   A "O2'" 1 
ATOM   12   C "C1'" . G   A 1 3  ? 1.377   -25.887 -10.030 1.00 55.18  ? 2   G   A "C1'" 1 
ATOM   13   N N9    . G   A 1 3  ? 1.401   -25.993 -8.576  1.00 58.16  ? 2   G   A N9    1 
ATOM   14   C C8    . G   A 1 3  ? 2.498   -26.026 -7.749  1.00 58.22  ? 2   G   A C8    1 
ATOM   15   N N7    . G   A 1 3  ? 2.181   -26.129 -6.487  1.00 54.96  ? 2   G   A N7    1 
ATOM   16   C C5    . G   A 1 3  ? 0.794   -26.167 -6.488  1.00 54.81  ? 2   G   A C5    1 
ATOM   17   C C6    . G   A 1 3  ? -0.123  -26.285 -5.417  1.00 54.56  ? 2   G   A C6    1 
ATOM   18   O O6    . G   A 1 3  ? 0.111   -26.401 -4.205  1.00 53.18  ? 2   G   A O6    1 
ATOM   19   N N1    . G   A 1 3  ? -1.437  -26.272 -5.872  1.00 59.18  ? 2   G   A N1    1 
ATOM   20   C C2    . G   A 1 3  ? -1.817  -26.168 -7.189  1.00 61.04  ? 2   G   A C2    1 
ATOM   21   N N2    . G   A 1 3  ? -3.135  -26.158 -7.438  1.00 61.32  ? 2   G   A N2    1 
ATOM   22   N N3    . G   A 1 3  ? -0.971  -26.075 -8.191  1.00 56.78  ? 2   G   A N3    1 
ATOM   23   C C4    . G   A 1 3  ? 0.305   -26.079 -7.773  1.00 54.85  ? 2   G   A C4    1 
ATOM   24   P P     . C   A 1 4  ? 1.939   -21.318 -11.274 1.00 53.20  ? 3   C   A P     1 
ATOM   25   O OP1   . C   A 1 4  ? 2.091   -20.443 -12.465 1.00 50.43  ? 3   C   A OP1   1 
ATOM   26   O OP2   . C   A 1 4  ? 2.743   -21.048 -10.062 1.00 57.40  ? 3   C   A OP2   1 
ATOM   27   O "O5'" . C   A 1 4  ? 0.405   -21.348 -10.868 1.00 51.35  ? 3   C   A "O5'" 1 
ATOM   28   C "C5'" . C   A 1 4  ? -0.579  -21.755 -11.807 1.00 44.10  ? 3   C   A "C5'" 1 
ATOM   29   C "C4'" . C   A 1 4  ? -1.925  -21.820 -11.148 1.00 38.73  ? 3   C   A "C4'" 1 
ATOM   30   O "O4'" . C   A 1 4  ? -1.977  -22.952 -10.243 1.00 41.03  ? 3   C   A "O4'" 1 
ATOM   31   C "C3'" . C   A 1 4  ? -2.240  -20.648 -10.247 1.00 39.06  ? 3   C   A "C3'" 1 
ATOM   32   O "O3'" . C   A 1 4  ? -2.660  -19.513 -10.975 1.00 37.82  ? 3   C   A "O3'" 1 
ATOM   33   C "C2'" . C   A 1 4  ? -3.345  -21.221 -9.378  1.00 41.16  ? 3   C   A "C2'" 1 
ATOM   34   O "O2'" . C   A 1 4  ? -4.591  -21.258 -10.036 1.00 43.80  ? 3   C   A "O2'" 1 
ATOM   35   C "C1'" . C   A 1 4  ? -2.838  -22.646 -9.155  1.00 41.78  ? 3   C   A "C1'" 1 
ATOM   36   N N1    . C   A 1 4  ? -2.080  -22.754 -7.901  1.00 45.07  ? 3   C   A N1    1 
ATOM   37   C C2    . C   A 1 4  ? -2.784  -22.858 -6.692  1.00 46.87  ? 3   C   A C2    1 
ATOM   38   O O2    . C   A 1 4  ? -4.019  -22.870 -6.714  1.00 54.58  ? 3   C   A O2    1 
ATOM   39   N N3    . C   A 1 4  ? -2.101  -22.934 -5.531  1.00 47.74  ? 3   C   A N3    1 
ATOM   40   C C4    . C   A 1 4  ? -0.769  -22.894 -5.541  1.00 51.09  ? 3   C   A C4    1 
ATOM   41   N N4    . C   A 1 4  ? -0.142  -22.935 -4.368  1.00 58.07  ? 3   C   A N4    1 
ATOM   42   C C5    . C   A 1 4  ? -0.024  -22.801 -6.754  1.00 53.53  ? 3   C   A C5    1 
ATOM   43   C C6    . C   A 1 4  ? -0.714  -22.738 -7.902  1.00 48.94  ? 3   C   A C6    1 
ATOM   44   P P     . G   A 1 5  ? -2.664  -18.081 -10.259 1.00 49.83  ? 4   G   A P     1 
ATOM   45   O OP1   . G   A 1 5  ? -3.148  -17.070 -11.233 1.00 49.06  ? 4   G   A OP1   1 
ATOM   46   O OP2   . G   A 1 5  ? -1.337  -17.890 -9.623  1.00 54.49  ? 4   G   A OP2   1 
ATOM   47   O "O5'" . G   A 1 5  ? -3.757  -18.252 -9.107  1.00 46.03  ? 4   G   A "O5'" 1 
ATOM   48   C "C5'" . G   A 1 5  ? -5.130  -18.463 -9.429  1.00 41.20  ? 4   G   A "C5'" 1 
ATOM   49   C "C4'" . G   A 1 5  ? -6.004  -18.383 -8.189  1.00 40.75  ? 4   G   A "C4'" 1 
ATOM   50   O "O4'" . G   A 1 5  ? -5.802  -19.540 -7.330  1.00 45.11  ? 4   G   A "O4'" 1 
ATOM   51   C "C3'" . G   A 1 5  ? -5.796  -17.209 -7.259  1.00 37.37  ? 4   G   A "C3'" 1 
ATOM   52   O "O3'" . G   A 1 5  ? -6.422  -16.039 -7.763  1.00 45.57  ? 4   G   A "O3'" 1 
ATOM   53   C "C2'" . G   A 1 5  ? -6.463  -17.717 -5.983  1.00 38.57  ? 4   G   A "C2'" 1 
ATOM   54   O "O2'" . G   A 1 5  ? -7.874  -17.708 -6.071  1.00 32.85  ? 4   G   A "O2'" 1 
ATOM   55   C "C1'" . G   A 1 5  ? -6.009  -19.173 -5.970  1.00 37.92  ? 4   G   A "C1'" 1 
ATOM   56   N N9    . G   A 1 5  ? -4.759  -19.415 -5.251  1.00 38.23  ? 4   G   A N9    1 
ATOM   57   C C8    . G   A 1 5  ? -3.502  -19.463 -5.807  1.00 37.69  ? 4   G   A C8    1 
ATOM   58   N N7    . G   A 1 5  ? -2.566  -19.752 -4.942  1.00 36.60  ? 4   G   A N7    1 
ATOM   59   C C5    . G   A 1 5  ? -3.241  -19.898 -3.737  1.00 33.70  ? 4   G   A C5    1 
ATOM   60   C C6    . G   A 1 5  ? -2.750  -20.224 -2.449  1.00 30.68  ? 4   G   A C6    1 
ATOM   61   O O6    . G   A 1 5  ? -1.588  -20.497 -2.117  1.00 31.53  ? 4   G   A O6    1 
ATOM   62   N N1    . G   A 1 5  ? -3.765  -20.234 -1.500  1.00 29.92  ? 4   G   A N1    1 
ATOM   63   C C2    . G   A 1 5  ? -5.091  -19.986 -1.757  1.00 37.18  ? 4   G   A C2    1 
ATOM   64   N N2    . G   A 1 5  ? -5.916  -20.032 -0.692  1.00 31.88  ? 4   G   A N2    1 
ATOM   65   N N3    . G   A 1 5  ? -5.571  -19.709 -2.967  1.00 36.36  ? 4   G   A N3    1 
ATOM   66   C C4    . G   A 1 5  ? -4.595  -19.676 -3.902  1.00 33.01  ? 4   G   A C4    1 
ATOM   67   P P     . U   A 1 6  ? -6.048  -14.609 -7.133  1.00 47.92  ? 5   U   A P     1 
ATOM   68   O OP1   . U   A 1 6  ? -6.978  -13.588 -7.677  1.00 49.77  ? 5   U   A OP1   1 
ATOM   69   O OP2   . U   A 1 6  ? -4.583  -14.435 -7.292  1.00 44.81  ? 5   U   A OP2   1 
ATOM   70   O "O5'" . U   A 1 6  ? -6.406  -14.780 -5.591  1.00 42.37  ? 5   U   A "O5'" 1 
ATOM   71   C "C5'" . U   A 1 6  ? -5.858  -13.925 -4.591  1.00 40.59  ? 5   U   A "C5'" 1 
ATOM   72   C "C4'" . U   A 1 6  ? -6.545  -14.192 -3.271  1.00 41.73  ? 5   U   A "C4'" 1 
ATOM   73   O "O4'" . U   A 1 6  ? -6.427  -15.606 -2.947  1.00 44.86  ? 5   U   A "O4'" 1 
ATOM   74   C "C3'" . U   A 1 6  ? -5.971  -13.533 -2.037  1.00 37.56  ? 5   U   A "C3'" 1 
ATOM   75   O "O3'" . U   A 1 6  ? -6.362  -12.182 -1.925  1.00 33.73  ? 5   U   A "O3'" 1 
ATOM   76   C "C2'" . U   A 1 6  ? -6.567  -14.384 -0.925  1.00 35.69  ? 5   U   A "C2'" 1 
ATOM   77   O "O2'" . U   A 1 6  ? -7.902  -14.074 -0.611  1.00 37.14  ? 5   U   A "O2'" 1 
ATOM   78   C "C1'" . U   A 1 6  ? -6.487  -15.777 -1.541  1.00 34.11  ? 5   U   A "C1'" 1 
ATOM   79   N N1    . U   A 1 6  ? -5.254  -16.421 -1.088  1.00 28.73  ? 5   U   A N1    1 
ATOM   80   C C2    . U   A 1 6  ? -5.272  -16.959 0.176   1.00 28.81  ? 5   U   A C2    1 
ATOM   81   O O2    . U   A 1 6  ? -6.295  -17.025 0.851   1.00 24.64  ? 5   U   A O2    1 
ATOM   82   N N3    . U   A 1 6  ? -4.062  -17.424 0.619   1.00 14.67  ? 5   U   A N3    1 
ATOM   83   C C4    . U   A 1 6  ? -2.882  -17.438 -0.073  1.00 26.50  ? 5   U   A C4    1 
ATOM   84   O O4    . U   A 1 6  ? -1.858  -17.784 0.508   1.00 39.07  ? 5   U   A O4    1 
ATOM   85   C C5    . U   A 1 6  ? -2.962  -16.931 -1.409  1.00 22.40  ? 5   U   A C5    1 
ATOM   86   C C6    . U   A 1 6  ? -4.118  -16.449 -1.858  1.00 24.68  ? 5   U   A C6    1 
ATOM   87   P P     . C   A 1 7  ? -5.351  -11.131 -1.253  1.00 42.14  ? 6   C   A P     1 
ATOM   88   O OP1   . C   A 1 7  ? -6.131  -9.876  -1.120  1.00 46.27  ? 6   C   A OP1   1 
ATOM   89   O OP2   . C   A 1 7  ? -4.050  -11.121 -1.986  1.00 29.61  ? 6   C   A OP2   1 
ATOM   90   O "O5'" . C   A 1 7  ? -5.065  -11.727 0.195   1.00 35.67  ? 6   C   A "O5'" 1 
ATOM   91   C "C5'" . C   A 1 7  ? -6.077  -11.761 1.192   1.00 31.40  ? 6   C   A "C5'" 1 
ATOM   92   C "C4'" . C   A 1 7  ? -5.500  -12.264 2.493   1.00 32.01  ? 6   C   A "C4'" 1 
ATOM   93   O "O4'" . C   A 1 7  ? -4.924  -13.592 2.298   1.00 34.15  ? 6   C   A "O4'" 1 
ATOM   94   C "C3'" . C   A 1 7  ? -4.333  -11.469 3.039   1.00 31.72  ? 6   C   A "C3'" 1 
ATOM   95   O "O3'" . C   A 1 7  ? -4.775  -10.306 3.714   1.00 36.05  ? 6   C   A "O3'" 1 
ATOM   96   C "C2'" . C   A 1 7  ? -3.701  -12.480 3.983   1.00 30.53  ? 6   C   A "C2'" 1 
ATOM   97   O "O2'" . C   A 1 7  ? -4.463  -12.628 5.167   1.00 30.45  ? 6   C   A "O2'" 1 
ATOM   98   C "C1'" . C   A 1 7  ? -3.792  -13.755 3.141   1.00 22.76  ? 6   C   A "C1'" 1 
ATOM   99   N N1    . C   A 1 7  ? -2.611  -13.964 2.287   1.00 19.26  ? 6   C   A N1    1 
ATOM   100  C C2    . C   A 1 7  ? -1.393  -14.337 2.887   1.00 22.93  ? 6   C   A C2    1 
ATOM   101  O O2    . C   A 1 7  ? -1.364  -14.526 4.111   1.00 18.64  ? 6   C   A O2    1 
ATOM   102  N N3    . C   A 1 7  ? -0.286  -14.487 2.110   1.00 23.05  ? 6   C   A N3    1 
ATOM   103  C C4    . C   A 1 7  ? -0.371  -14.293 0.780   1.00 24.62  ? 6   C   A C4    1 
ATOM   104  N N4    . C   A 1 7  ? 0.741   -14.428 0.044   1.00 14.12  ? 6   C   A N4    1 
ATOM   105  C C5    . C   A 1 7  ? -1.601  -13.947 0.147   1.00 15.01  ? 6   C   A C5    1 
ATOM   106  C C6    . C   A 1 7  ? -2.685  -13.789 0.933   1.00 21.80  ? 6   C   A C6    1 
ATOM   107  P P     . A   A 1 8  ? -3.871  -8.975  3.677   1.00 44.06  ? 7   A   A P     1 
ATOM   108  O OP1   . A   A 1 8  ? -4.670  -7.872  4.258   1.00 44.83  ? 7   A   A OP1   1 
ATOM   109  O OP2   . A   A 1 8  ? -3.293  -8.825  2.318   1.00 38.31  ? 7   A   A OP2   1 
ATOM   110  O "O5'" . A   A 1 8  ? -2.680  -9.293  4.680   1.00 36.20  ? 7   A   A "O5'" 1 
ATOM   111  C "C5'" . A   A 1 8  ? -2.942  -9.590  6.039   1.00 24.66  ? 7   A   A "C5'" 1 
ATOM   112  C "C4'" . A   A 1 8  ? -1.732  -10.224 6.673   1.00 27.94  ? 7   A   A "C4'" 1 
ATOM   113  O "O4'" . A   A 1 8  ? -1.328  -11.362 5.876   1.00 28.42  ? 7   A   A "O4'" 1 
ATOM   114  C "C3'" . A   A 1 8  ? -0.480  -9.369  6.714   1.00 33.15  ? 7   A   A "C3'" 1 
ATOM   115  O "O3'" . A   A 1 8  ? -0.516  -8.526  7.843   1.00 21.93  ? 7   A   A "O3'" 1 
ATOM   116  C "C2'" . A   A 1 8  ? 0.616   -10.414 6.861   1.00 31.63  ? 7   A   A "C2'" 1 
ATOM   117  O "O2'" . A   A 1 8  ? 0.763   -10.851 8.193   1.00 33.07  ? 7   A   A "O2'" 1 
ATOM   118  C "C1'" . A   A 1 8  ? 0.074   -11.543 5.985   1.00 25.22  ? 7   A   A "C1'" 1 
ATOM   119  N N9    . A   A 1 8  ? 0.645   -11.535 4.641   1.00 27.47  ? 7   A   A N9    1 
ATOM   120  C C8    . A   A 1 8  ? 0.038   -11.297 3.428   1.00 22.30  ? 7   A   A C8    1 
ATOM   121  N N7    . A   A 1 8  ? 0.861   -11.370 2.407   1.00 20.74  ? 7   A   A N7    1 
ATOM   122  C C5    . A   A 1 8  ? 2.084   -11.671 2.988   1.00 15.54  ? 7   A   A C5    1 
ATOM   123  C C6    . A   A 1 8  ? 3.352   -11.872 2.454   1.00 19.89  ? 7   A   A C6    1 
ATOM   124  N N6    . A   A 1 8  ? 3.622   -11.808 1.156   1.00 21.93  ? 7   A   A N6    1 
ATOM   125  N N1    . A   A 1 8  ? 4.358   -12.156 3.308   1.00 24.64  ? 7   A   A N1    1 
ATOM   126  C C2    . A   A 1 8  ? 4.084   -12.244 4.611   1.00 21.90  ? 7   A   A C2    1 
ATOM   127  N N3    . A   A 1 8  ? 2.931   -12.077 5.236   1.00 20.00  ? 7   A   A N3    1 
ATOM   128  C C4    . A   A 1 8  ? 1.962   -11.783 4.357   1.00 21.01  ? 7   A   A C4    1 
ATOM   129  P P     . C   A 1 9  ? -0.118  -6.983  7.699   1.00 37.02  ? 8   C   A P     1 
ATOM   130  O OP1   . C   A 1 9  ? -0.509  -6.414  9.021   1.00 37.54  ? 8   C   A OP1   1 
ATOM   131  O OP2   . C   A 1 9  ? -0.689  -6.399  6.447   1.00 27.37  ? 8   C   A OP2   1 
ATOM   132  O "O5'" . C   A 1 9  ? 1.471   -7.018  7.573   1.00 27.69  ? 8   C   A "O5'" 1 
ATOM   133  C "C5'" . C   A 1 9  ? 2.256   -7.542  8.633   1.00 32.32  ? 8   C   A "C5'" 1 
ATOM   134  C "C4'" . C   A 1 9  ? 3.663   -7.836  8.163   1.00 39.13  ? 8   C   A "C4'" 1 
ATOM   135  O "O4'" . C   A 1 9  ? 3.667   -8.954  7.234   1.00 38.75  ? 8   C   A "O4'" 1 
ATOM   136  C "C3'" . C   A 1 9  ? 4.346   -6.736  7.377   1.00 39.79  ? 8   C   A "C3'" 1 
ATOM   137  O "O3'" . C   A 1 9  ? 4.813   -5.692  8.210   1.00 43.13  ? 8   C   A "O3'" 1 
ATOM   138  C "C2'" . C   A 1 9  ? 5.462   -7.508  6.694   1.00 34.41  ? 8   C   A "C2'" 1 
ATOM   139  O "O2'" . C   A 1 9  ? 6.511   -7.821  7.576   1.00 33.02  ? 8   C   A "O2'" 1 
ATOM   140  C "C1'" . C   A 1 9  ? 4.721   -8.784  6.297   1.00 30.25  ? 8   C   A "C1'" 1 
ATOM   141  N N1    . C   A 1 9  ? 4.133   -8.676  4.954   1.00 26.08  ? 8   C   A N1    1 
ATOM   142  C C2    . C   A 1 9  ? 4.970   -8.845  3.850   1.00 26.69  ? 8   C   A C2    1 
ATOM   143  O O2    . C   A 1 9  ? 6.168   -9.087  4.044   1.00 37.57  ? 8   C   A O2    1 
ATOM   144  N N3    . C   A 1 9  ? 4.458   -8.743  2.606   1.00 24.43  ? 8   C   A N3    1 
ATOM   145  C C4    . C   A 1 9  ? 3.165   -8.474  2.441   1.00 26.56  ? 8   C   A C4    1 
ATOM   146  N N4    . C   A 1 9  ? 2.711   -8.362  1.192   1.00 27.12  ? 8   C   A N4    1 
ATOM   147  C C5    . C   A 1 9  ? 2.283   -8.301  3.551   1.00 24.34  ? 8   C   A C5    1 
ATOM   148  C C6    . C   A 1 9  ? 2.804   -8.412  4.779   1.00 17.22  ? 8   C   A C6    1 
ATOM   149  P P     . A   A 1 10 ? 4.430   -4.172  7.850   1.00 45.59  ? 9   A   A P     1 
ATOM   150  O OP1   . A   A 1 10 ? 4.373   -3.411  9.117   1.00 45.37  ? 9   A   A OP1   1 
ATOM   151  O OP2   . A   A 1 10 ? 3.239   -4.185  6.951   1.00 48.35  ? 9   A   A OP2   1 
ATOM   152  O "O5'" . A   A 1 10 ? 5.693   -3.684  7.017   1.00 37.57  ? 9   A   A "O5'" 1 
ATOM   153  C "C5'" . A   A 1 10 ? 6.999   -4.130  7.367   1.00 35.25  ? 9   A   A "C5'" 1 
ATOM   154  C "C4'" . A   A 1 10 ? 7.908   -4.083  6.165   1.00 38.12  ? 9   A   A "C4'" 1 
ATOM   155  O "O4'" . A   A 1 10 ? 7.632   -5.190  5.274   1.00 42.40  ? 9   A   A "O4'" 1 
ATOM   156  C "C3'" . A   A 1 10 ? 7.762   -2.860  5.284   1.00 38.08  ? 9   A   A "C3'" 1 
ATOM   157  O "O3'" . A   A 1 10 ? 8.490   -1.781  5.852   1.00 42.72  ? 9   A   A "O3'" 1 
ATOM   158  C "C2'" . A   A 1 10 ? 8.375   -3.346  3.977   1.00 36.18  ? 9   A   A "C2'" 1 
ATOM   159  O "O2'" . A   A 1 10 ? 9.787   -3.312  4.005   1.00 30.43  ? 9   A   A "O2'" 1 
ATOM   160  C "C1'" . A   A 1 10 ? 7.911   -4.805  3.941   1.00 35.32  ? 9   A   A "C1'" 1 
ATOM   161  N N9    . A   A 1 10 ? 6.710   -5.039  3.135   1.00 36.24  ? 9   A   A N9    1 
ATOM   162  C C8    . A   A 1 10 ? 5.403   -5.107  3.560   1.00 29.08  ? 9   A   A C8    1 
ATOM   163  N N7    . A   A 1 10 ? 4.544   -5.310  2.593   1.00 26.27  ? 9   A   A N7    1 
ATOM   164  C C5    . A   A 1 10 ? 5.338   -5.388  1.455   1.00 25.11  ? 9   A   A C5    1 
ATOM   165  C C6    . A   A 1 10 ? 5.029   -5.599  0.108   1.00 23.99  ? 9   A   A C6    1 
ATOM   166  N N6    . A   A 1 10 ? 3.785   -5.776  -0.341  1.00 35.69  ? 9   A   A N6    1 
ATOM   167  N N1    . A   A 1 10 ? 6.050   -5.628  -0.775  1.00 23.37  ? 9   A   A N1    1 
ATOM   168  C C2    . A   A 1 10 ? 7.290   -5.459  -0.319  1.00 26.41  ? 9   A   A C2    1 
ATOM   169  N N3    . A   A 1 10 ? 7.710   -5.257  0.925   1.00 23.11  ? 9   A   A N3    1 
ATOM   170  C C4    . A   A 1 10 ? 6.670   -5.230  1.775   1.00 27.80  ? 9   A   A C4    1 
ATOM   171  P P     . C   A 1 11 ? 8.109   -0.271  5.464   1.00 47.46  ? 10  C   A P     1 
ATOM   172  O OP1   . C   A 1 11 ? 8.831   0.598   6.432   1.00 44.91  ? 10  C   A OP1   1 
ATOM   173  O OP2   . C   A 1 11 ? 6.631   -0.144  5.318   1.00 29.74  ? 10  C   A OP2   1 
ATOM   174  O "O5'" . C   A 1 11 ? 8.800   -0.096  4.040   1.00 45.27  ? 10  C   A "O5'" 1 
ATOM   175  C "C5'" . C   A 1 11 ? 8.127   0.546   2.967   1.00 40.23  ? 10  C   A "C5'" 1 
ATOM   176  C "C4'" . C   A 1 11 ? 8.694   0.074   1.653   1.00 30.02  ? 10  C   A "C4'" 1 
ATOM   177  O "O4'" . C   A 1 11 ? 8.294   -1.297  1.411   1.00 29.99  ? 10  C   A "O4'" 1 
ATOM   178  C "C3'" . C   A 1 11 ? 8.183   0.828   0.447   1.00 27.58  ? 10  C   A "C3'" 1 
ATOM   179  O "O3'" . C   A 1 11 ? 8.961   1.994   0.308   1.00 22.57  ? 10  C   A "O3'" 1 
ATOM   180  C "C2'" . C   A 1 11 ? 8.383   -0.178  -0.680  1.00 28.59  ? 10  C   A "C2'" 1 
ATOM   181  O "O2'" . C   A 1 11 ? 9.699   -0.277  -1.189  1.00 22.28  ? 10  C   A "O2'" 1 
ATOM   182  C "C1'" . C   A 1 11 ? 8.015   -1.478  0.032   1.00 25.16  ? 10  C   A "C1'" 1 
ATOM   183  N N1    . C   A 1 11 ? 6.586   -1.780  -0.087  1.00 23.63  ? 10  C   A N1    1 
ATOM   184  C C2    . C   A 1 11 ? 6.088   -2.187  -1.314  1.00 12.66  ? 10  C   A C2    1 
ATOM   185  O O2    . C   A 1 11 ? 6.864   -2.268  -2.267  1.00 22.96  ? 10  C   A O2    1 
ATOM   186  N N3    . C   A 1 11 ? 4.776   -2.480  -1.428  1.00 21.52  ? 10  C   A N3    1 
ATOM   187  C C4    . C   A 1 11 ? 3.975   -2.370  -0.361  1.00 27.91  ? 10  C   A C4    1 
ATOM   188  N N4    . C   A 1 11 ? 2.677   -2.659  -0.507  1.00 25.66  ? 10  C   A N4    1 
ATOM   189  C C5    . C   A 1 11 ? 4.465   -1.953  0.904   1.00 20.87  ? 10  C   A C5    1 
ATOM   190  C C6    . C   A 1 11 ? 5.763   -1.668  0.994   1.00 17.10  ? 10  C   A C6    1 
ATOM   191  P P     . C   A 1 12 ? 8.268   3.344   -0.161  1.00 29.67  ? 11  C   A P     1 
ATOM   192  O OP1   . C   A 1 12 ? 9.284   4.404   0.022   1.00 28.48  ? 11  C   A OP1   1 
ATOM   193  O OP2   . C   A 1 12 ? 6.957   3.484   0.500   1.00 25.20  ? 11  C   A OP2   1 
ATOM   194  O "O5'" . C   A 1 12 ? 8.051   3.077   -1.719  1.00 31.88  ? 11  C   A "O5'" 1 
ATOM   195  C "C5'" . C   A 1 12 ? 9.179   2.845   -2.568  1.00 32.82  ? 11  C   A "C5'" 1 
ATOM   196  C "C4'" . C   A 1 12 ? 8.747   2.585   -3.994  1.00 27.52  ? 11  C   A "C4'" 1 
ATOM   197  O "O4'" . C   A 1 12 ? 8.119   1.279   -4.102  1.00 33.76  ? 11  C   A "O4'" 1 
ATOM   198  C "C3'" . C   A 1 12 ? 7.724   3.531   -4.592  1.00 28.67  ? 11  C   A "C3'" 1 
ATOM   199  O "O3'" . C   A 1 12 ? 8.319   4.740   -5.035  1.00 31.65  ? 11  C   A "O3'" 1 
ATOM   200  C "C2'" . C   A 1 12 ? 7.188   2.695   -5.746  1.00 29.68  ? 11  C   A "C2'" 1 
ATOM   201  O "O2'" . C   A 1 12 ? 8.092   2.596   -6.834  1.00 26.44  ? 11  C   A "O2'" 1 
ATOM   202  C "C1'" . C   A 1 12 ? 7.097   1.324   -5.085  1.00 25.16  ? 11  C   A "C1'" 1 
ATOM   203  N N1    . C   A 1 12 ? 5.815   1.095   -4.408  1.00 25.50  ? 11  C   A N1    1 
ATOM   204  C C2    . C   A 1 12 ? 4.674   0.811   -5.173  1.00 28.91  ? 11  C   A C2    1 
ATOM   205  O O2    . C   A 1 12 ? 4.754   0.851   -6.412  1.00 25.23  ? 11  C   A O2    1 
ATOM   206  N N3    . C   A 1 12 ? 3.515   0.517   -4.536  1.00 20.15  ? 11  C   A N3    1 
ATOM   207  C C4    . C   A 1 12 ? 3.468   0.525   -3.202  1.00 14.47  ? 11  C   A C4    1 
ATOM   208  N N4    . C   A 1 12 ? 2.327   0.200   -2.617  1.00 10.20  ? 11  C   A N4    1 
ATOM   209  C C5    . C   A 1 12 ? 4.596   0.862   -2.410  1.00 15.63  ? 11  C   A C5    1 
ATOM   210  C C6    . C   A 1 12 ? 5.739   1.136   -3.046  1.00 22.14  ? 11  C   A C6    1 
ATOM   211  P P     . G   A 1 13 ? 7.464   6.098   -4.997  1.00 39.93  ? 12  G   A P     1 
ATOM   212  O OP1   . G   A 1 13 ? 8.385   7.212   -5.345  1.00 43.96  ? 12  G   A OP1   1 
ATOM   213  O OP2   . G   A 1 13 ? 6.701   6.158   -3.732  1.00 36.08  ? 12  G   A OP2   1 
ATOM   214  O "O5'" . G   A 1 13 ? 6.402   5.890   -6.163  1.00 36.31  ? 12  G   A "O5'" 1 
ATOM   215  C "C5'" . G   A 1 13 ? 6.821   5.770   -7.511  1.00 27.97  ? 12  G   A "C5'" 1 
ATOM   216  C "C4'" . G   A 1 13 ? 5.639   5.463   -8.391  1.00 30.75  ? 12  G   A "C4'" 1 
ATOM   217  O "O4'" . G   A 1 13 ? 5.134   4.135   -8.090  1.00 32.41  ? 12  G   A "O4'" 1 
ATOM   218  C "C3'" . G   A 1 13 ? 4.435   6.349   -8.174  1.00 24.65  ? 12  G   A "C3'" 1 
ATOM   219  O "O3'" . G   A 1 13 ? 4.535   7.578   -8.862  1.00 37.17  ? 12  G   A "O3'" 1 
ATOM   220  C "C2'" . G   A 1 13 ? 3.322   5.505   -8.762  1.00 32.00  ? 12  G   A "C2'" 1 
ATOM   221  O "O2'" . G   A 1 13 ? 3.269   5.621   -10.163 1.00 29.58  ? 12  G   A "O2'" 1 
ATOM   222  C "C1'" . G   A 1 13 ? 3.741   4.104   -8.310  1.00 28.48  ? 12  G   A "C1'" 1 
ATOM   223  N N9    . G   A 1 13 ? 3.085   3.789   -7.052  1.00 33.57  ? 12  G   A N9    1 
ATOM   224  C C8    . G   A 1 13 ? 3.592   3.887   -5.777  1.00 30.27  ? 12  G   A C8    1 
ATOM   225  N N7    . G   A 1 13 ? 2.718   3.569   -4.856  1.00 27.77  ? 12  G   A N7    1 
ATOM   226  C C5    . G   A 1 13 ? 1.575   3.236   -5.573  1.00 31.27  ? 12  G   A C5    1 
ATOM   227  C C6    . G   A 1 13 ? 0.293   2.809   -5.130  1.00 34.61  ? 12  G   A C6    1 
ATOM   228  O O6    . G   A 1 13 ? -0.118  2.657   -3.971  1.00 40.40  ? 12  G   A O6    1 
ATOM   229  N N1    . G   A 1 13 ? -0.558  2.558   -6.200  1.00 33.43  ? 12  G   A N1    1 
ATOM   230  C C2    . G   A 1 13 ? -0.230  2.710   -7.523  1.00 39.79  ? 12  G   A C2    1 
ATOM   231  N N2    . G   A 1 13 ? -1.182  2.397   -8.415  1.00 43.12  ? 12  G   A N2    1 
ATOM   232  N N3    . G   A 1 13 ? 0.945   3.129   -7.945  1.00 36.21  ? 12  G   A N3    1 
ATOM   233  C C4    . G   A 1 13 ? 1.794   3.363   -6.926  1.00 33.46  ? 12  G   A C4    1 
ATOM   234  P P     . G   A 1 14 ? 3.688   8.838   -8.338  1.00 49.69  ? 13  G   A P     1 
ATOM   235  O OP1   . G   A 1 14 ? 4.147   10.030  -9.099  1.00 44.35  ? 13  G   A OP1   1 
ATOM   236  O OP2   . G   A 1 14 ? 3.755   8.843   -6.851  1.00 46.19  ? 13  G   A OP2   1 
ATOM   237  O "O5'" . G   A 1 14 ? 2.183   8.493   -8.741  1.00 49.71  ? 13  G   A "O5'" 1 
ATOM   238  C "C5'" . G   A 1 14 ? 1.798   8.372   -10.108 1.00 58.90  ? 13  G   A "C5'" 1 
ATOM   239  C "C4'" . G   A 1 14 ? 0.359   7.907   -10.218 1.00 63.73  ? 13  G   A "C4'" 1 
ATOM   240  O "O4'" . G   A 1 14 ? 0.236   6.573   -9.647  1.00 66.49  ? 13  G   A "O4'" 1 
ATOM   241  C "C3'" . G   A 1 14 ? -0.686  8.729   -9.473  1.00 65.02  ? 13  G   A "C3'" 1 
ATOM   242  O "O3'" . G   A 1 14 ? -1.084  9.880   -10.220 1.00 62.84  ? 13  G   A "O3'" 1 
ATOM   243  C "C2'" . G   A 1 14 ? -1.819  7.720   -9.327  1.00 60.17  ? 13  G   A "C2'" 1 
ATOM   244  O "O2'" . G   A 1 14 ? -2.558  7.589   -10.524 1.00 60.05  ? 13  G   A "O2'" 1 
ATOM   245  C "C1'" . G   A 1 14 ? -1.042  6.428   -9.048  1.00 61.08  ? 13  G   A "C1'" 1 
ATOM   246  N N9    . G   A 1 14 ? -0.863  6.172   -7.618  1.00 56.62  ? 13  G   A N9    1 
ATOM   247  C C8    . G   A 1 14 ? 0.235   6.463   -6.837  1.00 51.03  ? 13  G   A C8    1 
ATOM   248  N N7    . G   A 1 14 ? 0.057   6.174   -5.572  1.00 46.77  ? 13  G   A N7    1 
ATOM   249  C C5    . G   A 1 14 ? -1.227  5.647   -5.519  1.00 45.38  ? 13  G   A C5    1 
ATOM   250  C C6    . G   A 1 14 ? -1.988  5.168   -4.412  1.00 44.04  ? 13  G   A C6    1 
ATOM   251  O O6    . G   A 1 14 ? -1.676  5.136   -3.207  1.00 37.67  ? 13  G   A O6    1 
ATOM   252  N N1    . G   A 1 14 ? -3.239  4.704   -4.819  1.00 38.80  ? 13  G   A N1    1 
ATOM   253  C C2    . G   A 1 14 ? -3.703  4.711   -6.114  1.00 43.07  ? 13  G   A C2    1 
ATOM   254  N N2    . G   A 1 14 ? -4.930  4.213   -6.317  1.00 45.70  ? 13  G   A N2    1 
ATOM   255  N N3    . G   A 1 14 ? -3.015  5.170   -7.141  1.00 45.64  ? 13  G   A N3    1 
ATOM   256  C C4    . G   A 1 14 ? -1.798  5.618   -6.777  1.00 51.11  ? 13  G   A C4    1 
ATOM   257  P P     . U   A 1 15 ? -1.846  11.091  -9.481  1.00 63.97  ? 14  U   A P     1 
ATOM   258  O OP1   . U   A 1 15 ? -2.098  12.130  -10.502 1.00 66.26  ? 14  U   A OP1   1 
ATOM   259  O OP2   . U   A 1 15 ? -1.145  11.449  -8.226  1.00 58.10  ? 14  U   A OP2   1 
ATOM   260  O "O5'" . U   A 1 15 ? -3.255  10.480  -9.076  1.00 60.31  ? 14  U   A "O5'" 1 
ATOM   261  C "C5'" . U   A 1 15 ? -4.193  10.097  -10.069 1.00 52.91  ? 14  U   A "C5'" 1 
ATOM   262  C "C4'" . U   A 1 15 ? -5.407  9.495   -9.416  1.00 56.58  ? 14  U   A "C4'" 1 
ATOM   263  O "O4'" . U   A 1 15 ? -5.003  8.322   -8.663  1.00 63.26  ? 14  U   A "O4'" 1 
ATOM   264  C "C3'" . U   A 1 15 ? -6.080  10.359  -8.365  1.00 56.40  ? 14  U   A "C3'" 1 
ATOM   265  O "O3'" . U   A 1 15 ? -6.949  11.296  -8.976  1.00 54.48  ? 14  U   A "O3'" 1 
ATOM   266  C "C2'" . U   A 1 15 ? -6.851  9.325   -7.554  1.00 57.00  ? 14  U   A "C2'" 1 
ATOM   267  O "O2'" . U   A 1 15 ? -8.057  8.912   -8.168  1.00 52.92  ? 14  U   A "O2'" 1 
ATOM   268  C "C1'" . U   A 1 15 ? -5.863  8.157   -7.541  1.00 57.48  ? 14  U   A "C1'" 1 
ATOM   269  N N1    . U   A 1 15 ? -5.047  8.136   -6.321  1.00 54.31  ? 14  U   A N1    1 
ATOM   270  C C2    . U   A 1 15 ? -5.571  7.493   -5.212  1.00 54.13  ? 14  U   A C2    1 
ATOM   271  O O2    . U   A 1 15 ? -6.651  6.922   -5.226  1.00 59.55  ? 14  U   A O2    1 
ATOM   272  N N3    . U   A 1 15 ? -4.783  7.542   -4.088  1.00 50.05  ? 14  U   A N3    1 
ATOM   273  C C4    . U   A 1 15 ? -3.554  8.147   -3.966  1.00 48.12  ? 14  U   A C4    1 
ATOM   274  O O4    . U   A 1 15 ? -2.974  8.129   -2.880  1.00 49.75  ? 14  U   A O4    1 
ATOM   275  C C5    . U   A 1 15 ? -3.076  8.768   -5.162  1.00 51.85  ? 14  U   A C5    1 
ATOM   276  C C6    . U   A 1 15 ? -3.820  8.742   -6.272  1.00 50.19  ? 14  U   A C6    1 
ATOM   277  P P     . G   A 1 16 ? -7.314  12.653  -8.211  1.00 56.26  ? 15  G   A P     1 
ATOM   278  O OP1   . G   A 1 16 ? -8.156  13.446  -9.142  1.00 57.94  ? 15  G   A OP1   1 
ATOM   279  O OP2   . G   A 1 16 ? -6.057  13.237  -7.674  1.00 57.84  ? 15  G   A OP2   1 
ATOM   280  O "O5'" . G   A 1 16 ? -8.216  12.170  -6.986  1.00 55.30  ? 15  G   A "O5'" 1 
ATOM   281  C "C5'" . G   A 1 16 ? -9.469  11.535  -7.214  1.00 50.00  ? 15  G   A "C5'" 1 
ATOM   282  C "C4'" . G   A 1 16 ? -10.039 10.982  -5.923  1.00 52.54  ? 15  G   A "C4'" 1 
ATOM   283  O "O4'" . G   A 1 16 ? -9.157  9.972   -5.371  1.00 53.10  ? 15  G   A "O4'" 1 
ATOM   284  C "C3'" . G   A 1 16 ? -10.225 11.970  -4.787  1.00 57.02  ? 15  G   A "C3'" 1 
ATOM   285  O "O3'" . G   A 1 16 ? -11.443 12.691  -4.975  1.00 66.44  ? 15  G   A "O3'" 1 
ATOM   286  C "C2'" . G   A 1 16 ? -10.288 11.041  -3.572  1.00 54.77  ? 15  G   A "C2'" 1 
ATOM   287  O "O2'" . G   A 1 16 ? -11.549 10.422  -3.387  1.00 51.86  ? 15  G   A "O2'" 1 
ATOM   288  C "C1'" . G   A 1 16 ? -9.270  9.964   -3.956  1.00 52.56  ? 15  G   A "C1'" 1 
ATOM   289  N N9    . G   A 1 16 ? -7.942  10.161  -3.385  1.00 50.64  ? 15  G   A N9    1 
ATOM   290  C C8    . G   A 1 16 ? -6.818  10.625  -4.032  1.00 51.53  ? 15  G   A C8    1 
ATOM   291  N N7    . G   A 1 16 ? -5.759  10.655  -3.264  1.00 50.52  ? 15  G   A N7    1 
ATOM   292  C C5    . G   A 1 16 ? -6.212  10.190  -2.036  1.00 49.38  ? 15  G   A C5    1 
ATOM   293  C C6    . G   A 1 16 ? -5.518  10.006  -0.806  1.00 47.85  ? 15  G   A C6    1 
ATOM   294  O O6    . G   A 1 16 ? -4.325  10.220  -0.549  1.00 51.54  ? 15  G   A O6    1 
ATOM   295  N N1    . G   A 1 16 ? -6.361  9.530   0.191   1.00 47.72  ? 15  G   A N1    1 
ATOM   296  C C2    . G   A 1 16 ? -7.705  9.273   0.036   1.00 50.41  ? 15  G   A C2    1 
ATOM   297  N N2    . G   A 1 16 ? -8.350  8.835   1.135   1.00 42.21  ? 15  G   A N2    1 
ATOM   298  N N3    . G   A 1 16 ? -8.365  9.437   -1.105  1.00 48.53  ? 15  G   A N3    1 
ATOM   299  C C4    . G   A 1 16 ? -7.561  9.894   -2.091  1.00 49.81  ? 15  G   A C4    1 
ATOM   300  P P     . A   A 1 17 ? -11.425 14.301  -5.136  1.00 70.85  ? 16  A   A P     1 
ATOM   301  O OP1   . A   A 1 17 ? -11.982 14.692  -6.476  1.00 73.00  ? 16  A   A OP1   1 
ATOM   302  O OP2   . A   A 1 17 ? -10.103 14.821  -4.717  1.00 68.63  ? 16  A   A OP2   1 
ATOM   303  O "O5'" . A   A 1 17 ? -12.478 14.770  -4.047  1.00 66.09  ? 16  A   A "O5'" 1 
ATOM   304  C "C5'" . A   A 1 17 ? -12.156 14.739  -2.667  1.00 64.81  ? 16  A   A "C5'" 1 
ATOM   305  C "C4'" . A   A 1 17 ? -12.912 15.827  -1.967  1.00 62.12  ? 16  A   A "C4'" 1 
ATOM   306  O "O4'" . A   A 1 17 ? -14.330 15.584  -2.147  1.00 61.32  ? 16  A   A "O4'" 1 
ATOM   307  C "C3'" . A   A 1 17 ? -12.749 15.940  -0.467  1.00 61.45  ? 16  A   A "C3'" 1 
ATOM   308  O "O3'" . A   A 1 17 ? -11.530 16.614  -0.156  1.00 61.82  ? 16  A   A "O3'" 1 
ATOM   309  C "C2'" . A   A 1 17 ? -14.007 16.729  -0.103  1.00 61.30  ? 16  A   A "C2'" 1 
ATOM   310  O "O2'" . A   A 1 17 ? -13.945 18.100  -0.447  1.00 64.53  ? 16  A   A "O2'" 1 
ATOM   311  C "C1'" . A   A 1 17 ? -15.038 16.079  -1.028  1.00 57.40  ? 16  A   A "C1'" 1 
ATOM   312  N N9    . A   A 1 17 ? -15.719 14.960  -0.391  1.00 48.60  ? 16  A   A N9    1 
ATOM   313  C C8    . A   A 1 17 ? -15.542 13.616  -0.584  1.00 42.50  ? 16  A   A C8    1 
ATOM   314  N N7    . A   A 1 17 ? -16.291 12.873  0.191   1.00 46.85  ? 16  A   A N7    1 
ATOM   315  C C5    . A   A 1 17 ? -17.013 13.794  0.939   1.00 52.88  ? 16  A   A C5    1 
ATOM   316  C C6    . A   A 1 17 ? -17.980 13.652  1.956   1.00 57.86  ? 16  A   A C6    1 
ATOM   317  N N6    . A   A 1 17 ? -18.391 12.472  2.433   1.00 58.06  ? 16  A   A N6    1 
ATOM   318  N N1    . A   A 1 17 ? -18.513 14.783  2.482   1.00 55.91  ? 16  A   A N1    1 
ATOM   319  C C2    . A   A 1 17 ? -18.088 15.964  2.017   1.00 54.48  ? 16  A   A C2    1 
ATOM   320  N N3    . A   A 1 17 ? -17.179 16.223  1.079   1.00 52.65  ? 16  A   A N3    1 
ATOM   321  C C4    . A   A 1 17 ? -16.678 15.082  0.576   1.00 49.28  ? 16  A   A C4    1 
ATOM   322  P P     . A   A 1 18 ? -10.737 16.256  1.200   1.00 66.02  ? 17  A   A P     1 
ATOM   323  O OP1   . A   A 1 18 ? -9.452  16.991  1.167   1.00 69.51  ? 17  A   A OP1   1 
ATOM   324  O OP2   . A   A 1 18 ? -10.727 14.790  1.402   1.00 58.48  ? 17  A   A OP2   1 
ATOM   325  O "O5'" . A   A 1 18 ? -11.638 16.897  2.351   1.00 68.49  ? 17  A   A "O5'" 1 
ATOM   326  C "C5'" . A   A 1 18 ? -11.769 18.312  2.494   1.00 70.19  ? 17  A   A "C5'" 1 
ATOM   327  C "C4'" . A   A 1 18 ? -12.522 18.627  3.761   1.00 73.94  ? 17  A   A "C4'" 1 
ATOM   328  O "O4'" . A   A 1 18 ? -13.830 18.025  3.656   1.00 81.32  ? 17  A   A "O4'" 1 
ATOM   329  C "C3'" . A   A 1 18 ? -11.904 18.034  5.020   1.00 78.42  ? 17  A   A "C3'" 1 
ATOM   330  O "O3'" . A   A 1 18 ? -11.026 18.980  5.619   1.00 76.87  ? 17  A   A "O3'" 1 
ATOM   331  C "C2'" . A   A 1 18 ? -13.111 17.806  5.923   1.00 82.45  ? 17  A   A "C2'" 1 
ATOM   332  O "O2'" . A   A 1 18 ? -13.469 18.942  6.678   1.00 87.95  ? 17  A   A "O2'" 1 
ATOM   333  C "C1'" . A   A 1 18 ? -14.214 17.499  4.909   1.00 90.78  ? 17  A   A "C1'" 1 
ATOM   334  N N9    . A   A 1 18 ? -14.505 16.075  4.751   1.00 102.91 ? 17  A   A N9    1 
ATOM   335  C C8    . A   A 1 18 ? -13.779 15.094  4.114   1.00 105.51 ? 17  A   A C8    1 
ATOM   336  N N7    . A   A 1 18 ? -14.327 13.903  4.182   1.00 106.23 ? 17  A   A N7    1 
ATOM   337  C C5    . A   A 1 18 ? -15.491 14.116  4.913   1.00 111.80 ? 17  A   A C5    1 
ATOM   338  C C6    . A   A 1 18 ? -16.515 13.252  5.347   1.00 116.89 ? 17  A   A C6    1 
ATOM   339  N N6    . A   A 1 18 ? -16.525 11.938  5.109   1.00 119.96 ? 17  A   A N6    1 
ATOM   340  N N1    . A   A 1 18 ? -17.540 13.791  6.051   1.00 120.73 ? 17  A   A N1    1 
ATOM   341  C C2    . A   A 1 18 ? -17.524 15.108  6.303   1.00 118.33 ? 17  A   A C2    1 
ATOM   342  N N3    . A   A 1 18 ? -16.617 16.020  5.958   1.00 114.69 ? 17  A   A N3    1 
ATOM   343  C C4    . A   A 1 18 ? -15.615 15.450  5.259   1.00 109.89 ? 17  A   A C4    1 
ATOM   344  P P     . G   A 1 19 ? -9.438  18.794  5.489   1.00 74.84  ? 18  G   A P     1 
ATOM   345  O OP1   . G   A 1 19 ? -8.888  20.081  4.972   1.00 71.67  ? 18  G   A OP1   1 
ATOM   346  O OP2   . G   A 1 19 ? -9.155  17.531  4.760   1.00 78.64  ? 18  G   A OP2   1 
ATOM   347  O "O5'" . G   A 1 19 ? -8.950  18.616  6.993   1.00 69.74  ? 18  G   A "O5'" 1 
ATOM   348  C "C5'" . G   A 1 19 ? -9.781  18.007  7.978   1.00 65.24  ? 18  G   A "C5'" 1 
ATOM   349  C "C4'" . G   A 1 19 ? -8.970  17.029  8.803   1.00 66.97  ? 18  G   A "C4'" 1 
ATOM   350  O "O4'" . G   A 1 19 ? -8.768  15.808  8.046   1.00 60.88  ? 18  G   A "O4'" 1 
ATOM   351  C "C3'" . G   A 1 19 ? -7.567  17.489  9.171   1.00 66.57  ? 18  G   A "C3'" 1 
ATOM   352  O "O3'" . G   A 1 19 ? -7.557  18.305  10.344  1.00 59.45  ? 18  G   A "O3'" 1 
ATOM   353  C "C2'" . G   A 1 19 ? -6.834  16.171  9.389   1.00 64.70  ? 18  G   A "C2'" 1 
ATOM   354  O "O2'" . G   A 1 19 ? -7.034  15.652  10.688  1.00 73.76  ? 18  G   A "O2'" 1 
ATOM   355  C "C1'" . G   A 1 19 ? -7.492  15.269  8.340   1.00 60.66  ? 18  G   A "C1'" 1 
ATOM   356  N N9    . G   A 1 19 ? -6.747  15.193  7.090   1.00 63.02  ? 18  G   A N9    1 
ATOM   357  C C8    . G   A 1 19 ? -7.203  15.536  5.840   1.00 60.06  ? 18  G   A C8    1 
ATOM   358  N N7    . G   A 1 19 ? -6.299  15.399  4.911   1.00 51.17  ? 18  G   A N7    1 
ATOM   359  C C5    . G   A 1 19 ? -5.183  14.932  5.585   1.00 52.00  ? 18  G   A C5    1 
ATOM   360  C C6    . G   A 1 19 ? -3.899  14.623  5.103   1.00 59.03  ? 18  G   A C6    1 
ATOM   361  O O6    . G   A 1 19 ? -3.474  14.710  3.941   1.00 67.67  ? 18  G   A O6    1 
ATOM   362  N N1    . G   A 1 19 ? -3.063  14.175  6.123   1.00 55.69  ? 18  G   A N1    1 
ATOM   363  C C2    . G   A 1 19 ? -3.428  14.048  7.440   1.00 58.09  ? 18  G   A C2    1 
ATOM   364  N N2    . G   A 1 19 ? -2.487  13.582  8.273   1.00 59.49  ? 18  G   A N2    1 
ATOM   365  N N3    . G   A 1 19 ? -4.627  14.350  7.904   1.00 55.03  ? 18  G   A N3    1 
ATOM   366  C C4    . G   A 1 19 ? -5.446  14.783  6.928   1.00 58.13  ? 18  G   A C4    1 
ATOM   367  P P     . U   A 1 20 ? -6.570  19.575  10.417  1.00 68.12  ? 19  U   A P     1 
ATOM   368  O OP1   . U   A 1 20 ? -6.971  20.393  11.589  1.00 63.04  ? 19  U   A OP1   1 
ATOM   369  O OP2   . U   A 1 20 ? -6.524  20.202  9.070   1.00 63.24  ? 19  U   A OP2   1 
ATOM   370  O "O5'" . U   A 1 20 ? -5.131  18.942  10.691  1.00 66.30  ? 19  U   A "O5'" 1 
ATOM   371  C "C5'" . U   A 1 20 ? -4.871  18.173  11.866  1.00 63.51  ? 19  U   A "C5'" 1 
ATOM   372  C "C4'" . U   A 1 20 ? -3.480  17.577  11.809  1.00 62.48  ? 19  U   A "C4'" 1 
ATOM   373  O "O4'" . U   A 1 20 ? -3.392  16.662  10.681  1.00 62.91  ? 19  U   A "O4'" 1 
ATOM   374  C "C3'" . U   A 1 20 ? -2.345  18.548  11.529  1.00 66.65  ? 19  U   A "C3'" 1 
ATOM   375  O "O3'" . U   A 1 20 ? -1.934  19.279  12.670  1.00 75.42  ? 19  U   A "O3'" 1 
ATOM   376  C "C2'" . U   A 1 20 ? -1.244  17.622  11.027  1.00 61.60  ? 19  U   A "C2'" 1 
ATOM   377  O "O2'" . U   A 1 20 ? -0.539  16.948  12.048  1.00 63.07  ? 19  U   A "O2'" 1 
ATOM   378  C "C1'" . U   A 1 20 ? -2.053  16.631  10.194  1.00 54.72  ? 19  U   A "C1'" 1 
ATOM   379  N N1    . U   A 1 20 ? -2.042  16.991  8.768   1.00 44.69  ? 19  U   A N1    1 
ATOM   380  C C2    . U   A 1 20 ? -0.879  16.739  8.079   1.00 43.03  ? 19  U   A C2    1 
ATOM   381  O O2    . U   A 1 20 ? 0.100   16.251  8.617   1.00 46.13  ? 19  U   A O2    1 
ATOM   382  N N3    . U   A 1 20 ? -0.900  17.082  6.745   1.00 34.20  ? 19  U   A N3    1 
ATOM   383  C C4    . U   A 1 20 ? -1.955  17.648  6.049   1.00 34.08  ? 19  U   A C4    1 
ATOM   384  O O4    . U   A 1 20 ? -1.833  17.887  4.836   1.00 26.67  ? 19  U   A O4    1 
ATOM   385  C C5    . U   A 1 20 ? -3.126  17.887  6.841   1.00 28.74  ? 19  U   A C5    1 
ATOM   386  C C6    . U   A 1 20 ? -3.132  17.557  8.139   1.00 41.13  ? 19  U   A C6    1 
ATOM   387  P P     . C   A 1 21 ? -1.204  20.700  12.474  1.00 79.35  ? 20  C   A P     1 
ATOM   388  O OP1   . C   A 1 21 ? -1.018  21.274  13.828  1.00 80.48  ? 20  C   A OP1   1 
ATOM   389  O OP2   . C   A 1 21 ? -1.906  21.488  11.427  1.00 78.61  ? 20  C   A OP2   1 
ATOM   390  O "O5'" . C   A 1 21 ? 0.233   20.325  11.914  1.00 70.81  ? 20  C   A "O5'" 1 
ATOM   391  C "C5'" . C   A 1 21 ? 1.228   19.815  12.781  1.00 65.18  ? 20  C   A "C5'" 1 
ATOM   392  C "C4'" . C   A 1 21 ? 2.542   19.804  12.072  1.00 63.11  ? 20  C   A "C4'" 1 
ATOM   393  O "O4'" . C   A 1 21 ? 2.441   18.914  10.929  1.00 56.68  ? 20  C   A "O4'" 1 
ATOM   394  C "C3'" . C   A 1 21 ? 2.911   21.131  11.436  1.00 68.34  ? 20  C   A "C3'" 1 
ATOM   395  O "O3'" . C   A 1 21 ? 3.462   22.050  12.372  1.00 73.10  ? 20  C   A "O3'" 1 
ATOM   396  C "C2'" . C   A 1 21 ? 3.911   20.685  10.383  1.00 63.81  ? 20  C   A "C2'" 1 
ATOM   397  O "O2'" . C   A 1 21 ? 5.175   20.357  10.925  1.00 68.65  ? 20  C   A "O2'" 1 
ATOM   398  C "C1'" . C   A 1 21 ? 3.234   19.417  9.867   1.00 53.39  ? 20  C   A "C1'" 1 
ATOM   399  N N1    . C   A 1 21 ? 2.368   19.698  8.711   1.00 45.27  ? 20  C   A N1    1 
ATOM   400  C C2    . C   A 1 21 ? 2.960   19.735  7.440   1.00 43.84  ? 20  C   A C2    1 
ATOM   401  O O2    . C   A 1 21 ? 4.178   19.527  7.347   1.00 48.21  ? 20  C   A O2    1 
ATOM   402  N N3    . C   A 1 21 ? 2.196   19.995  6.355   1.00 37.57  ? 20  C   A N3    1 
ATOM   403  C C4    . C   A 1 21 ? 0.883   20.212  6.500   1.00 38.72  ? 20  C   A C4    1 
ATOM   404  N N4    . C   A 1 21 ? 0.166   20.452  5.396   1.00 21.80  ? 20  C   A N4    1 
ATOM   405  C C5    . C   A 1 21 ? 0.250   20.185  7.786   1.00 32.07  ? 20  C   A C5    1 
ATOM   406  C C6    . C   A 1 21 ? 1.026   19.925  8.855   1.00 34.66  ? 20  C   A C6    1 
ATOM   407  P P     . G   A 1 22 ? 3.409   23.627  12.057  1.00 72.69  ? 21  G   A P     1 
ATOM   408  O OP1   . G   A 1 22 ? 3.923   24.322  13.260  1.00 75.96  ? 21  G   A OP1   1 
ATOM   409  O OP2   . G   A 1 22 ? 2.055   23.957  11.542  1.00 75.65  ? 21  G   A OP2   1 
ATOM   410  O "O5'" . G   A 1 22 ? 4.473   23.822  10.886  1.00 64.52  ? 21  G   A "O5'" 1 
ATOM   411  C "C5'" . G   A 1 22 ? 5.849   23.535  11.106  1.00 62.85  ? 21  G   A "C5'" 1 
ATOM   412  C "C4'" . G   A 1 22 ? 6.582   23.397  9.794   1.00 60.72  ? 21  G   A "C4'" 1 
ATOM   413  O "O4'" . G   A 1 22 ? 5.936   22.375  8.990   1.00 61.40  ? 21  G   A "O4'" 1 
ATOM   414  C "C3'" . G   A 1 22 ? 6.574   24.612  8.888   1.00 63.58  ? 21  G   A "C3'" 1 
ATOM   415  O "O3'" . G   A 1 22 ? 7.571   25.547  9.265   1.00 75.39  ? 21  G   A "O3'" 1 
ATOM   416  C "C2'" . G   A 1 22 ? 6.879   23.984  7.536   1.00 62.12  ? 21  G   A "C2'" 1 
ATOM   417  O "O2'" . G   A 1 22 ? 8.236   23.627  7.392   1.00 60.93  ? 21  G   A "O2'" 1 
ATOM   418  C "C1'" . G   A 1 22 ? 6.031   22.716  7.612   1.00 58.72  ? 21  G   A "C1'" 1 
ATOM   419  N N9    . G   A 1 22 ? 4.684   22.921  7.075   1.00 55.26  ? 21  G   A N9    1 
ATOM   420  C C8    . G   A 1 22 ? 3.484   22.903  7.758   1.00 52.06  ? 21  G   A C8    1 
ATOM   421  N N7    . G   A 1 22 ? 2.455   23.142  6.990   1.00 48.26  ? 21  G   A N7    1 
ATOM   422  C C5    . G   A 1 22 ? 3.005   23.324  5.725   1.00 43.53  ? 21  G   A C5    1 
ATOM   423  C C6    . G   A 1 22 ? 2.383   23.618  4.476   1.00 43.59  ? 21  G   A C6    1 
ATOM   424  O O6    . G   A 1 22 ? 1.173   23.773  4.226   1.00 39.13  ? 21  G   A O6    1 
ATOM   425  N N1    . G   A 1 22 ? 3.324   23.731  3.454   1.00 39.67  ? 21  G   A N1    1 
ATOM   426  C C2    . G   A 1 22 ? 4.679   23.580  3.607   1.00 38.56  ? 21  G   A C2    1 
ATOM   427  N N2    . G   A 1 22 ? 5.429   23.744  2.514   1.00 27.17  ? 21  G   A N2    1 
ATOM   428  N N3    . G   A 1 22 ? 5.264   23.296  4.754   1.00 41.44  ? 21  G   A N3    1 
ATOM   429  C C4    . G   A 1 22 ? 4.376   23.187  5.762   1.00 42.03  ? 21  G   A C4    1 
ATOM   430  P P     . C   A 1 23 ? 7.411   27.094  8.849   1.00 77.69  ? 22  C   A P     1 
ATOM   431  O OP1   . C   A 1 23 ? 8.630   27.799  9.333   1.00 74.18  ? 22  C   A OP1   1 
ATOM   432  O OP2   . C   A 1 23 ? 6.065   27.574  9.262   1.00 69.58  ? 22  C   A OP2   1 
ATOM   433  O "O5'" . C   A 1 23 ? 7.460   27.075  7.259   1.00 64.98  ? 22  C   A "O5'" 1 
ATOM   434  C "C5'" . C   A 1 23 ? 8.680   26.837  6.579   1.00 55.13  ? 22  C   A "C5'" 1 
ATOM   435  C "C4'" . C   A 1 23 ? 8.491   27.054  5.103   1.00 53.60  ? 22  C   A "C4'" 1 
ATOM   436  O "O4'" . C   A 1 23 ? 7.472   26.139  4.624   1.00 51.95  ? 22  C   A "O4'" 1 
ATOM   437  C "C3'" . C   A 1 23 ? 7.949   28.414  4.704   1.00 48.66  ? 22  C   A "C3'" 1 
ATOM   438  O "O3'" . C   A 1 23 ? 8.918   29.450  4.742   1.00 50.58  ? 22  C   A "O3'" 1 
ATOM   439  C "C2'" . C   A 1 23 ? 7.379   28.127  3.324   1.00 50.48  ? 22  C   A "C2'" 1 
ATOM   440  O "O2'" . C   A 1 23 ? 8.374   28.072  2.321   1.00 49.80  ? 22  C   A "O2'" 1 
ATOM   441  C "C1'" . C   A 1 23 ? 6.783   26.733  3.538   1.00 48.38  ? 22  C   A "C1'" 1 
ATOM   442  N N1    . C   A 1 23 ? 5.354   26.802  3.869   1.00 44.55  ? 22  C   A N1    1 
ATOM   443  C C2    . C   A 1 23 ? 4.472   27.017  2.838   1.00 42.12  ? 22  C   A C2    1 
ATOM   444  O O2    . C   A 1 23 ? 4.931   27.125  1.697   1.00 40.16  ? 22  C   A O2    1 
ATOM   445  N N3    . C   A 1 23 ? 3.147   27.107  3.098   1.00 36.91  ? 22  C   A N3    1 
ATOM   446  C C4    . C   A 1 23 ? 2.708   26.992  4.351   1.00 34.16  ? 22  C   A C4    1 
ATOM   447  N N4    . C   A 1 23 ? 1.390   27.114  4.569   1.00 37.06  ? 22  C   A N4    1 
ATOM   448  C C5    . C   A 1 23 ? 3.597   26.756  5.437   1.00 33.86  ? 22  C   A C5    1 
ATOM   449  C C6    . C   A 1 23 ? 4.902   26.668  5.153   1.00 37.75  ? 22  C   A C6    1 
ATOM   450  P P     . G   B 1 3  ? -5.167  26.084  -4.765  1.00 100.45 ? 24  G   B P     1 
ATOM   451  O OP1   . G   B 1 3  ? -5.319  24.948  -3.767  1.00 97.70  ? 24  G   B OP1   1 
ATOM   452  O OP2   . G   B 1 3  ? -5.569  25.684  -6.180  1.00 95.72  ? 24  G   B OP2   1 
ATOM   453  O "O5'" . G   B 1 3  ? -3.568  26.390  -4.841  1.00 93.48  ? 24  G   B "O5'" 1 
ATOM   454  C "C5'" . G   B 1 3  ? -2.983  26.960  -6.027  1.00 84.22  ? 24  G   B "C5'" 1 
ATOM   455  C "C4'" . G   B 1 3  ? -1.521  27.261  -5.796  1.00 74.67  ? 24  G   B "C4'" 1 
ATOM   456  O "O4'" . G   B 1 3  ? -1.398  28.274  -4.765  1.00 67.81  ? 24  G   B "O4'" 1 
ATOM   457  C "C3'" . G   B 1 3  ? -0.679  26.105  -5.278  1.00 73.54  ? 24  G   B "C3'" 1 
ATOM   458  O "O3'" . G   B 1 3  ? -0.251  25.262  -6.342  1.00 77.57  ? 24  G   B "O3'" 1 
ATOM   459  C "C2'" . G   B 1 3  ? 0.490   26.838  -4.637  1.00 69.94  ? 24  G   B "C2'" 1 
ATOM   460  O "O2'" . G   B 1 3  ? 1.442   27.266  -5.587  1.00 66.90  ? 24  G   B "O2'" 1 
ATOM   461  C "C1'" . G   B 1 3  ? -0.214  28.048  -4.018  1.00 68.25  ? 24  G   B "C1'" 1 
ATOM   462  N N9    . G   B 1 3  ? -0.578  27.834  -2.619  1.00 67.13  ? 24  G   B N9    1 
ATOM   463  C C8    . G   B 1 3  ? -1.837  27.802  -2.066  1.00 66.49  ? 24  G   B C8    1 
ATOM   464  N N7    . G   B 1 3  ? -1.826  27.585  -0.778  1.00 58.05  ? 24  G   B N7    1 
ATOM   465  C C5    . G   B 1 3  ? -0.482  27.471  -0.463  1.00 58.06  ? 24  G   B C5    1 
ATOM   466  C C6    . G   B 1 3  ? 0.151   27.243  0.779   1.00 57.27  ? 24  G   B C6    1 
ATOM   467  O O6    . G   B 1 3  ? -0.369  27.097  1.897   1.00 58.53  ? 24  G   B O6    1 
ATOM   468  N N1    . G   B 1 3  ? 1.538   27.196  0.642   1.00 58.11  ? 24  G   B N1    1 
ATOM   469  C C2    . G   B 1 3  ? 2.220   27.355  -0.544  1.00 64.93  ? 24  G   B C2    1 
ATOM   470  N N2    . G   B 1 3  ? 3.555   27.271  -0.499  1.00 61.43  ? 24  G   B N2    1 
ATOM   471  N N3    . G   B 1 3  ? 1.637   27.579  -1.702  1.00 66.27  ? 24  G   B N3    1 
ATOM   472  C C4    . G   B 1 3  ? 0.298   27.623  -1.590  1.00 63.03  ? 24  G   B C4    1 
ATOM   473  P P     . C   B 1 4  ? 0.048   23.705  -6.062  1.00 78.76  ? 25  C   B P     1 
ATOM   474  O OP1   . C   B 1 4  ? 0.310   23.068  -7.375  1.00 74.15  ? 25  C   B OP1   1 
ATOM   475  O OP2   . C   B 1 4  ? -0.997  23.144  -5.165  1.00 78.91  ? 25  C   B OP2   1 
ATOM   476  O "O5'" . C   B 1 4  ? 1.419   23.727  -5.268  1.00 77.09  ? 25  C   B "O5'" 1 
ATOM   477  C "C5'" . C   B 1 4  ? 2.588   24.264  -5.867  1.00 77.06  ? 25  C   B "C5'" 1 
ATOM   478  C "C4'" . C   B 1 4  ? 3.746   24.134  -4.921  1.00 73.65  ? 25  C   B "C4'" 1 
ATOM   479  O "O4'" . C   B 1 4  ? 3.535   25.007  -3.782  1.00 72.22  ? 25  C   B "O4'" 1 
ATOM   480  C "C3'" . C   B 1 4  ? 3.878   22.754  -4.307  1.00 76.00  ? 25  C   B "C3'" 1 
ATOM   481  O "O3'" . C   B 1 4  ? 4.559   21.875  -5.196  1.00 77.53  ? 25  C   B "O3'" 1 
ATOM   482  C "C2'" . C   B 1 4  ? 4.653   23.044  -3.028  1.00 75.60  ? 25  C   B "C2'" 1 
ATOM   483  O "O2'" . C   B 1 4  ? 6.047   23.163  -3.235  1.00 78.06  ? 25  C   B "O2'" 1 
ATOM   484  C "C1'" . C   B 1 4  ? 4.068   24.399  -2.617  1.00 72.70  ? 25  C   B "C1'" 1 
ATOM   485  N N1    . C   B 1 4  ? 3.006   24.306  -1.601  1.00 66.89  ? 25  C   B N1    1 
ATOM   486  C C2    . C   B 1 4  ? 3.378   24.096  -0.270  1.00 65.34  ? 25  C   B C2    1 
ATOM   487  O O2    . C   B 1 4  ? 4.585   23.994  0.001   1.00 58.10  ? 25  C   B O2    1 
ATOM   488  N N3    . C   B 1 4  ? 2.419   24.004  0.681   1.00 63.46  ? 25  C   B N3    1 
ATOM   489  C C4    . C   B 1 4  ? 1.131   24.107  0.343   1.00 63.88  ? 25  C   B C4    1 
ATOM   490  N N4    . C   B 1 4  ? 0.219   24.000  1.318   1.00 60.72  ? 25  C   B N4    1 
ATOM   491  C C5    . C   B 1 4  ? 0.721   24.322  -1.007  1.00 62.62  ? 25  C   B C5    1 
ATOM   492  C C6    . C   B 1 4  ? 1.684   24.416  -1.939  1.00 65.27  ? 25  C   B C6    1 
ATOM   493  P P     . G   B 1 5  ? 4.457   20.285  -4.982  1.00 81.59  ? 26  G   B P     1 
ATOM   494  O OP1   . G   B 1 5  ? 5.218   19.675  -6.104  1.00 79.07  ? 26  G   B OP1   1 
ATOM   495  O OP2   . G   B 1 5  ? 3.042   19.881  -4.745  1.00 82.23  ? 26  G   B OP2   1 
ATOM   496  O "O5'" . G   B 1 5  ? 5.283   20.039  -3.646  1.00 75.51  ? 26  G   B "O5'" 1 
ATOM   497  C "C5'" . G   B 1 5  ? 6.684   20.276  -3.626  1.00 73.04  ? 26  G   B "C5'" 1 
ATOM   498  C "C4'" . G   B 1 5  ? 7.250   19.923  -2.283  1.00 66.49  ? 26  G   B "C4'" 1 
ATOM   499  O "O4'" . G   B 1 5  ? 6.888   20.925  -1.301  1.00 66.19  ? 26  G   B "O4'" 1 
ATOM   500  C "C3'" . G   B 1 5  ? 6.711   18.639  -1.695  1.00 69.52  ? 26  G   B "C3'" 1 
ATOM   501  O "O3'" . G   B 1 5  ? 7.329   17.509  -2.300  1.00 75.67  ? 26  G   B "O3'" 1 
ATOM   502  C "C2'" . G   B 1 5  ? 7.043   18.819  -0.219  1.00 66.81  ? 26  G   B "C2'" 1 
ATOM   503  O "O2'" . G   B 1 5  ? 8.390   18.554  0.098   1.00 66.71  ? 26  G   B "O2'" 1 
ATOM   504  C "C1'" . G   B 1 5  ? 6.757   20.310  -0.029  1.00 64.36  ? 26  G   B "C1'" 1 
ATOM   505  N N9    . G   B 1 5  ? 5.394   20.518  0.438   1.00 61.00  ? 26  G   B N9    1 
ATOM   506  C C8    . G   B 1 5  ? 4.296   20.852  -0.316  1.00 60.22  ? 26  G   B C8    1 
ATOM   507  N N7    . G   B 1 5  ? 3.194   20.905  0.380   1.00 55.65  ? 26  G   B N7    1 
ATOM   508  C C5    . G   B 1 5  ? 3.591   20.599  1.672   1.00 53.07  ? 26  G   B C5    1 
ATOM   509  C C6    . G   B 1 5  ? 2.827   20.489  2.863   1.00 53.64  ? 26  G   B C6    1 
ATOM   510  O O6    . G   B 1 5  ? 1.602   20.632  3.009   1.00 45.20  ? 26  G   B O6    1 
ATOM   511  N N1    . G   B 1 5  ? 3.634   20.171  3.956   1.00 50.71  ? 26  G   B N1    1 
ATOM   512  C C2    . G   B 1 5  ? 4.999   19.973  3.902   1.00 55.47  ? 26  G   B C2    1 
ATOM   513  N N2    . G   B 1 5  ? 5.610   19.670  5.057   1.00 54.67  ? 26  G   B N2    1 
ATOM   514  N N3    . G   B 1 5  ? 5.715   20.064  2.792   1.00 52.02  ? 26  G   B N3    1 
ATOM   515  C C4    . G   B 1 5  ? 4.951   20.377  1.726   1.00 55.96  ? 26  G   B C4    1 
ATOM   516  P P     . U   B 1 6  ? 6.690   16.052  -2.092  1.00 70.29  ? 27  U   B P     1 
ATOM   517  O OP1   . U   B 1 6  ? 7.479   15.122  -2.938  1.00 71.86  ? 27  U   B OP1   1 
ATOM   518  O OP2   . U   B 1 6  ? 5.220   16.150  -2.281  1.00 72.63  ? 27  U   B OP2   1 
ATOM   519  O "O5'" . U   B 1 6  ? 7.004   15.759  -0.560  1.00 62.17  ? 27  U   B "O5'" 1 
ATOM   520  C "C5'" . U   B 1 6  ? 6.213   14.870  0.213   1.00 54.35  ? 27  U   B "C5'" 1 
ATOM   521  C "C4'" . U   B 1 6  ? 6.640   14.953  1.654   1.00 53.92  ? 27  U   B "C4'" 1 
ATOM   522  O "O4'" . U   B 1 6  ? 6.278   16.252  2.196   1.00 49.10  ? 27  U   B "O4'" 1 
ATOM   523  C "C3'" . U   B 1 6  ? 5.974   13.991  2.613   1.00 60.76  ? 27  U   B "C3'" 1 
ATOM   524  O "O3'" . U   B 1 6  ? 6.576   12.713  2.543   1.00 70.85  ? 27  U   B "O3'" 1 
ATOM   525  C "C2'" . U   B 1 6  ? 6.252   14.659  3.950   1.00 57.63  ? 27  U   B "C2'" 1 
ATOM   526  O "O2'" . U   B 1 6  ? 7.576   14.462  4.395   1.00 64.10  ? 27  U   B "O2'" 1 
ATOM   527  C "C1'" . U   B 1 6  ? 6.035   16.131  3.591   1.00 49.80  ? 27  U   B "C1'" 1 
ATOM   528  N N1    . U   B 1 6  ? 4.645   16.514  3.862   1.00 44.13  ? 27  U   B N1    1 
ATOM   529  C C2    . U   B 1 6  ? 4.204   16.401  5.167   1.00 41.17  ? 27  U   B C2    1 
ATOM   530  O O2    . U   B 1 6  ? 4.937   16.067  6.085   1.00 49.08  ? 27  U   B O2    1 
ATOM   531  N N3    . U   B 1 6  ? 2.878   16.692  5.360   1.00 34.32  ? 27  U   B N3    1 
ATOM   532  C C4    . U   B 1 6  ? 1.968   17.088  4.408   1.00 39.57  ? 27  U   B C4    1 
ATOM   533  O O4    . U   B 1 6  ? 0.787   17.245  4.733   1.00 41.13  ? 27  U   B O4    1 
ATOM   534  C C5    . U   B 1 6  ? 2.506   17.222  3.087   1.00 35.97  ? 27  U   B C5    1 
ATOM   535  C C6    . U   B 1 6  ? 3.797   16.940  2.864   1.00 41.10  ? 27  U   B C6    1 
ATOM   536  P P     . C   B 1 7  ? 5.659   11.404  2.660   1.00 74.59  ? 28  C   B P     1 
ATOM   537  O OP1   . C   B 1 7  ? 6.577   10.247  2.785   1.00 80.50  ? 28  C   B OP1   1 
ATOM   538  O OP2   . C   B 1 7  ? 4.656   11.442  1.561   1.00 73.52  ? 28  C   B OP2   1 
ATOM   539  O "O5'" . C   B 1 7  ? 4.914   11.572  4.055   1.00 66.98  ? 28  C   B "O5'" 1 
ATOM   540  C "C5'" . C   B 1 7  ? 5.603   11.325  5.270   1.00 61.51  ? 28  C   B "C5'" 1 
ATOM   541  C "C4'" . C   B 1 7  ? 4.660   11.451  6.436   1.00 62.48  ? 28  C   B "C4'" 1 
ATOM   542  O "O4'" . C   B 1 7  ? 4.113   12.798  6.453   1.00 60.21  ? 28  C   B "O4'" 1 
ATOM   543  C "C3'" . C   B 1 7  ? 3.412   10.589  6.376   1.00 66.58  ? 28  C   B "C3'" 1 
ATOM   544  O "O3'" . C   B 1 7  ? 3.646   9.238   6.750   1.00 77.03  ? 28  C   B "O3'" 1 
ATOM   545  C "C2'" . C   B 1 7  ? 2.510   11.319  7.358   1.00 62.91  ? 28  C   B "C2'" 1 
ATOM   546  O "O2'" . C   B 1 7  ? 2.896   11.137  8.704   1.00 61.71  ? 28  C   B "O2'" 1 
ATOM   547  C "C1'" . C   B 1 7  ? 2.783   12.764  6.959   1.00 53.84  ? 28  C   B "C1'" 1 
ATOM   548  N N1    . C   B 1 7  ? 1.856   13.211  5.903   1.00 42.07  ? 28  C   B N1    1 
ATOM   549  C C2    . C   B 1 7  ? 0.518   13.456  6.258   1.00 36.86  ? 28  C   B C2    1 
ATOM   550  O O2    . C   B 1 7  ? 0.175   13.292  7.448   1.00 32.11  ? 28  C   B O2    1 
ATOM   551  N N3    . C   B 1 7  ? -0.356  13.866  5.302   1.00 26.42  ? 28  C   B N3    1 
ATOM   552  C C4    . C   B 1 7  ? 0.068   14.042  4.039   1.00 29.92  ? 28  C   B C4    1 
ATOM   553  N N4    . C   B 1 7  ? -0.822  14.462  3.130   1.00 25.36  ? 28  C   B N4    1 
ATOM   554  C C5    . C   B 1 7  ? 1.425   13.799  3.654   1.00 20.76  ? 28  C   B C5    1 
ATOM   555  C C6    . C   B 1 7  ? 2.275   13.388  4.609   1.00 31.68  ? 28  C   B C6    1 
ATOM   556  P P     . A   B 1 8  ? 2.706   8.074   6.146   1.00 83.14  ? 29  A   B P     1 
ATOM   557  O OP1   . A   B 1 8  ? 3.238   6.788   6.668   1.00 85.35  ? 29  A   B OP1   1 
ATOM   558  O OP2   . A   B 1 8  ? 2.563   8.266   4.675   1.00 78.92  ? 29  A   B OP2   1 
ATOM   559  O "O5'" . A   B 1 8  ? 1.282   8.337   6.819   1.00 79.74  ? 29  A   B "O5'" 1 
ATOM   560  C "C5'" . A   B 1 8  ? 1.151   8.406   8.235   1.00 69.44  ? 29  A   B "C5'" 1 
ATOM   561  C "C4'" . A   B 1 8  ? -0.241  8.837   8.616   1.00 62.94  ? 29  A   B "C4'" 1 
ATOM   562  O "O4'" . A   B 1 8  ? -0.489  10.178  8.121   1.00 61.91  ? 29  A   B "O4'" 1 
ATOM   563  C "C3'" . A   B 1 8  ? -1.372  8.023   8.015   1.00 61.95  ? 29  A   B "C3'" 1 
ATOM   564  O "O3'" . A   B 1 8  ? -1.597  6.845   8.763   1.00 69.87  ? 29  A   B "O3'" 1 
ATOM   565  C "C2'" . A   B 1 8  ? -2.539  8.988   8.144   1.00 62.03  ? 29  A   B "C2'" 1 
ATOM   566  O "O2'" . A   B 1 8  ? -3.040  9.050   9.469   1.00 47.12  ? 29  A   B "O2'" 1 
ATOM   567  C "C1'" . A   B 1 8  ? -1.860  10.305  7.764   1.00 59.94  ? 29  A   B "C1'" 1 
ATOM   568  N N9    . A   B 1 8  ? -1.936  10.561  6.326   1.00 53.40  ? 29  A   B N9    1 
ATOM   569  C C8    . A   B 1 8  ? -0.930  10.488  5.390   1.00 54.97  ? 29  A   B C8    1 
ATOM   570  N N7    . A   B 1 8  ? -1.318  10.778  4.169   1.00 52.22  ? 29  A   B N7    1 
ATOM   571  C C5    . A   B 1 8  ? -2.672  11.066  4.313   1.00 51.15  ? 29  A   B C5    1 
ATOM   572  C C6    . A   B 1 8  ? -3.671  11.445  3.386   1.00 42.64  ? 29  A   B C6    1 
ATOM   573  N N6    . A   B 1 8  ? -3.445  11.626  2.080   1.00 35.35  ? 29  A   B N6    1 
ATOM   574  N N1    . A   B 1 8  ? -4.922  11.631  3.856   1.00 37.24  ? 29  A   B N1    1 
ATOM   575  C C2    . A   B 1 8  ? -5.149  11.459  5.166   1.00 46.70  ? 29  A   B C2    1 
ATOM   576  N N3    . A   B 1 8  ? -4.298  11.112  6.134   1.00 51.18  ? 29  A   B N3    1 
ATOM   577  C C4    . A   B 1 8  ? -3.064  10.928  5.636   1.00 49.68  ? 29  A   B C4    1 
ATOM   578  P P     . C   B 1 9  ? -1.822  5.454   8.000   1.00 67.42  ? 30  C   B P     1 
ATOM   579  O OP1   . C   B 1 9  ? -1.732  4.406   9.043   1.00 72.01  ? 30  C   B OP1   1 
ATOM   580  O OP2   . C   B 1 9  ? -0.925  5.399   6.812   1.00 64.73  ? 30  C   B OP2   1 
ATOM   581  O "O5'" . C   B 1 9  ? -3.329  5.522   7.494   1.00 66.69  ? 30  C   B "O5'" 1 
ATOM   582  C "C5'" . C   B 1 9  ? -4.408  5.545   8.421   1.00 64.53  ? 30  C   B "C5'" 1 
ATOM   583  C "C4'" . C   B 1 9  ? -5.667  6.013   7.736   1.00 63.72  ? 30  C   B "C4'" 1 
ATOM   584  O "O4'" . C   B 1 9  ? -5.422  7.327   7.167   1.00 64.03  ? 30  C   B "O4'" 1 
ATOM   585  C "C3'" . C   B 1 9  ? -6.112  5.193   6.537   1.00 63.13  ? 30  C   B "C3'" 1 
ATOM   586  O "O3'" . C   B 1 9  ? -6.818  4.022   6.941   1.00 66.82  ? 30  C   B "O3'" 1 
ATOM   587  C "C2'" . C   B 1 9  ? -6.987  6.194   5.787   1.00 60.86  ? 30  C   B "C2'" 1 
ATOM   588  O "O2'" . C   B 1 9  ? -8.278  6.367   6.343   1.00 56.34  ? 30  C   B "O2'" 1 
ATOM   589  C "C1'" . C   B 1 9  ? -6.186  7.484   5.979   1.00 57.63  ? 30  C   B "C1'" 1 
ATOM   590  N N1    . C   B 1 9  ? -5.276  7.764   4.853   1.00 48.94  ? 30  C   B N1    1 
ATOM   591  C C2    . C   B 1 9  ? -5.789  8.444   3.751   1.00 45.07  ? 30  C   B C2    1 
ATOM   592  O O2    . C   B 1 9  ? -6.963  8.837   3.790   1.00 47.78  ? 30  C   B O2    1 
ATOM   593  N N3    . C   B 1 9  ? -4.996  8.660   2.675   1.00 43.05  ? 30  C   B N3    1 
ATOM   594  C C4    . C   B 1 9  ? -3.733  8.226   2.678   1.00 40.96  ? 30  C   B C4    1 
ATOM   595  N N4    . C   B 1 9  ? -3.005  8.430   1.578   1.00 38.41  ? 30  C   B N4    1 
ATOM   596  C C5    . C   B 1 9  ? -3.169  7.561   3.806   1.00 37.37  ? 30  C   B C5    1 
ATOM   597  C C6    . C   B 1 9  ? -3.970  7.353   4.864   1.00 44.10  ? 30  C   B C6    1 
ATOM   598  P P     . A   B 1 10 ? -6.628  2.648   6.119   1.00 63.00  ? 31  A   B P     1 
ATOM   599  O OP1   . A   B 1 10 ? -7.224  1.577   6.955   1.00 63.62  ? 31  A   B OP1   1 
ATOM   600  O OP2   . A   B 1 10 ? -5.222  2.519   5.665   1.00 61.48  ? 31  A   B OP2   1 
ATOM   601  O "O5'" . A   B 1 10 ? -7.548  2.853   4.836   1.00 62.09  ? 31  A   B "O5'" 1 
ATOM   602  C "C5'" . A   B 1 10 ? -8.968  2.882   4.956   1.00 62.26  ? 31  A   B "C5'" 1 
ATOM   603  C "C4'" . A   B 1 10 ? -9.598  3.167   3.616   1.00 62.19  ? 31  A   B "C4'" 1 
ATOM   604  O "O4'" . A   B 1 10 ? -9.294  4.528   3.223   1.00 59.72  ? 31  A   B "O4'" 1 
ATOM   605  C "C3'" . A   B 1 10 ? -9.083  2.319   2.465   1.00 64.48  ? 31  A   B "C3'" 1 
ATOM   606  O "O3'" . A   B 1 10 ? -9.749  1.055   2.430   1.00 65.28  ? 31  A   B "O3'" 1 
ATOM   607  C "C2'" . A   B 1 10 ? -9.405  3.196   1.261   1.00 64.70  ? 31  A   B "C2'" 1 
ATOM   608  O "O2'" . A   B 1 10 ? -10.755 3.115   0.854   1.00 70.11  ? 31  A   B "O2'" 1 
ATOM   609  C "C1'" . A   B 1 10 ? -9.133  4.594   1.819   1.00 63.20  ? 31  A   B "C1'" 1 
ATOM   610  N N9    . A   B 1 10 ? -7.781  5.075   1.532   1.00 63.14  ? 31  A   B N9    1 
ATOM   611  C C8    . A   B 1 10 ? -6.703  5.116   2.380   1.00 59.82  ? 31  A   B C8    1 
ATOM   612  N N7    . A   B 1 10 ? -5.605  5.569   1.820   1.00 58.94  ? 31  A   B N7    1 
ATOM   613  C C5    . A   B 1 10 ? -5.987  5.853   0.515   1.00 55.65  ? 31  A   B C5    1 
ATOM   614  C C6    . A   B 1 10 ? -5.277  6.356   -0.591  1.00 52.43  ? 31  A   B C6    1 
ATOM   615  N N6    . A   B 1 10 ? -3.977  6.646   -0.565  1.00 50.19  ? 31  A   B N6    1 
ATOM   616  N N1    . A   B 1 10 ? -5.959  6.541   -1.744  1.00 53.03  ? 31  A   B N1    1 
ATOM   617  C C2    . A   B 1 10 ? -7.262  6.221   -1.778  1.00 56.43  ? 31  A   B C2    1 
ATOM   618  N N3    . A   B 1 10 ? -8.036  5.727   -0.810  1.00 59.50  ? 31  A   B N3    1 
ATOM   619  C C4    . A   B 1 10 ? -7.329  5.566   0.326   1.00 61.25  ? 31  A   B C4    1 
ATOM   620  P P     . C   B 1 11 ? -8.991  -0.237  1.834   1.00 64.05  ? 32  C   B P     1 
ATOM   621  O OP1   . C   B 1 11 ? -9.823  -1.415  2.185   1.00 66.27  ? 32  C   B OP1   1 
ATOM   622  O OP2   . C   B 1 11 ? -7.560  -0.208  2.239   1.00 60.95  ? 32  C   B OP2   1 
ATOM   623  O "O5'" . C   B 1 11 ? -9.075  -0.022  0.260   1.00 49.76  ? 32  C   B "O5'" 1 
ATOM   624  C "C5'" . C   B 1 11 ? -10.326 0.221   -0.368  1.00 46.57  ? 32  C   B "C5'" 1 
ATOM   625  C "C4'" . C   B 1 11 ? -10.124 0.869   -1.717  1.00 48.86  ? 32  C   B "C4'" 1 
ATOM   626  O "O4'" . C   B 1 11 ? -9.442  2.141   -1.539  1.00 51.04  ? 32  C   B "O4'" 1 
ATOM   627  C "C3'" . C   B 1 11 ? -9.224  0.132   -2.697  1.00 53.26  ? 32  C   B "C3'" 1 
ATOM   628  O "O3'" . C   B 1 11 ? -9.902  -0.951  -3.333  1.00 54.81  ? 32  C   B "O3'" 1 
ATOM   629  C "C2'" . C   B 1 11 ? -8.834  1.251   -3.661  1.00 51.88  ? 32  C   B "C2'" 1 
ATOM   630  O "O2'" . C   B 1 11 ? -9.828  1.567   -4.618  1.00 51.96  ? 32  C   B "O2'" 1 
ATOM   631  C "C1'" . C   B 1 11 ? -8.670  2.431   -2.699  1.00 51.72  ? 32  C   B "C1'" 1 
ATOM   632  N N1    . C   B 1 11 ? -7.268  2.669   -2.302  1.00 47.61  ? 32  C   B N1    1 
ATOM   633  C C2    . C   B 1 11 ? -6.434  3.375   -3.181  1.00 47.32  ? 32  C   B C2    1 
ATOM   634  O O2    . C   B 1 11 ? -6.914  3.803   -4.245  1.00 39.84  ? 32  C   B O2    1 
ATOM   635  N N3    . C   B 1 11 ? -5.131  3.577   -2.844  1.00 43.88  ? 32  C   B N3    1 
ATOM   636  C C4    . C   B 1 11 ? -4.665  3.119   -1.679  1.00 41.58  ? 32  C   B C4    1 
ATOM   637  N N4    . C   B 1 11 ? -3.386  3.362   -1.377  1.00 37.07  ? 32  C   B N4    1 
ATOM   638  C C5    . C   B 1 11 ? -5.492  2.403   -0.766  1.00 41.53  ? 32  C   B C5    1 
ATOM   639  C C6    . C   B 1 11 ? -6.777  2.205   -1.112  1.00 44.08  ? 32  C   B C6    1 
ATOM   640  P P     . C   B 1 12 ? -9.072  -2.254  -3.806  1.00 54.74  ? 33  C   B P     1 
ATOM   641  O OP1   . C   B 1 12 ? -10.081 -3.280  -4.175  1.00 56.29  ? 33  C   B OP1   1 
ATOM   642  O OP2   . C   B 1 12 ? -8.032  -2.591  -2.798  1.00 43.56  ? 33  C   B OP2   1 
ATOM   643  O "O5'" . C   B 1 12 ? -8.347  -1.762  -5.138  1.00 43.44  ? 33  C   B "O5'" 1 
ATOM   644  C "C5'" . C   B 1 12 ? -9.103  -1.267  -6.241  1.00 39.06  ? 33  C   B "C5'" 1 
ATOM   645  C "C4'" . C   B 1 12 ? -8.187  -0.725  -7.320  1.00 45.24  ? 33  C   B "C4'" 1 
ATOM   646  O "O4'" . C   B 1 12 ? -7.629  0.553   -6.908  1.00 46.94  ? 33  C   B "O4'" 1 
ATOM   647  C "C3'" . C   B 1 12 ? -6.961  -1.560  -7.650  1.00 46.47  ? 33  C   B "C3'" 1 
ATOM   648  O "O3'" . C   B 1 12 ? -7.263  -2.623  -8.538  1.00 51.80  ? 33  C   B "O3'" 1 
ATOM   649  C "C2'" . C   B 1 12 ? -6.066  -0.535  -8.321  1.00 42.96  ? 33  C   B "C2'" 1 
ATOM   650  O "O2'" . C   B 1 12 ? -6.499  -0.285  -9.642  1.00 40.68  ? 33  C   B "O2'" 1 
ATOM   651  C "C1'" . C   B 1 12 ? -6.325  0.696   -7.452  1.00 39.46  ? 33  C   B "C1'" 1 
ATOM   652  N N1    . C   B 1 12 ? -5.361  0.820   -6.345  1.00 34.42  ? 33  C   B N1    1 
ATOM   653  C C2    . C   B 1 12 ? -4.084  1.303   -6.628  1.00 36.90  ? 33  C   B C2    1 
ATOM   654  O O2    . C   B 1 12 ? -3.813  1.635   -7.798  1.00 39.81  ? 33  C   B O2    1 
ATOM   655  N N3    . C   B 1 12 ? -3.175  1.392   -5.629  1.00 31.73  ? 33  C   B N3    1 
ATOM   656  C C4    . C   B 1 12 ? -3.502  1.014   -4.394  1.00 30.52  ? 33  C   B C4    1 
ATOM   657  N N4    . C   B 1 12 ? -2.562  1.090   -3.452  1.00 33.06  ? 33  C   B N4    1 
ATOM   658  C C5    . C   B 1 12 ? -4.804  0.535   -4.074  1.00 25.04  ? 33  C   B C5    1 
ATOM   659  C C6    . C   B 1 12 ? -5.694  0.458   -5.069  1.00 30.66  ? 33  C   B C6    1 
ATOM   660  P P     . G   B 1 13 ? -6.446  -3.995  -8.418  1.00 54.96  ? 34  G   B P     1 
ATOM   661  O OP1   . G   B 1 13 ? -7.144  -5.011  -9.231  1.00 54.78  ? 34  G   B OP1   1 
ATOM   662  O OP2   . G   B 1 13 ? -6.189  -4.251  -6.982  1.00 54.93  ? 34  G   B OP2   1 
ATOM   663  O "O5'" . G   B 1 13 ? -5.050  -3.668  -9.104  1.00 59.85  ? 34  G   B "O5'" 1 
ATOM   664  C "C5'" . G   B 1 13 ? -4.986  -3.285  -10.470 1.00 55.36  ? 34  G   B "C5'" 1 
ATOM   665  C "C4'" . G   B 1 13 ? -3.586  -2.837  -10.823 1.00 53.93  ? 34  G   B "C4'" 1 
ATOM   666  O "O4'" . G   B 1 13 ? -3.286  -1.582  -10.155 1.00 51.27  ? 34  G   B "O4'" 1 
ATOM   667  C "C3'" . G   B 1 13 ? -2.458  -3.755  -10.384 1.00 48.49  ? 34  G   B "C3'" 1 
ATOM   668  O "O3'" . G   B 1 13 ? -2.237  -4.803  -11.306 1.00 44.96  ? 34  G   B "O3'" 1 
ATOM   669  C "C2'" . G   B 1 13 ? -1.275  -2.807  -10.414 1.00 49.13  ? 34  G   B "C2'" 1 
ATOM   670  O "O2'" . G   B 1 13 ? -0.818  -2.601  -11.732 1.00 48.83  ? 34  G   B "O2'" 1 
ATOM   671  C "C1'" . G   B 1 13 ? -1.903  -1.532  -9.852  1.00 46.24  ? 34  G   B "C1'" 1 
ATOM   672  N N9    . G   B 1 13 ? -1.739  -1.476  -8.403  1.00 44.21  ? 34  G   B N9    1 
ATOM   673  C C8    . G   B 1 13 ? -2.657  -1.795  -7.429  1.00 37.69  ? 34  G   B C8    1 
ATOM   674  N N7    . G   B 1 13 ? -2.181  -1.668  -6.219  1.00 35.40  ? 34  G   B N7    1 
ATOM   675  C C5    . G   B 1 13 ? -0.877  -1.232  -6.406  1.00 34.65  ? 34  G   B C5    1 
ATOM   676  C C6    . G   B 1 13 ? 0.139   -0.919  -5.460  1.00 37.02  ? 34  G   B C6    1 
ATOM   677  O O6    . G   B 1 13 ? 0.086   -0.963  -4.224  1.00 36.91  ? 34  G   B O6    1 
ATOM   678  N N1    . G   B 1 13 ? 1.319   -0.520  -6.091  1.00 34.29  ? 34  G   B N1    1 
ATOM   679  C C2    . G   B 1 13 ? 1.492   -0.432  -7.452  1.00 36.75  ? 34  G   B C2    1 
ATOM   680  N N2    . G   B 1 13 ? 2.686   -0.031  -7.880  1.00 40.90  ? 34  G   B N2    1 
ATOM   681  N N3    . G   B 1 13 ? 0.559   -0.716  -8.334  1.00 37.60  ? 34  G   B N3    1 
ATOM   682  C C4    . G   B 1 13 ? -0.593  -1.105  -7.747  1.00 40.24  ? 34  G   B C4    1 
ATOM   683  P P     . G   B 1 14 ? -1.477  -6.126  -10.825 1.00 49.16  ? 35  G   B P     1 
ATOM   684  O OP1   . G   B 1 14 ? -1.415  -7.002  -12.011 1.00 49.96  ? 35  G   B OP1   1 
ATOM   685  O OP2   . G   B 1 14 ? -2.155  -6.601  -9.597  1.00 54.92  ? 35  G   B OP2   1 
ATOM   686  O "O5'" . G   B 1 14 ? 0.000   -5.638  -10.450 1.00 48.97  ? 35  G   B "O5'" 1 
ATOM   687  C "C5'" . G   B 1 14 ? 0.953   -5.327  -11.471 1.00 39.00  ? 35  G   B "C5'" 1 
ATOM   688  C "C4'" . G   B 1 14 ? 2.166   -4.603  -10.902 1.00 32.15  ? 35  G   B "C4'" 1 
ATOM   689  O "O4'" . G   B 1 14 ? 1.711   -3.624  -9.935  1.00 34.72  ? 35  G   B "O4'" 1 
ATOM   690  C "C3'" . G   B 1 14 ? 3.188   -5.376  -10.081 1.00 32.11  ? 35  G   B "C3'" 1 
ATOM   691  O "O3'" . G   B 1 14 ? 4.131   -6.098  -10.858 1.00 35.80  ? 35  G   B "O3'" 1 
ATOM   692  C "C2'" . G   B 1 14 ? 3.918   -4.241  -9.408  1.00 28.08  ? 35  G   B "C2'" 1 
ATOM   693  O "O2'" . G   B 1 14 ? 4.705   -3.559  -10.348 1.00 38.05  ? 35  G   B "O2'" 1 
ATOM   694  C "C1'" . G   B 1 14 ? 2.755   -3.346  -9.017  1.00 29.98  ? 35  G   B "C1'" 1 
ATOM   695  N N9    . G   B 1 14 ? 2.290   -3.619  -7.660  1.00 29.98  ? 35  G   B N9    1 
ATOM   696  C C8    . G   B 1 14 ? 1.090   -4.161  -7.278  1.00 27.82  ? 35  G   B C8    1 
ATOM   697  N N7    . G   B 1 14 ? 0.959   -4.251  -5.979  1.00 26.20  ? 35  G   B N7    1 
ATOM   698  C C5    . G   B 1 14 ? 2.149   -3.750  -5.476  1.00 26.66  ? 35  G   B C5    1 
ATOM   699  C C6    . G   B 1 14 ? 2.584   -3.589  -4.134  1.00 33.91  ? 35  G   B C6    1 
ATOM   700  O O6    . G   B 1 14 ? 1.974   -3.861  -3.090  1.00 41.21  ? 35  G   B O6    1 
ATOM   701  N N1    . G   B 1 14 ? 3.863   -3.043  -4.073  1.00 26.97  ? 35  G   B N1    1 
ATOM   702  C C2    . G   B 1 14 ? 4.623   -2.697  -5.163  1.00 32.38  ? 35  G   B C2    1 
ATOM   703  N N2    . G   B 1 14 ? 5.837   -2.198  -4.907  1.00 37.18  ? 35  G   B N2    1 
ATOM   704  N N3    . G   B 1 14 ? 4.226   -2.834  -6.414  1.00 29.08  ? 35  G   B N3    1 
ATOM   705  C C4    . G   B 1 14 ? 2.987   -3.362  -6.497  1.00 29.28  ? 35  G   B C4    1 
ATOM   706  P P     . U   B 1 15 ? 4.741   -7.471  -10.276 1.00 34.67  ? 36  U   B P     1 
ATOM   707  O OP1   . U   B 1 15 ? 5.247   -8.276  -11.417 1.00 29.84  ? 36  U   B OP1   1 
ATOM   708  O OP2   . U   B 1 15 ? 3.712   -8.037  -9.368  1.00 27.21  ? 36  U   B OP2   1 
ATOM   709  O "O5'" . U   B 1 15 ? 5.991   -7.031  -9.384  1.00 33.05  ? 36  U   B "O5'" 1 
ATOM   710  C "C5'" . U   B 1 15 ? 7.058   -6.274  -9.939  1.00 25.98  ? 36  U   B "C5'" 1 
ATOM   711  C "C4'" . U   B 1 15 ? 7.992   -5.812  -8.852  1.00 25.73  ? 36  U   B "C4'" 1 
ATOM   712  O "O4'" . U   B 1 15 ? 7.291   -4.925  -7.942  1.00 33.82  ? 36  U   B "O4'" 1 
ATOM   713  C "C3'" . U   B 1 15 ? 8.500   -6.899  -7.933  1.00 29.28  ? 36  U   B "C3'" 1 
ATOM   714  O "O3'" . U   B 1 15 ? 9.588   -7.583  -8.507  1.00 30.32  ? 36  U   B "O3'" 1 
ATOM   715  C "C2'" . U   B 1 15 ? 8.944   -6.096  -6.727  1.00 22.46  ? 36  U   B "C2'" 1 
ATOM   716  O "O2'" . U   B 1 15 ? 10.118  -5.388  -7.043  1.00 19.53  ? 36  U   B "O2'" 1 
ATOM   717  C "C1'" . U   B 1 15 ? 7.806   -5.090  -6.624  1.00 29.99  ? 36  U   B "C1'" 1 
ATOM   718  N N1    . U   B 1 15 ? 6.711   -5.530  -5.748  1.00 32.39  ? 36  U   B N1    1 
ATOM   719  C C2    . U   B 1 15 ? 6.856   -5.328  -4.384  1.00 30.13  ? 36  U   B C2    1 
ATOM   720  O O2    . U   B 1 15 ? 7.856   -4.853  -3.897  1.00 26.99  ? 36  U   B O2    1 
ATOM   721  N N3    . U   B 1 15 ? 5.778   -5.704  -3.619  1.00 28.82  ? 36  U   B N3    1 
ATOM   722  C C4    . U   B 1 15 ? 4.597   -6.259  -4.073  1.00 31.79  ? 36  U   B C4    1 
ATOM   723  O O4    . U   B 1 15 ? 3.694   -6.499  -3.273  1.00 37.05  ? 36  U   B O4    1 
ATOM   724  C C5    . U   B 1 15 ? 4.537   -6.463  -5.491  1.00 28.45  ? 36  U   B C5    1 
ATOM   725  C C6    . U   B 1 15 ? 5.571   -6.105  -6.260  1.00 23.53  ? 36  U   B C6    1 
ATOM   726  P P     . G   B 1 16 ? 9.800   -9.126  -8.154  1.00 31.17  ? 37  G   B P     1 
ATOM   727  O OP1   . G   B 1 16 ? 10.934  -9.606  -8.975  1.00 29.27  ? 37  G   B OP1   1 
ATOM   728  O OP2   . G   B 1 16 ? 8.472   -9.772  -8.268  1.00 35.89  ? 37  G   B OP2   1 
ATOM   729  O "O5'" . G   B 1 16 ? 10.200  -9.121  -6.615  1.00 25.18  ? 37  G   B "O5'" 1 
ATOM   730  C "C5'" . G   B 1 16 ? 11.445  -8.588  -6.193  1.00 26.55  ? 37  G   B "C5'" 1 
ATOM   731  C "C4'" . G   B 1 16 ? 11.537  -8.584  -4.687  1.00 29.42  ? 37  G   B "C4'" 1 
ATOM   732  O "O4'" . G   B 1 16 ? 10.449  -7.807  -4.132  1.00 30.03  ? 37  G   B "O4'" 1 
ATOM   733  C "C3'" . G   B 1 16 ? 11.378  -9.920  -3.986  1.00 28.41  ? 37  G   B "C3'" 1 
ATOM   734  O "O3'" . G   B 1 16 ? 12.609  -10.606 -3.975  1.00 29.95  ? 37  G   B "O3'" 1 
ATOM   735  C "C2'" . G   B 1 16 ? 11.075  -9.476  -2.569  1.00 29.97  ? 37  G   B "C2'" 1 
ATOM   736  O "O2'" . G   B 1 16 ? 12.267  -9.059  -1.939  1.00 30.03  ? 37  G   B "O2'" 1 
ATOM   737  C "C1'" . G   B 1 16 ? 10.184  -8.262  -2.819  1.00 27.30  ? 37  G   B "C1'" 1 
ATOM   738  N N9    . G   B 1 16 ? 8.761   -8.540  -2.696  1.00 26.37  ? 37  G   B N9    1 
ATOM   739  C C8    . G   B 1 16 ? 7.861   -8.794  -3.706  1.00 29.71  ? 37  G   B C8    1 
ATOM   740  N N7    . G   B 1 16 ? 6.641   -8.975  -3.271  1.00 27.78  ? 37  G   B N7    1 
ATOM   741  C C5    . G   B 1 16 ? 6.749   -8.840  -1.891  1.00 30.54  ? 37  G   B C5    1 
ATOM   742  C C6    . G   B 1 16 ? 5.760   -8.938  -0.869  1.00 27.79  ? 37  G   B C6    1 
ATOM   743  O O6    . G   B 1 16 ? 4.545   -9.137  -0.985  1.00 23.00  ? 37  G   B O6    1 
ATOM   744  N N1    . G   B 1 16 ? 6.314   -8.765  0.396   1.00 28.24  ? 37  G   B N1    1 
ATOM   745  C C2    . G   B 1 16 ? 7.646   -8.511  0.650   1.00 31.31  ? 37  G   B C2    1 
ATOM   746  N N2    . G   B 1 16 ? 7.984   -8.370  1.940   1.00 20.47  ? 37  G   B N2    1 
ATOM   747  N N3    . G   B 1 16 ? 8.572   -8.400  -0.292  1.00 21.27  ? 37  G   B N3    1 
ATOM   748  C C4    . G   B 1 16 ? 8.057   -8.578  -1.526  1.00 27.15  ? 37  G   B C4    1 
ATOM   749  P P     . A   B 1 17 ? 12.686  -12.109 -4.513  1.00 33.69  ? 38  A   B P     1 
ATOM   750  O OP1   . A   B 1 17 ? 13.404  -12.106 -5.805  1.00 37.37  ? 38  A   B OP1   1 
ATOM   751  O OP2   . A   B 1 17 ? 11.352  -12.738 -4.428  1.00 29.78  ? 38  A   B OP2   1 
ATOM   752  O "O5'" . A   B 1 17 ? 13.657  -12.783 -3.457  1.00 38.96  ? 38  A   B "O5'" 1 
ATOM   753  C "C5'" . A   B 1 17 ? 13.199  -13.141 -2.163  1.00 38.02  ? 38  A   B "C5'" 1 
ATOM   754  C "C4'" . A   B 1 17 ? 13.841  -14.439 -1.763  1.00 35.23  ? 38  A   B "C4'" 1 
ATOM   755  O "O4'" . A   B 1 17 ? 15.252  -14.219 -1.543  1.00 32.90  ? 38  A   B "O4'" 1 
ATOM   756  C "C3'" . A   B 1 17 ? 13.361  -15.100 -0.490  1.00 34.05  ? 38  A   B "C3'" 1 
ATOM   757  O "O3'" . A   B 1 17 ? 12.193  -15.856 -0.808  1.00 33.74  ? 38  A   B "O3'" 1 
ATOM   758  C "C2'" . A   B 1 17 ? 14.536  -16.026 -0.197  1.00 38.49  ? 38  A   B "C2'" 1 
ATOM   759  O "O2'" . A   B 1 17 ? 14.507  -17.132 -1.079  1.00 31.47  ? 38  A   B "O2'" 1 
ATOM   760  C "C1'" . A   B 1 17 ? 15.730  -15.150 -0.592  1.00 35.70  ? 38  A   B "C1'" 1 
ATOM   761  N N9    . A   B 1 17 ? 16.383  -14.398 0.483   1.00 30.55  ? 38  A   B N9    1 
ATOM   762  C C8    . A   B 1 17 ? 16.064  -13.136 0.898   1.00 30.45  ? 38  A   B C8    1 
ATOM   763  N N7    . A   B 1 17 ? 16.841  -12.677 1.845   1.00 33.71  ? 38  A   B N7    1 
ATOM   764  C C5    . A   B 1 17 ? 17.730  -13.712 2.081   1.00 27.80  ? 38  A   B C5    1 
ATOM   765  C C6    . A   B 1 17 ? 18.813  -13.845 2.979   1.00 30.10  ? 38  A   B C6    1 
ATOM   766  N N6    . A   B 1 17 ? 19.186  -12.890 3.841   1.00 14.10  ? 38  A   B N6    1 
ATOM   767  N N1    . A   B 1 17 ? 19.502  -15.008 2.963   1.00 29.41  ? 38  A   B N1    1 
ATOM   768  C C2    . A   B 1 17 ? 19.122  -15.964 2.100   1.00 39.74  ? 38  A   B C2    1 
ATOM   769  N N3    . A   B 1 17 ? 18.115  -15.955 1.210   1.00 37.77  ? 38  A   B N3    1 
ATOM   770  C C4    . A   B 1 17 ? 17.452  -14.787 1.255   1.00 29.74  ? 38  A   B C4    1 
ATOM   771  P P     . A   B 1 18 ? 10.866  -15.711 0.088   1.00 36.43  ? 39  A   B P     1 
ATOM   772  O OP1   . A   B 1 18 ? 9.725   -16.048 -0.798  1.00 38.97  ? 39  A   B OP1   1 
ATOM   773  O OP2   . A   B 1 18 ? 10.861  -14.421 0.808   1.00 31.06  ? 39  A   B OP2   1 
ATOM   774  O "O5'" . A   B 1 18 ? 11.056  -16.866 1.170   1.00 41.09  ? 39  A   B "O5'" 1 
ATOM   775  C "C5'" . A   B 1 18 ? 11.193  -18.236 0.779   1.00 36.61  ? 39  A   B "C5'" 1 
ATOM   776  C "C4'" . A   B 1 18 ? 11.833  -19.031 1.893   1.00 38.39  ? 39  A   B "C4'" 1 
ATOM   777  O "O4'" . A   B 1 18 ? 13.186  -18.563 2.071   1.00 39.64  ? 39  A   B "O4'" 1 
ATOM   778  C "C3'" . A   B 1 18 ? 11.181  -18.884 3.255   1.00 41.17  ? 39  A   B "C3'" 1 
ATOM   779  O "O3'" . A   B 1 18 ? 10.163  -19.880 3.374   1.00 51.31  ? 39  A   B "O3'" 1 
ATOM   780  C "C2'" . A   B 1 18 ? 12.351  -19.160 4.201   1.00 37.86  ? 39  A   B "C2'" 1 
ATOM   781  O "O2'" . A   B 1 18 ? 12.672  -20.530 4.320   1.00 40.48  ? 39  A   B "O2'" 1 
ATOM   782  C "C1'" . A   B 1 18 ? 13.516  -18.545 3.438   1.00 37.59  ? 39  A   B "C1'" 1 
ATOM   783  N N9    . A   B 1 18 ? 13.875  -17.176 3.787   1.00 36.53  ? 39  A   B N9    1 
ATOM   784  C C8    . A   B 1 18 ? 13.113  -16.041 3.705   1.00 33.15  ? 39  A   B C8    1 
ATOM   785  N N7    . A   B 1 18 ? 13.754  -14.949 4.044   1.00 31.80  ? 39  A   B N7    1 
ATOM   786  C C5    . A   B 1 18 ? 15.024  -15.399 4.383   1.00 35.37  ? 39  A   B C5    1 
ATOM   787  C C6    . A   B 1 18 ? 16.188  -14.732 4.809   1.00 31.31  ? 39  A   B C6    1 
ATOM   788  N N6    . A   B 1 18 ? 16.258  -13.415 4.982   1.00 27.60  ? 39  A   B N6    1 
ATOM   789  N N1    . A   B 1 18 ? 17.293  -15.479 5.050   1.00 31.62  ? 39  A   B N1    1 
ATOM   790  C C2    . A   B 1 18 ? 17.220  -16.801 4.884   1.00 31.10  ? 39  A   B C2    1 
ATOM   791  N N3    . A   B 1 18 ? 16.184  -17.544 4.491   1.00 38.07  ? 39  A   B N3    1 
ATOM   792  C C4    . A   B 1 18 ? 15.107  -16.771 4.245   1.00 37.78  ? 39  A   B C4    1 
ATOM   793  P P     . G   B 1 19 ? 8.628   -19.526 3.031   1.00 56.14  ? 40  G   B P     1 
ATOM   794  O OP1   . G   B 1 19 ? 7.916   -20.826 2.939   1.00 61.46  ? 40  G   B OP1   1 
ATOM   795  O OP2   . G   B 1 19 ? 8.578   -18.597 1.885   1.00 59.17  ? 40  G   B OP2   1 
ATOM   796  O "O5'" . G   B 1 19 ? 8.086   -18.746 4.315   1.00 45.92  ? 40  G   B "O5'" 1 
ATOM   797  C "C5'" . G   B 1 19 ? 8.337   -19.240 5.624   1.00 31.10  ? 40  G   B "C5'" 1 
ATOM   798  C "C4'" . G   B 1 19 ? 7.301   -18.726 6.583   1.00 31.77  ? 40  G   B "C4'" 1 
ATOM   799  O "O4'" . G   B 1 19 ? 7.208   -17.285 6.433   1.00 35.15  ? 40  G   B "O4'" 1 
ATOM   800  C "C3'" . G   B 1 19 ? 5.885   -19.237 6.376   1.00 33.86  ? 40  G   B "C3'" 1 
ATOM   801  O "O3'" . G   B 1 19 ? 5.710   -20.451 7.102   1.00 34.81  ? 40  G   B "O3'" 1 
ATOM   802  C "C2'" . G   B 1 19 ? 5.062   -18.113 6.983   1.00 36.67  ? 40  G   B "C2'" 1 
ATOM   803  O "O2'" . G   B 1 19 ? 5.027   -18.204 8.391   1.00 36.37  ? 40  G   B "O2'" 1 
ATOM   804  C "C1'" . G   B 1 19 ? 5.854   -16.879 6.532   1.00 31.43  ? 40  G   B "C1'" 1 
ATOM   805  N N9    . G   B 1 19 ? 5.452   -16.428 5.206   1.00 29.61  ? 40  G   B N9    1 
ATOM   806  C C8    . G   B 1 19 ? 6.228   -16.460 4.071   1.00 33.96  ? 40  G   B C8    1 
ATOM   807  N N7    . G   B 1 19 ? 5.588   -16.077 3.003   1.00 27.53  ? 40  G   B N7    1 
ATOM   808  C C5    . G   B 1 19 ? 4.315   -15.764 3.461   1.00 23.16  ? 40  G   B C5    1 
ATOM   809  C C6    . G   B 1 19 ? 3.177   -15.319 2.752   1.00 23.53  ? 40  G   B C6    1 
ATOM   810  O O6    . G   B 1 19 ? 3.047   -15.165 1.536   1.00 22.56  ? 40  G   B O6    1 
ATOM   811  N N1    . G   B 1 19 ? 2.110   -15.068 3.603   1.00 25.42  ? 40  G   B N1    1 
ATOM   812  C C2    . G   B 1 19 ? 2.128   -15.253 4.965   1.00 27.97  ? 40  G   B C2    1 
ATOM   813  N N2    . G   B 1 19 ? 0.999   -14.938 5.615   1.00 19.70  ? 40  G   B N2    1 
ATOM   814  N N3    . G   B 1 19 ? 3.176   -15.709 5.636   1.00 24.54  ? 40  G   B N3    1 
ATOM   815  C C4    . G   B 1 19 ? 4.227   -15.939 4.825   1.00 23.10  ? 40  G   B C4    1 
ATOM   816  P P     . U   B 1 20 ? 4.536   -21.486 6.706   1.00 35.29  ? 41  U   B P     1 
ATOM   817  O OP1   . U   B 1 20 ? 4.607   -22.540 7.751   1.00 48.04  ? 41  U   B OP1   1 
ATOM   818  O OP2   . U   B 1 20 ? 4.609   -21.889 5.288   1.00 34.50  ? 41  U   B OP2   1 
ATOM   819  O "O5'" . U   B 1 20 ? 3.194   -20.655 6.911   1.00 21.01  ? 41  U   B "O5'" 1 
ATOM   820  C "C5'" . U   B 1 20 ? 2.634   -20.498 8.202   1.00 18.17  ? 41  U   B "C5'" 1 
ATOM   821  C "C4'" . U   B 1 20 ? 1.268   -19.885 8.093   1.00 29.17  ? 41  U   B "C4'" 1 
ATOM   822  O "O4'" . U   B 1 20 ? 1.394   -18.658 7.328   1.00 24.26  ? 41  U   B "O4'" 1 
ATOM   823  C "C3'" . U   B 1 20 ? 0.213   -20.697 7.345   1.00 29.74  ? 41  U   B "C3'" 1 
ATOM   824  O "O3'" . U   B 1 20 ? -0.513  -21.525 8.247   1.00 34.38  ? 41  U   B "O3'" 1 
ATOM   825  C "C2'" . U   B 1 20 ? -0.739  -19.613 6.875   1.00 29.02  ? 41  U   B "C2'" 1 
ATOM   826  O "O2'" . U   B 1 20 ? -1.619  -19.258 7.916   1.00 18.44  ? 41  U   B "O2'" 1 
ATOM   827  C "C1'" . U   B 1 20 ? 0.228   -18.466 6.554   1.00 28.18  ? 41  U   B "C1'" 1 
ATOM   828  N N1    . U   B 1 20 ? 0.623   -18.421 5.139   1.00 20.46  ? 41  U   B N1    1 
ATOM   829  C C2    . U   B 1 20 ? -0.319  -17.989 4.227   1.00 20.21  ? 41  U   B C2    1 
ATOM   830  O O2    . U   B 1 20 ? -1.452  -17.664 4.551   1.00 13.93  ? 41  U   B O2    1 
ATOM   831  N N3    . U   B 1 20 ? 0.113   -17.948 2.923   1.00 19.99  ? 41  U   B N3    1 
ATOM   832  C C4    . U   B 1 20 ? 1.356   -18.291 2.452   1.00 18.31  ? 41  U   B C4    1 
ATOM   833  O O4    . U   B 1 20 ? 1.602   -18.176 1.252   1.00 18.32  ? 41  U   B O4    1 
ATOM   834  C C5    . U   B 1 20 ? 2.268   -18.740 3.456   1.00 19.05  ? 41  U   B C5    1 
ATOM   835  C C6    . U   B 1 20 ? 1.878   -18.787 4.734   1.00 16.14  ? 41  U   B C6    1 
ATOM   836  P P     . C   B 1 21 ? -0.970  -23.008 7.805   1.00 39.10  ? 42  C   B P     1 
ATOM   837  O OP1   . C   B 1 21 ? -1.363  -23.688 9.065   1.00 42.65  ? 42  C   B OP1   1 
ATOM   838  O OP2   . C   B 1 21 ? 0.070   -23.621 6.932   1.00 25.28  ? 42  C   B OP2   1 
ATOM   839  O "O5'" . C   B 1 21 ? -2.311  -22.771 6.982   1.00 27.69  ? 42  C   B "O5'" 1 
ATOM   840  C "C5'" . C   B 1 21 ? -3.490  -22.368 7.649   1.00 27.70  ? 42  C   B "C5'" 1 
ATOM   841  C "C4'" . C   B 1 21 ? -4.527  -21.895 6.657   1.00 38.09  ? 42  C   B "C4'" 1 
ATOM   842  O "O4'" . C   B 1 21 ? -4.035  -20.746 5.910   1.00 35.57  ? 42  C   B "O4'" 1 
ATOM   843  C "C3'" . C   B 1 21 ? -4.920  -22.870 5.565   1.00 39.79  ? 42  C   B "C3'" 1 
ATOM   844  O "O3'" . C   B 1 21 ? -5.810  -23.852 6.072   1.00 41.27  ? 42  C   B "O3'" 1 
ATOM   845  C "C2'" . C   B 1 21 ? -5.572  -21.932 4.553   1.00 38.67  ? 42  C   B "C2'" 1 
ATOM   846  O "O2'" . C   B 1 21 ? -6.855  -21.488 4.935   1.00 31.78  ? 42  C   B "O2'" 1 
ATOM   847  C "C1'" . C   B 1 21 ? -4.623  -20.736 4.615   1.00 36.76  ? 42  C   B "C1'" 1 
ATOM   848  N N1    . C   B 1 21 ? -3.551  -20.849 3.618   1.00 32.94  ? 42  C   B N1    1 
ATOM   849  C C2    . C   B 1 21 ? -3.859  -20.619 2.268   1.00 29.26  ? 42  C   B C2    1 
ATOM   850  O O2    . C   B 1 21 ? -5.022  -20.296 1.970   1.00 33.90  ? 42  C   B O2    1 
ATOM   851  N N3    . C   B 1 21 ? -2.885  -20.753 1.332   1.00 19.94  ? 42  C   B N3    1 
ATOM   852  C C4    . C   B 1 21 ? -1.640  -21.094 1.711   1.00 24.96  ? 42  C   B C4    1 
ATOM   853  N N4    . C   B 1 21 ? -0.689  -21.207 0.765   1.00 16.62  ? 42  C   B N4    1 
ATOM   854  C C5    . C   B 1 21 ? -1.305  -21.328 3.081   1.00 23.53  ? 42  C   B C5    1 
ATOM   855  C C6    . C   B 1 21 ? -2.281  -21.188 3.992   1.00 28.56  ? 42  C   B C6    1 
ATOM   856  P P     . G   B 1 22 ? -5.674  -25.380 5.586   1.00 44.86  ? 43  G   B P     1 
ATOM   857  O OP1   . G   B 1 22 ? -6.495  -26.166 6.533   1.00 41.08  ? 43  G   B OP1   1 
ATOM   858  O OP2   . G   B 1 22 ? -4.251  -25.745 5.382   1.00 31.81  ? 43  G   B OP2   1 
ATOM   859  O "O5'" . G   B 1 22 ? -6.388  -25.375 4.158   1.00 44.26  ? 43  G   B "O5'" 1 
ATOM   860  C "C5'" . G   B 1 22 ? -7.720  -24.889 4.016   1.00 38.31  ? 43  G   B "C5'" 1 
ATOM   861  C "C4'" . G   B 1 22 ? -7.998  -24.482 2.586   1.00 39.89  ? 43  G   B "C4'" 1 
ATOM   862  O "O4'" . G   B 1 22 ? -7.112  -23.405 2.196   1.00 41.78  ? 43  G   B "O4'" 1 
ATOM   863  C "C3'" . G   B 1 22 ? -7.780  -25.520 1.498   1.00 40.60  ? 43  G   B "C3'" 1 
ATOM   864  O "O3'" . G   B 1 22 ? -8.889  -26.410 1.432   1.00 50.90  ? 43  G   B "O3'" 1 
ATOM   865  C "C2'" . G   B 1 22 ? -7.694  -24.644 0.249   1.00 34.62  ? 43  G   B "C2'" 1 
ATOM   866  O "O2'" . G   B 1 22 ? -8.941  -24.231 -0.269  1.00 33.57  ? 43  G   B "O2'" 1 
ATOM   867  C "C1'" . G   B 1 22 ? -6.955  -23.422 0.789   1.00 35.27  ? 43  G   B "C1'" 1 
ATOM   868  N N9    . G   B 1 22 ? -5.544  -23.538 0.469   1.00 32.76  ? 43  G   B N9    1 
ATOM   869  C C8    . G   B 1 22 ? -4.491  -23.857 1.298   1.00 23.68  ? 43  G   B C8    1 
ATOM   870  N N7    . G   B 1 22 ? -3.352  -23.951 0.663   1.00 16.00  ? 43  G   B N7    1 
ATOM   871  C C5    . G   B 1 22 ? -3.677  -23.649 -0.655  1.00 26.31  ? 43  G   B C5    1 
ATOM   872  C C6    . G   B 1 22 ? -2.865  -23.589 -1.815  1.00 26.16  ? 43  G   B C6    1 
ATOM   873  O O6    . G   B 1 22 ? -1.647  -23.767 -1.915  1.00 30.51  ? 43  G   B O6    1 
ATOM   874  N N1    . G   B 1 22 ? -3.613  -23.272 -2.944  1.00 31.38  ? 43  G   B N1    1 
ATOM   875  C C2    . G   B 1 22 ? -4.965  -23.024 -2.958  1.00 33.91  ? 43  G   B C2    1 
ATOM   876  N N2    . G   B 1 22 ? -5.505  -22.739 -4.160  1.00 36.25  ? 43  G   B N2    1 
ATOM   877  N N3    . G   B 1 22 ? -5.728  -23.056 -1.884  1.00 27.61  ? 43  G   B N3    1 
ATOM   878  C C4    . G   B 1 22 ? -5.024  -23.381 -0.780  1.00 30.94  ? 43  G   B C4    1 
ATOM   879  P P     . C   B 1 23 ? -8.663  -27.953 1.020   1.00 55.68  ? 44  C   B P     1 
ATOM   880  O OP1   . C   B 1 23 ? -9.951  -28.636 1.326   1.00 46.30  ? 44  C   B OP1   1 
ATOM   881  O OP2   . C   B 1 23 ? -7.400  -28.449 1.625   1.00 40.86  ? 44  C   B OP2   1 
ATOM   882  O "O5'" . C   B 1 23 ? -8.483  -27.916 -0.565  1.00 46.77  ? 44  C   B "O5'" 1 
ATOM   883  C "C5'" . C   B 1 23 ? -9.520  -27.393 -1.384  1.00 46.60  ? 44  C   B "C5'" 1 
ATOM   884  C "C4'" . C   B 1 23 ? -9.036  -27.178 -2.796  1.00 47.23  ? 44  C   B "C4'" 1 
ATOM   885  O "O4'" . C   B 1 23 ? -8.058  -26.105 -2.852  1.00 51.30  ? 44  C   B "O4'" 1 
ATOM   886  C "C3'" . C   B 1 23 ? -8.320  -28.333 -3.467  1.00 48.26  ? 44  C   B "C3'" 1 
ATOM   887  O "O3'" . C   B 1 23 ? -9.123  -29.449 -3.851  1.00 54.60  ? 44  C   B "O3'" 1 
ATOM   888  C "C2'" . C   B 1 23 ? -7.667  -27.617 -4.634  1.00 49.99  ? 44  C   B "C2'" 1 
ATOM   889  O "O2'" . C   B 1 23 ? -8.603  -27.306 -5.643  1.00 49.96  ? 44  C   B "O2'" 1 
ATOM   890  C "C1'" . C   B 1 23 ? -7.190  -26.329 -3.952  1.00 47.46  ? 44  C   B "C1'" 1 
ATOM   891  N N1    . C   B 1 23 ? -5.824  -26.500 -3.445  1.00 41.27  ? 44  C   B N1    1 
ATOM   892  C C2    . C   B 1 23 ? -4.779  -26.463 -4.355  1.00 41.56  ? 44  C   B C2    1 
ATOM   893  O O2    . C   B 1 23 ? -5.042  -26.238 -5.548  1.00 37.77  ? 44  C   B O2    1 
ATOM   894  N N3    . C   B 1 23 ? -3.514  -26.670 -3.922  1.00 40.21  ? 44  C   B N3    1 
ATOM   895  C C4    . C   B 1 23 ? -3.279  -26.886 -2.627  1.00 38.77  ? 44  C   B C4    1 
ATOM   896  N N4    . C   B 1 23 ? -2.018  -27.065 -2.242  1.00 26.65  ? 44  C   B N4    1 
ATOM   897  C C5    . C   B 1 23 ? -4.330  -26.919 -1.670  1.00 43.70  ? 44  C   B C5    1 
ATOM   898  C C6    . C   B 1 23 ? -5.578  -26.718 -2.118  1.00 45.23  ? 44  C   B C6    1 
HETATM 899  C C1    . AKN C 2 .  ? -5.896  14.000  0.218   1.00 54.53  ? 101 AKN A C1    1 
HETATM 900  C C3    . AKN C 2 .  ? -6.438  13.514  -1.179  1.00 45.70  ? 101 AKN A C3    1 
HETATM 901  C C4    . AKN C 2 .  ? -7.989  13.619  -1.259  1.00 48.91  ? 101 AKN A C4    1 
HETATM 902  C C5    . AKN C 2 .  ? -8.584  12.722  -0.127  1.00 51.56  ? 101 AKN A C5    1 
HETATM 903  C C7    . AKN C 2 .  ? -8.057  13.262  1.274   1.00 51.72  ? 101 AKN A C7    1 
HETATM 904  C C9    . AKN C 2 .  ? -8.568  12.437  2.447   1.00 51.07  ? 101 AKN A C9    1 
HETATM 905  O O6    . AKN C 2 .  ? -10.025 12.774  -0.188  1.00 58.06  ? 101 AKN A O6    1 
HETATM 906  O O2    . AKN C 2 .  ? -6.140  15.404  0.393   1.00 59.68  ? 101 AKN A O2    1 
HETATM 907  O O8    . AKN C 2 .  ? -6.552  13.204  1.304   1.00 52.67  ? 101 AKN A O8    1 
HETATM 908  N N10   . AKN C 2 .  ? -9.237  13.297  3.473   1.00 60.30  ? 101 AKN A N10   1 
HETATM 909  C C11   . AKN C 2 .  ? -4.293  18.883  2.347   1.00 62.98  ? 101 AKN A C11   1 
HETATM 910  N N12   . AKN C 2 .  ? -3.533  19.662  3.297   1.00 66.06  ? 101 AKN A N12   1 
HETATM 911  C C13   . AKN C 2 .  ? -5.471  18.138  3.096   1.00 56.78  ? 101 AKN A C13   1 
HETATM 912  C C14   . AKN C 2 .  ? -6.317  17.270  2.061   1.00 51.27  ? 101 AKN A C14   1 
HETATM 913  N N15   . AKN C 2 .  ? -7.433  16.584  2.764   1.00 29.77  ? 101 AKN A N15   1 
HETATM 914  C C16   . AKN C 2 .  ? -5.350  16.216  1.346   1.00 56.13  ? 101 AKN A C16   1 
HETATM 915  C C17   . AKN C 2 .  ? -4.187  17.010  0.612   1.00 63.58  ? 101 AKN A C17   1 
HETATM 916  O O18   . AKN C 2 .  ? -3.318  16.077  -0.035  1.00 69.02  ? 101 AKN A O18   1 
HETATM 917  C C19   . AKN C 2 .  ? -3.360  17.869  1.648   1.00 62.62  ? 101 AKN A C19   1 
HETATM 918  O O20   . AKN C 2 .  ? -2.316  18.603  0.960   1.00 61.27  ? 101 AKN A O20   1 
HETATM 919  C C21   . AKN C 2 .  ? -1.001  18.717  1.387   1.00 58.82  ? 101 AKN A C21   1 
HETATM 920  C C22   . AKN C 2 .  ? -0.329  19.858  0.543   1.00 55.16  ? 101 AKN A C22   1 
HETATM 921  O O23   . AKN C 2 .  ? -1.040  21.043  0.705   1.00 64.20  ? 101 AKN A O23   1 
HETATM 922  C C24   . AKN C 2 .  ? -0.209  19.465  -0.990  1.00 55.65  ? 101 AKN A C24   1 
HETATM 923  N N25   . AKN C 2 .  ? 0.445   20.559  -1.772  1.00 56.24  ? 101 AKN A N25   1 
HETATM 924  C C26   . AKN C 2 .  ? 0.616   18.110  -1.106  1.00 58.13  ? 101 AKN A C26   1 
HETATM 925  O O27   . AKN C 2 .  ? 0.764   17.719  -2.476  1.00 59.92  ? 101 AKN A O27   1 
HETATM 926  C C28   . AKN C 2 .  ? -0.134  17.005  -0.265  1.00 52.07  ? 101 AKN A C28   1 
HETATM 927  O O29   . AKN C 2 .  ? -0.277  17.436  1.188   1.00 54.43  ? 101 AKN A O29   1 
HETATM 928  C C30   . AKN C 2 .  ? 0.605   15.689  -0.311  1.00 50.62  ? 101 AKN A C30   1 
HETATM 929  O O31   . AKN C 2 .  ? 0.102   14.736  0.643   1.00 54.73  ? 101 AKN A O31   1 
HETATM 930  O O32   . AKN C 2 .  ? -5.812  14.322  -2.218  1.00 50.68  ? 101 AKN A O32   1 
HETATM 931  O O33   . AKN C 2 .  ? -8.406  13.172  -2.489  1.00 54.47  ? 101 AKN A O33   1 
HETATM 932  N N37   . AKN C 2 .  ? -1.519  25.264  4.412   1.00 76.08  ? 101 AKN A N37   1 
HETATM 933  C C35   . AKN C 2 .  ? -3.728  21.092  3.346   1.00 66.54  ? 101 AKN A C35   1 
HETATM 934  O O36   . AKN C 2 .  ? -4.188  21.699  2.333   1.00 66.64  ? 101 AKN A O36   1 
HETATM 935  C C37   . AKN C 2 .  ? -3.351  21.836  4.664   1.00 70.61  ? 101 AKN A C37   1 
HETATM 936  C C38   . AKN C 2 .  ? -2.207  22.867  4.415   1.00 75.64  ? 101 AKN A C38   1 
HETATM 937  C C39   . AKN C 2 .  ? -2.636  24.323  4.668   1.00 76.77  ? 101 AKN A C39   1 
HETATM 938  O O40   . AKN C 2 .  ? -2.909  21.050  5.560   1.00 70.25  ? 101 AKN A O40   1 
HETATM 939  C C1    . AKN D 2 .  ? 5.928   -13.237 -0.965  1.00 27.28  ? 101 AKN B C1    1 
HETATM 940  C C3    . AKN D 2 .  ? 6.704   -12.435 -2.084  1.00 19.04  ? 101 AKN B C3    1 
HETATM 941  C C4    . AKN D 2 .  ? 8.240   -12.585 -1.897  1.00 22.03  ? 101 AKN B C4    1 
HETATM 942  C C5    . AKN D 2 .  ? 8.599   -11.995 -0.472  1.00 30.45  ? 101 AKN B C5    1 
HETATM 943  C C7    . AKN D 2 .  ? 7.816   -12.831 0.643   1.00 33.03  ? 101 AKN B C7    1 
HETATM 944  C C9    . AKN D 2 .  ? 8.081   -12.310 2.053   1.00 27.98  ? 101 AKN B C9    1 
HETATM 945  O O6    . AKN D 2 .  ? 10.027  -12.086 -0.249  1.00 31.67  ? 101 AKN B O6    1 
HETATM 946  O O2    . AKN D 2 .  ? 6.264   -14.634 -1.086  1.00 20.46  ? 101 AKN B O2    1 
HETATM 947  O O8    . AKN D 2 .  ? 6.321   -12.727 0.386   1.00 28.96  ? 101 AKN B O8    1 
HETATM 948  N N10   . AKN D 2 .  ? 6.934   -12.589 2.972   1.00 25.37  ? 101 AKN B N10   1 
HETATM 949  C C11   . AKN D 2 .  ? 4.240   -18.466 -0.797  1.00 16.51  ? 101 AKN B C11   1 
HETATM 950  N N12   . AKN D 2 .  ? 3.375   -19.478 -0.292  1.00 20.16  ? 101 AKN B N12   1 
HETATM 951  C C13   . AKN D 2 .  ? 5.276   -18.096 0.311   1.00 18.53  ? 101 AKN B C13   1 
HETATM 952  C C14   . AKN D 2 .  ? 6.242   -16.964 -0.204  1.00 21.92  ? 101 AKN B C14   1 
HETATM 953  N N15   . AKN D 2 .  ? 7.229   -16.625 0.871   1.00 24.33  ? 101 AKN B N15   1 
HETATM 954  C C16   . AKN D 2 .  ? 5.361   -15.692 -0.618  1.00 18.73  ? 101 AKN B C16   1 
HETATM 955  C C17   . AKN D 2 .  ? 4.338   -16.131 -1.742  1.00 18.42  ? 101 AKN B C17   1 
HETATM 956  O O18   . AKN D 2 .  ? 3.540   -15.018 -2.112  1.00 26.04  ? 101 AKN B O18   1 
HETATM 957  C C19   . AKN D 2 .  ? 3.407   -17.248 -1.203  1.00 22.30  ? 101 AKN B C19   1 
HETATM 958  O O20   . AKN D 2 .  ? 2.489   -17.633 -2.230  1.00 18.49  ? 101 AKN B O20   1 
HETATM 959  C C21   . AKN D 2 .  ? 1.124   -17.653 -2.083  1.00 22.14  ? 101 AKN B C21   1 
HETATM 960  C C22   . AKN D 2 .  ? 0.593   -18.706 -3.095  1.00 31.53  ? 101 AKN B C22   1 
HETATM 961  O O23   . AKN D 2 .  ? 1.154   -19.949 -2.812  1.00 35.07  ? 101 AKN B O23   1 
HETATM 962  C C24   . AKN D 2 .  ? 0.888   -18.273 -4.592  1.00 33.34  ? 101 AKN B C24   1 
HETATM 963  N N25   . AKN D 2 .  ? 0.356   -19.293 -5.546  1.00 27.07  ? 101 AKN B N25   1 
HETATM 964  C C26   . AKN D 2 .  ? 0.224   -16.850 -4.846  1.00 38.19  ? 101 AKN B C26   1 
HETATM 965  O O27   . AKN D 2 .  ? 0.458   -16.411 -6.186  1.00 38.46  ? 101 AKN B O27   1 
HETATM 966  C C28   . AKN D 2 .  ? 0.816   -15.829 -3.805  1.00 34.97  ? 101 AKN B C28   1 
HETATM 967  O O29   . AKN D 2 .  ? 0.566   -16.322 -2.384  1.00 37.40  ? 101 AKN B O29   1 
HETATM 968  C C30   . AKN D 2 .  ? 0.196   -14.446 -3.979  1.00 33.00  ? 101 AKN B C30   1 
HETATM 969  O O31   . AKN D 2 .  ? -0.848  -14.133 -3.027  1.00 39.60  ? 101 AKN B O31   1 
HETATM 970  O O32   . AKN D 2 .  ? 6.312   -12.951 -3.380  1.00 21.72  ? 101 AKN B O32   1 
HETATM 971  O O33   . AKN D 2 .  ? 8.874   -11.872 -2.898  1.00 24.99  ? 101 AKN B O33   1 
HETATM 972  N N37   . AKN D 2 .  ? 0.517   -24.614 -1.283  1.00 28.34  ? 101 AKN B N37   1 
HETATM 973  C C35   . AKN D 2 .  ? 3.656   -20.856 -0.587  1.00 30.16  ? 101 AKN B C35   1 
HETATM 974  O O36   . AKN D 2 .  ? 4.514   -21.160 -1.494  1.00 27.34  ? 101 AKN B O36   1 
HETATM 975  C C37   . AKN D 2 .  ? 2.868   -21.923 0.230   1.00 31.61  ? 101 AKN B C37   1 
HETATM 976  C C38   . AKN D 2 .  ? 1.956   -22.695 -0.771  1.00 34.36  ? 101 AKN B C38   1 
HETATM 977  C C39   . AKN D 2 .  ? 1.355   -23.993 -0.237  1.00 34.71  ? 101 AKN B C39   1 
HETATM 978  O O40   . AKN D 2 .  ? 2.064   -21.395 1.091   1.00 20.29  ? 101 AKN B O40   1 
HETATM 979  O O     . HOH E 3 .  ? -7.276  -17.433 3.106   1.00 31.98  ? 201 HOH A O     1 
HETATM 980  O O     . HOH E 3 .  ? -8.584  -14.886 1.697   1.00 24.04  ? 202 HOH A O     1 
HETATM 981  O O     . HOH E 3 .  ? -10.167 15.717  -8.123  1.00 40.09  ? 203 HOH A O     1 
HETATM 982  O O     . HOH E 3 .  ? -13.933 11.331  -2.464  1.00 39.00  ? 204 HOH A O     1 
HETATM 983  O O     . HOH E 3 .  ? 11.999  0.877   -0.132  1.00 39.14  ? 205 HOH A O     1 
HETATM 984  O O     . HOH E 3 .  ? -12.021 17.615  -7.194  1.00 56.51  ? 206 HOH A O     1 
HETATM 985  O O     . HOH E 3 .  ? 6.310   -10.836 8.462   1.00 23.25  ? 207 HOH A O     1 
HETATM 986  O O     . HOH E 3 .  ? -7.307  -6.504  -1.070  1.00 57.94  ? 208 HOH A O     1 
HETATM 987  O O     . HOH E 3 .  ? 4.576   14.132  -10.189 1.00 48.58  ? 209 HOH A O     1 
HETATM 988  O O     . HOH E 3 .  ? -15.408 8.838   -5.380  1.00 27.84  ? 210 HOH A O     1 
HETATM 989  O O     . HOH E 3 .  ? -11.137 22.045  -1.626  1.00 51.49  ? 211 HOH A O     1 
HETATM 990  O O     . HOH E 3 .  ? -4.412  -17.482 3.223   1.00 35.08  ? 212 HOH A O     1 
HETATM 991  O O     . HOH E 3 .  ? 3.229   -12.164 8.412   1.00 26.47  ? 213 HOH A O     1 
HETATM 992  O O     . HOH E 3 .  ? 0.832   2.904   -1.196  1.00 23.02  ? 214 HOH A O     1 
HETATM 993  O O     . HOH E 3 .  ? 8.200   -22.020 -4.942  1.00 37.60  ? 215 HOH A O     1 
HETATM 994  O O     . HOH E 3 .  ? -3.125  -15.118 6.316   1.00 16.80  ? 216 HOH A O     1 
HETATM 995  O O     . HOH E 3 .  ? 1.459   6.180   -2.197  1.00 42.62  ? 217 HOH A O     1 
HETATM 996  O O     . HOH E 3 .  ? -10.138 23.184  3.553   1.00 39.29  ? 218 HOH A O     1 
HETATM 997  O O     . HOH E 3 .  ? 2.099   0.585   -0.141  1.00 46.42  ? 219 HOH A O     1 
HETATM 998  O O     . HOH E 3 .  ? 7.384   9.924   -5.225  1.00 46.80  ? 220 HOH A O     1 
HETATM 999  O O     . HOH E 3 .  ? -0.608  9.665   -2.643  1.00 50.39  ? 221 HOH A O     1 
HETATM 1000 O O     . HOH E 3 .  ? -8.586  22.931  10.946  1.00 40.75  ? 222 HOH A O     1 
HETATM 1001 O O     . HOH E 3 .  ? 1.684   -4.800  3.412   1.00 36.21  ? 223 HOH A O     1 
HETATM 1002 O O     . HOH E 3 .  ? 6.268   4.331   3.080   1.00 32.18  ? 224 HOH A O     1 
HETATM 1003 O O     . HOH E 3 .  ? -1.571  -3.061  5.332   1.00 38.30  ? 225 HOH A O     1 
HETATM 1004 O O     . HOH E 3 .  ? -6.334  -22.082 -8.198  1.00 23.91  ? 226 HOH A O     1 
HETATM 1005 O O     . HOH E 3 .  ? 9.324   3.859   4.435   1.00 56.00  ? 227 HOH A O     1 
HETATM 1006 O O     . HOH E 3 .  ? -12.830 13.387  7.496   1.00 38.28  ? 228 HOH A O     1 
HETATM 1007 O O     . HOH E 3 .  ? -6.113  -16.467 5.610   1.00 40.31  ? 229 HOH A O     1 
HETATM 1008 O O     . HOH E 3 .  ? 7.848   27.366  11.939  1.00 44.17  ? 230 HOH A O     1 
HETATM 1009 O O     . HOH E 3 .  ? 0.319   -3.527  10.027  1.00 65.52  ? 231 HOH A O     1 
HETATM 1010 O O     . HOH E 3 .  ? 1.489   -1.898  2.379   1.00 48.39  ? 232 HOH A O     1 
HETATM 1011 O O     . HOH E 3 .  ? -3.042  14.980  -3.012  1.00 45.44  ? 233 HOH A O     1 
HETATM 1012 O O     . HOH E 3 .  ? 0.344   -0.895  5.898   1.00 67.32  ? 234 HOH A O     1 
HETATM 1013 O O     . HOH E 3 .  ? -0.453  15.586  -5.499  1.00 48.59  ? 235 HOH A O     1 
HETATM 1014 O O     . HOH F 3 .  ? -8.358  -21.203 2.217   1.00 33.62  ? 201 HOH B O     1 
HETATM 1015 O O     . HOH F 3 .  ? 16.022  -14.818 -3.926  1.00 46.29  ? 202 HOH B O     1 
HETATM 1016 O O     . HOH F 3 .  ? 2.684   -25.200 -2.884  1.00 39.75  ? 203 HOH B O     1 
HETATM 1017 O O     . HOH F 3 .  ? -8.203  -22.985 -3.202  1.00 31.39  ? 204 HOH B O     1 
HETATM 1018 O O     . HOH F 3 .  ? 10.550  -7.908  3.269   1.00 25.17  ? 205 HOH B O     1 
HETATM 1019 O O     . HOH F 3 .  ? 21.981  -15.276 4.557   1.00 30.17  ? 206 HOH B O     1 
HETATM 1020 O O     . HOH F 3 .  ? 11.540  -9.943  1.215   1.00 40.18  ? 207 HOH B O     1 
HETATM 1021 O O     . HOH F 3 .  ? -0.744  -27.620 0.523   1.00 28.68  ? 208 HOH B O     1 
HETATM 1022 O O     . HOH F 3 .  ? 3.891   -4.837  -13.678 1.00 38.66  ? 209 HOH B O     1 
HETATM 1023 O O     . HOH F 3 .  ? 21.627  -13.267 5.990   1.00 30.79  ? 210 HOH B O     1 
HETATM 1024 O O     . HOH F 3 .  ? 12.969  -11.953 2.581   1.00 53.73  ? 211 HOH B O     1 
HETATM 1025 O O     . HOH F 3 .  ? -4.989  -30.556 3.010   1.00 33.57  ? 212 HOH B O     1 
HETATM 1026 O O     . HOH F 3 .  ? -2.992  -27.268 1.984   1.00 47.60  ? 213 HOH B O     1 
HETATM 1027 O O     . HOH F 3 .  ? 2.487   -15.039 9.220   1.00 51.44  ? 214 HOH B O     1 
HETATM 1028 O O     . HOH F 3 .  ? -9.084  -23.210 7.956   1.00 47.24  ? 215 HOH B O     1 
HETATM 1029 O O     . HOH F 3 .  ? 4.393   -27.485 7.000   1.00 39.62  ? 216 HOH B O     1 
HETATM 1030 O O     . HOH F 3 .  ? 16.704  -13.918 -9.268  1.00 46.86  ? 217 HOH B O     1 
HETATM 1031 O O     . HOH F 3 .  ? 2.365   16.327  7.653   1.00 18.63  ? 218 HOH B O     1 
HETATM 1032 O O     . HOH F 3 .  ? -10.944 6.271   -2.187  1.00 23.77  ? 219 HOH B O     1 
HETATM 1033 O O     . HOH F 3 .  ? 2.186   -9.397  -2.788  1.00 33.29  ? 220 HOH B O     1 
HETATM 1034 O O     . HOH F 3 .  ? -2.331  -1.483  -2.954  1.00 25.60  ? 221 HOH B O     1 
HETATM 1035 O O     . HOH F 3 .  ? 3.468   -12.981 -4.082  1.00 21.20  ? 222 HOH B O     1 
HETATM 1036 O O     . HOH F 3 .  ? 8.412   -15.616 -8.660  1.00 60.39  ? 223 HOH B O     1 
HETATM 1037 O O     . HOH F 3 .  ? -0.728  5.076   0.562   1.00 27.79  ? 224 HOH B O     1 
HETATM 1038 O O     . HOH F 3 .  ? 12.000  -12.387 -8.541  1.00 35.53  ? 225 HOH B O     1 
HETATM 1039 O O     . HOH F 3 .  ? 1.167   4.025   2.787   1.00 29.71  ? 226 HOH B O     1 
HETATM 1040 O O     . HOH F 3 .  ? -0.979  -7.291  -2.630  1.00 49.75  ? 227 HOH B O     1 
HETATM 1041 O O     . HOH F 3 .  ? -8.630  10.179  6.127   1.00 73.00  ? 228 HOH B O     1 
HETATM 1042 O O     . HOH F 3 .  ? 0.794   1.888   4.174   1.00 33.39  ? 229 HOH B O     1 
HETATM 1043 O O     . HOH F 3 .  ? -0.560  -14.622 8.223   1.00 23.95  ? 230 HOH B O     1 
HETATM 1044 O O     . HOH F 3 .  ? 6.064   12.038  -3.290  1.00 36.68  ? 231 HOH B O     1 
HETATM 1045 O O     . HOH F 3 .  ? 6.348   7.294   2.425   1.00 26.75  ? 232 HOH B O     1 
HETATM 1046 O O     . HOH F 3 .  ? -2.652  -3.094  -13.722 1.00 43.92  ? 233 HOH B O     1 
HETATM 1047 O O     . HOH F 3 .  ? 2.442   11.108  11.503  1.00 30.19  ? 234 HOH B O     1 
HETATM 1048 O O     . HOH F 3 .  ? -3.822  -0.486  -0.891  1.00 29.86  ? 235 HOH B O     1 
HETATM 1049 O O     . HOH F 3 .  ? 8.873   22.864  -4.297  1.00 43.99  ? 236 HOH B O     1 
HETATM 1050 O O     . HOH F 3 .  ? -3.547  -9.614  -12.355 1.00 46.63  ? 237 HOH B O     1 
HETATM 1051 O O     . HOH F 3 .  ? -1.307  -3.655  -2.652  1.00 53.00  ? 238 HOH B O     1 
HETATM 1052 O O     . HOH F 3 .  ? 3.763   -10.525 -13.127 1.00 54.93  ? 239 HOH B O     1 
HETATM 1053 O O     . HOH F 3 .  ? -11.341 7.053   4.438   1.00 50.19  ? 240 HOH B O     1 
# 
